data_7PHV
#
_entry.id   7PHV
#
_cell.length_a   74.097
_cell.length_b   87.000
_cell.length_c   342.774
_cell.angle_alpha   90.000
_cell.angle_beta   90.000
_cell.angle_gamma   90.000
#
_symmetry.space_group_name_H-M   'P 21 21 21'
#
loop_
_entity.id
_entity.type
_entity.pdbx_description
1 polymer 'Cysteine-rich protective antigen'
2 polymer 'Monoclonal antibody Cy.007 heavy chain'
3 polymer 'Monoclonal antibody Cy.007 light chain'
4 non-polymer 'AMMONIUM ION'
#
loop_
_entity_poly.entity_id
_entity_poly.type
_entity_poly.pdbx_seq_one_letter_code
_entity_poly.pdbx_strand_id
1 'polypeptide(L)'
;DSRHVFIRTELSFIKNNVPCIRDMFFIYKRELYNICLDDLKGEEDETHIYVQKKVKDSWITLNDLFKETDLTGRPHIFAY
VDVEEIIILLCEDEEFSNRKKDMTCHRFYSNDGKEYNNAEITISDYILKDKLLSSYVSLPLKIENREYFLICGVSPYKFK
DDNKKDDILCMASHDKGETWGTKIVIKYDNYKLGVQYFFLRPYISKNDLSFHFYVGDNINNVKNVNFIECTHEKDLEFVC
SNRDFLKDNKVLQDVSTLNDEYIVSYGNDNNFAECYIFFNNENSILIKPEKYGNTAAGCYGGTFVKIDENRALFIYSSSQ
GIYNIHTIYYANYEGGGGSEPEA
;
A,D
2 'polypeptide(L)'
;PIRAVTLDESGGGLQTPGGTLSLVCKGSGFTFSSYEMQWVRQAPGKGLEWVADICIGGSYTGYGPAVKGRATISRDDGQS
TVRLQLNNLRAEDTGTYYCAKTARSDYCITGLDDIDAWGHGTEVIVSSASTKGPSVFPLAPSSKSTSGGTAALGCLVKDY
FPEPVTVSWNSGALTSGVHTFPAVLQSSGLYSLSSVVTVPSSSLGTQTYICNVNHKPSNTKVDKKVEPKSCDK
;
B,E
3 'polypeptide(L)'
;ALTQPSSVSANPGETVKITCSGGSSDYGWYQQKSPGSAPVTVIYENNKRPSDIPSRFSGSKFGSTHTLTITGVQADDEAV
YFCGSRDTNNGAFGAGTTLTVLRTVAAPSVFIFPPSDEQLKSGTASVVCLLNNFYPREAKVQWKVDNALQSGNSQESVTE
QDSKDSTYSLSSTLTLSKADYEKHKVYACEVTHQGLSSPVTKSFNRGEC
;
C,F
#
# COMPACT_ATOMS: atom_id res chain seq x y z
N HIS A 4 -46.99 38.23 31.35
CA HIS A 4 -48.12 38.37 30.42
C HIS A 4 -48.06 37.31 29.32
N VAL A 5 -47.56 37.53 28.09
CA VAL A 5 -47.60 36.43 27.08
C VAL A 5 -46.25 36.19 26.36
N PHE A 6 -46.12 35.06 25.71
CA PHE A 6 -44.90 34.73 24.98
C PHE A 6 -45.28 33.91 23.76
N ILE A 7 -44.97 34.43 22.58
CA ILE A 7 -45.24 33.68 21.34
C ILE A 7 -43.96 33.71 20.50
N ARG A 8 -43.49 32.54 20.10
CA ARG A 8 -42.27 32.44 19.25
C ARG A 8 -42.55 31.35 18.21
N THR A 9 -42.33 31.66 16.94
CA THR A 9 -42.67 30.69 15.87
C THR A 9 -41.51 30.58 14.87
N GLU A 10 -40.91 29.39 14.76
CA GLU A 10 -39.86 29.17 13.74
C GLU A 10 -40.35 27.99 12.87
N LEU A 11 -39.92 27.93 11.61
CA LEU A 11 -40.45 26.87 10.71
C LEU A 11 -39.29 26.18 9.96
N SER A 12 -39.46 24.88 9.72
CA SER A 12 -38.46 24.10 8.96
C SER A 12 -39.19 23.32 7.87
N PHE A 13 -38.46 22.63 7.01
CA PHE A 13 -39.09 21.79 5.98
C PHE A 13 -38.59 20.37 6.06
N ILE A 14 -39.38 19.41 5.57
CA ILE A 14 -38.96 18.02 5.58
C ILE A 14 -39.25 17.39 4.22
N LYS A 15 -38.22 16.86 3.56
CA LYS A 15 -38.42 16.20 2.27
C LYS A 15 -38.84 14.73 2.55
N ASN A 16 -39.68 14.17 1.69
CA ASN A 16 -40.14 12.80 1.84
C ASN A 16 -40.17 12.14 0.49
N ASN A 17 -39.35 11.12 0.32
CA ASN A 17 -39.29 10.38 -0.93
C ASN A 17 -40.35 9.28 -1.04
N VAL A 18 -41.30 9.20 -0.10
CA VAL A 18 -42.41 8.25 -0.14
C VAL A 18 -43.72 9.01 -0.31
N PRO A 19 -44.40 8.85 -1.46
CA PRO A 19 -45.67 9.58 -1.66
C PRO A 19 -46.84 9.04 -0.84
N CYS A 20 -47.02 9.54 0.38
CA CYS A 20 -48.08 9.04 1.26
C CYS A 20 -49.46 9.45 0.82
N ILE A 21 -50.39 8.49 0.83
CA ILE A 21 -51.80 8.73 0.57
C ILE A 21 -52.37 9.51 1.77
N ARG A 22 -51.93 9.14 2.98
CA ARG A 22 -52.39 9.75 4.21
C ARG A 22 -51.20 9.76 5.17
N ASP A 23 -51.02 10.85 5.93
CA ASP A 23 -49.98 10.99 6.96
C ASP A 23 -50.61 10.94 8.34
N MET A 24 -49.89 10.45 9.32
CA MET A 24 -50.40 10.36 10.68
C MET A 24 -49.23 10.67 11.58
N PHE A 25 -49.05 11.93 11.97
CA PHE A 25 -47.89 12.31 12.78
C PHE A 25 -48.05 11.95 14.23
N PHE A 26 -46.93 11.72 14.91
CA PHE A 26 -46.93 11.47 16.33
C PHE A 26 -45.60 11.89 16.97
N ILE A 27 -45.61 12.18 18.28
CA ILE A 27 -44.40 12.55 18.98
C ILE A 27 -44.18 11.47 19.99
N TYR A 28 -43.06 10.75 19.90
CA TYR A 28 -42.73 9.76 20.89
C TYR A 28 -41.35 10.10 21.41
N LYS A 29 -41.20 10.18 22.76
CA LYS A 29 -39.95 10.53 23.45
C LYS A 29 -39.38 11.81 22.88
N ARG A 30 -40.24 12.83 22.84
CA ARG A 30 -40.00 14.16 22.36
C ARG A 30 -39.53 14.22 20.89
N GLU A 31 -39.81 13.19 20.07
CA GLU A 31 -39.38 13.22 18.67
C GLU A 31 -40.52 12.97 17.71
N LEU A 32 -40.47 13.55 16.50
CA LEU A 32 -41.56 13.43 15.50
C LEU A 32 -41.41 12.23 14.57
N TYR A 33 -42.47 11.43 14.47
CA TYR A 33 -42.58 10.25 13.60
C TYR A 33 -43.82 10.39 12.76
N ASN A 34 -43.90 9.67 11.65
CA ASN A 34 -45.06 9.66 10.76
C ASN A 34 -45.51 8.22 10.50
N ILE A 35 -46.81 7.97 10.25
CA ILE A 35 -47.25 6.63 9.85
C ILE A 35 -47.74 6.75 8.39
N CYS A 36 -46.79 6.69 7.46
CA CYS A 36 -47.00 6.86 6.03
C CYS A 36 -47.73 5.69 5.41
N LEU A 37 -48.81 5.96 4.67
CA LEU A 37 -49.52 4.92 3.95
C LEU A 37 -49.13 5.05 2.47
N ASP A 38 -48.39 4.07 1.94
CA ASP A 38 -47.96 4.10 0.53
C ASP A 38 -48.78 3.09 -0.26
N ASP A 39 -49.77 3.56 -1.03
CA ASP A 39 -50.64 2.66 -1.80
C ASP A 39 -51.04 3.33 -3.12
N LEU A 40 -50.26 3.13 -4.19
CA LEU A 40 -50.58 3.77 -5.48
C LEU A 40 -51.44 2.89 -6.43
N GLU A 44 -49.13 -5.83 -8.73
CA GLU A 44 -47.80 -5.46 -8.24
C GLU A 44 -47.81 -4.25 -7.28
N ASP A 45 -49.01 -3.74 -6.92
CA ASP A 45 -49.16 -2.60 -6.00
C ASP A 45 -48.72 -3.05 -4.59
N GLU A 46 -47.38 -3.03 -4.28
CA GLU A 46 -46.98 -3.40 -2.92
C GLU A 46 -47.44 -2.21 -1.99
N THR A 47 -48.47 -2.50 -1.16
CA THR A 47 -49.00 -1.51 -0.23
C THR A 47 -48.13 -1.49 1.04
N HIS A 48 -47.90 -0.29 1.61
CA HIS A 48 -47.07 -0.17 2.78
C HIS A 48 -47.66 0.72 3.84
N ILE A 49 -47.38 0.42 5.09
CA ILE A 49 -47.76 1.23 6.21
C ILE A 49 -46.47 1.46 6.92
N TYR A 50 -45.65 2.34 6.35
CA TYR A 50 -44.31 2.71 6.83
C TYR A 50 -44.35 3.55 8.10
N VAL A 51 -43.40 3.35 9.00
CA VAL A 51 -43.26 4.16 10.20
C VAL A 51 -42.02 5.02 9.97
N GLN A 52 -42.19 6.29 9.54
CA GLN A 52 -41.06 7.16 9.24
C GLN A 52 -40.69 8.00 10.45
N LYS A 53 -39.50 8.64 10.45
CA LYS A 53 -39.04 9.47 11.56
C LYS A 53 -38.30 10.65 11.02
N LYS A 54 -38.54 11.85 11.57
CA LYS A 54 -37.85 13.04 11.13
C LYS A 54 -36.40 13.02 11.58
N VAL A 55 -35.43 13.04 10.65
CA VAL A 55 -33.99 13.06 10.98
C VAL A 55 -33.36 14.17 10.18
N LYS A 56 -33.07 15.32 10.82
CA LYS A 56 -32.59 16.53 10.15
C LYS A 56 -33.73 17.00 9.24
N ASP A 57 -33.52 17.18 7.92
CA ASP A 57 -34.61 17.66 7.07
C ASP A 57 -35.12 16.62 6.10
N SER A 58 -35.32 15.40 6.60
CA SER A 58 -35.82 14.30 5.78
C SER A 58 -36.52 13.27 6.62
N TRP A 59 -37.56 12.62 6.04
CA TRP A 59 -38.27 11.54 6.70
C TRP A 59 -37.47 10.28 6.39
N ILE A 60 -37.10 9.54 7.42
CA ILE A 60 -36.32 8.31 7.26
C ILE A 60 -37.26 7.15 7.53
N THR A 61 -37.41 6.22 6.57
CA THR A 61 -38.33 5.09 6.74
C THR A 61 -37.70 4.05 7.68
N LEU A 62 -38.39 3.71 8.75
CA LEU A 62 -37.82 2.79 9.73
C LEU A 62 -38.31 1.36 9.64
N ASN A 63 -39.59 1.16 9.35
CA ASN A 63 -40.17 -0.18 9.29
C ASN A 63 -41.52 -0.16 8.54
N ASP A 64 -41.89 -1.24 7.83
CA ASP A 64 -43.20 -1.36 7.15
C ASP A 64 -44.04 -2.33 7.95
N LEU A 65 -45.14 -1.86 8.50
CA LEU A 65 -46.02 -2.71 9.32
C LEU A 65 -46.93 -3.62 8.47
N PHE A 66 -47.27 -3.19 7.25
CA PHE A 66 -48.11 -3.97 6.36
C PHE A 66 -47.41 -5.21 5.81
N LYS A 67 -46.07 -5.23 5.77
CA LYS A 67 -45.29 -6.38 5.27
C LYS A 67 -45.52 -7.60 6.16
N GLU A 68 -45.58 -7.36 7.48
CA GLU A 68 -45.77 -8.39 8.51
C GLU A 68 -47.26 -8.57 8.81
N THR A 69 -48.13 -8.44 7.79
CA THR A 69 -49.56 -8.48 8.01
C THR A 69 -50.29 -9.44 7.06
N ASP A 70 -51.04 -10.35 7.67
CA ASP A 70 -51.88 -11.36 7.06
C ASP A 70 -53.04 -10.75 6.30
N LEU A 71 -53.69 -9.75 6.92
CA LEU A 71 -54.83 -9.06 6.34
C LEU A 71 -54.49 -8.12 5.15
N THR A 72 -55.52 -7.86 4.32
CA THR A 72 -55.46 -7.04 3.12
C THR A 72 -56.36 -5.80 3.23
N GLY A 73 -56.11 -4.83 2.36
CA GLY A 73 -56.88 -3.60 2.36
C GLY A 73 -56.30 -2.60 3.34
N ARG A 74 -56.62 -1.32 3.14
CA ARG A 74 -56.17 -0.25 4.03
C ARG A 74 -56.87 -0.46 5.37
N PRO A 75 -56.14 -0.79 6.44
CA PRO A 75 -56.81 -1.04 7.72
C PRO A 75 -57.03 0.24 8.54
N HIS A 76 -57.63 0.08 9.72
CA HIS A 76 -57.83 1.17 10.64
C HIS A 76 -56.58 1.24 11.48
N ILE A 77 -55.96 2.41 11.53
CA ILE A 77 -54.72 2.57 12.28
C ILE A 77 -54.94 3.33 13.57
N PHE A 78 -54.77 2.68 14.70
CA PHE A 78 -54.89 3.34 15.99
C PHE A 78 -53.50 3.29 16.65
N ALA A 79 -52.81 4.43 16.75
CA ALA A 79 -51.50 4.50 17.36
C ALA A 79 -51.59 5.17 18.72
N TYR A 80 -51.01 4.56 19.76
CA TYR A 80 -51.05 5.10 21.10
C TYR A 80 -49.67 5.34 21.59
N VAL A 81 -49.38 6.56 22.07
CA VAL A 81 -48.04 6.90 22.53
C VAL A 81 -47.94 7.11 24.04
N ASP A 82 -47.45 6.12 24.78
CA ASP A 82 -47.31 6.26 26.22
C ASP A 82 -45.85 6.67 26.54
N VAL A 83 -45.45 6.78 27.82
CA VAL A 83 -44.11 7.23 28.17
C VAL A 83 -43.02 6.33 27.66
N GLU A 84 -43.11 5.02 27.95
CA GLU A 84 -42.01 4.13 27.56
C GLU A 84 -42.32 3.21 26.41
N GLU A 85 -43.27 3.58 25.50
CA GLU A 85 -43.53 2.76 24.33
C GLU A 85 -44.56 3.36 23.36
N ILE A 86 -44.53 2.88 22.10
CA ILE A 86 -45.46 3.16 21.01
C ILE A 86 -46.24 1.87 20.83
N ILE A 87 -47.54 1.94 20.58
CA ILE A 87 -48.34 0.78 20.23
C ILE A 87 -49.16 1.19 19.02
N ILE A 88 -49.14 0.41 17.96
CA ILE A 88 -49.90 0.73 16.75
C ILE A 88 -50.75 -0.47 16.42
N LEU A 89 -52.01 -0.26 16.08
CA LEU A 89 -52.92 -1.37 15.75
C LEU A 89 -53.37 -1.23 14.32
N LEU A 90 -53.40 -2.32 13.58
CA LEU A 90 -53.92 -2.31 12.22
C LEU A 90 -55.16 -3.18 12.29
N CYS A 91 -56.34 -2.60 12.01
CA CYS A 91 -57.58 -3.34 12.17
C CYS A 91 -58.40 -3.48 10.89
N GLU A 92 -58.79 -4.73 10.56
CA GLU A 92 -59.63 -5.01 9.40
C GLU A 92 -61.03 -4.38 9.63
N ASP A 93 -61.56 -3.61 8.65
CA ASP A 93 -62.90 -2.98 8.83
C ASP A 93 -64.03 -4.01 8.55
N GLU A 94 -63.98 -4.68 7.39
CA GLU A 94 -64.98 -5.69 7.06
C GLU A 94 -64.33 -6.96 6.44
N LYS A 100 -68.86 -7.84 10.34
CA LYS A 100 -68.33 -8.99 11.07
C LYS A 100 -68.57 -8.92 12.60
N LYS A 101 -68.89 -10.07 13.21
CA LYS A 101 -69.17 -10.21 14.63
C LYS A 101 -67.98 -9.78 15.50
N ASP A 102 -66.76 -10.19 15.12
CA ASP A 102 -65.55 -9.86 15.87
C ASP A 102 -64.59 -8.98 15.09
N MET A 103 -63.90 -8.07 15.78
CA MET A 103 -62.86 -7.26 15.15
C MET A 103 -61.50 -8.03 15.23
N THR A 104 -60.67 -7.96 14.19
CA THR A 104 -59.39 -8.69 14.20
C THR A 104 -58.26 -7.74 13.94
N CYS A 105 -57.59 -7.32 15.00
CA CYS A 105 -56.48 -6.39 14.86
C CYS A 105 -55.10 -7.05 14.86
N HIS A 106 -54.09 -6.31 14.50
CA HIS A 106 -52.72 -6.75 14.52
C HIS A 106 -52.04 -5.71 15.41
N ARG A 107 -51.57 -6.11 16.60
CA ARG A 107 -50.98 -5.19 17.56
C ARG A 107 -49.46 -5.14 17.52
N PHE A 108 -48.91 -4.00 17.07
CA PHE A 108 -47.48 -3.74 16.96
C PHE A 108 -46.96 -2.97 18.16
N TYR A 109 -45.86 -3.41 18.73
CA TYR A 109 -45.29 -2.76 19.89
C TYR A 109 -43.83 -2.35 19.63
N SER A 110 -43.46 -1.12 20.00
CA SER A 110 -42.07 -0.67 19.89
C SER A 110 -41.71 0.18 21.05
N ASN A 111 -40.43 0.24 21.41
CA ASN A 111 -39.98 1.16 22.45
C ASN A 111 -38.77 2.01 22.00
N ASP A 112 -38.39 1.95 20.73
CA ASP A 112 -37.34 2.79 20.18
C ASP A 112 -37.82 3.58 18.96
N GLY A 113 -38.91 3.13 18.33
CA GLY A 113 -39.46 3.76 17.15
C GLY A 113 -39.19 3.00 15.88
N LYS A 114 -38.16 2.11 15.89
CA LYS A 114 -37.72 1.32 14.75
C LYS A 114 -38.11 -0.16 14.87
N GLU A 115 -37.79 -0.82 16.00
CA GLU A 115 -38.07 -2.21 16.30
C GLU A 115 -39.55 -2.36 16.62
N TYR A 116 -40.27 -3.21 15.88
CA TYR A 116 -41.68 -3.45 16.18
C TYR A 116 -41.94 -4.93 16.27
N ASN A 117 -42.82 -5.34 17.17
CA ASN A 117 -43.15 -6.75 17.28
C ASN A 117 -44.65 -6.96 17.29
N ASN A 118 -45.18 -7.42 16.16
CA ASN A 118 -46.62 -7.62 16.02
C ASN A 118 -47.18 -8.84 16.75
N ALA A 119 -48.50 -8.86 16.92
CA ALA A 119 -49.23 -9.92 17.60
C ALA A 119 -50.69 -9.79 17.14
N GLU A 120 -51.27 -10.79 16.45
CA GLU A 120 -52.67 -10.70 16.01
C GLU A 120 -53.61 -10.82 17.24
N ILE A 121 -54.49 -9.81 17.44
CA ILE A 121 -55.47 -9.61 18.52
C ILE A 121 -56.89 -9.81 17.99
N THR A 122 -57.85 -10.19 18.85
CA THR A 122 -59.25 -10.31 18.43
C THR A 122 -60.21 -9.67 19.44
N ILE A 123 -60.85 -8.58 19.05
CA ILE A 123 -61.81 -7.89 19.91
C ILE A 123 -63.17 -8.62 19.79
N SER A 124 -63.32 -9.76 20.49
CA SER A 124 -64.51 -10.62 20.47
C SER A 124 -65.80 -9.83 20.73
N ASP A 125 -66.80 -9.95 19.84
CA ASP A 125 -68.10 -9.28 19.92
C ASP A 125 -67.98 -7.78 20.29
N TYR A 126 -67.22 -7.03 19.50
CA TYR A 126 -67.00 -5.61 19.78
C TYR A 126 -68.31 -4.80 19.72
N ILE A 127 -68.39 -3.76 20.54
CA ILE A 127 -69.54 -2.86 20.63
C ILE A 127 -69.60 -1.86 19.47
N LEU A 128 -68.43 -1.48 18.96
CA LEU A 128 -68.31 -0.53 17.85
C LEU A 128 -68.81 -1.03 16.51
N LYS A 129 -69.54 -2.14 16.48
CA LYS A 129 -70.16 -2.63 15.26
C LYS A 129 -71.30 -1.66 14.96
N ASP A 130 -71.61 -1.45 13.69
CA ASP A 130 -72.68 -0.50 13.31
C ASP A 130 -72.18 0.96 13.33
N LYS A 131 -71.11 1.26 14.12
CA LYS A 131 -70.50 2.59 14.22
C LYS A 131 -69.36 2.72 13.23
N LEU A 132 -69.20 3.90 12.70
CA LEU A 132 -68.17 4.25 11.75
C LEU A 132 -66.85 4.51 12.49
N LEU A 133 -65.74 3.83 12.12
CA LEU A 133 -64.42 4.08 12.74
C LEU A 133 -63.46 4.78 11.77
N SER A 134 -62.41 5.43 12.29
CA SER A 134 -61.37 6.03 11.43
C SER A 134 -60.01 6.10 12.15
N SER A 135 -58.90 6.10 11.38
CA SER A 135 -57.55 6.12 11.94
C SER A 135 -57.13 7.39 12.68
N TYR A 136 -56.52 7.22 13.85
CA TYR A 136 -56.03 8.36 14.61
C TYR A 136 -54.88 8.01 15.57
N VAL A 137 -54.19 9.05 16.08
CA VAL A 137 -53.13 8.89 17.07
C VAL A 137 -53.70 9.37 18.39
N SER A 138 -53.48 8.63 19.45
CA SER A 138 -54.02 8.98 20.76
C SER A 138 -52.96 8.78 21.86
N LEU A 139 -53.30 9.08 23.10
CA LEU A 139 -52.41 8.87 24.23
C LEU A 139 -53.22 8.38 25.42
N PRO A 140 -52.65 7.61 26.35
CA PRO A 140 -53.45 7.05 27.44
C PRO A 140 -54.29 8.06 28.20
N LEU A 141 -55.50 7.66 28.57
CA LEU A 141 -56.39 8.51 29.32
C LEU A 141 -56.51 7.87 30.69
N LYS A 142 -56.04 8.54 31.73
CA LYS A 142 -56.10 8.00 33.08
C LYS A 142 -57.42 8.29 33.74
N ILE A 143 -58.07 7.23 34.25
CA ILE A 143 -59.31 7.28 35.01
C ILE A 143 -59.10 6.44 36.28
N GLU A 144 -59.14 7.07 37.45
CA GLU A 144 -59.05 6.30 38.72
C GLU A 144 -57.85 5.35 38.74
N ASN A 145 -56.62 5.87 38.76
CA ASN A 145 -55.46 4.96 38.93
C ASN A 145 -55.44 3.88 37.85
N ARG A 146 -55.84 4.21 36.62
CA ARG A 146 -55.76 3.23 35.52
C ARG A 146 -55.70 3.99 34.20
N GLU A 147 -54.69 3.73 33.37
CA GLU A 147 -54.61 4.38 32.04
C GLU A 147 -55.40 3.55 31.04
N TYR A 148 -55.99 4.20 30.02
CA TYR A 148 -56.82 3.47 29.04
C TYR A 148 -56.57 3.96 27.61
N PHE A 149 -56.46 3.05 26.65
CA PHE A 149 -56.33 3.40 25.22
C PHE A 149 -57.75 3.38 24.68
N LEU A 150 -58.15 4.35 23.85
CA LEU A 150 -59.55 4.38 23.42
C LEU A 150 -59.81 4.15 21.95
N ILE A 151 -60.66 3.16 21.60
CA ILE A 151 -61.06 2.97 20.21
C ILE A 151 -62.49 3.48 20.20
N CYS A 152 -62.72 4.66 19.62
CA CYS A 152 -64.03 5.33 19.62
C CYS A 152 -64.64 5.43 18.25
N GLY A 153 -65.95 5.17 18.19
CA GLY A 153 -66.73 5.23 16.97
C GLY A 153 -67.98 6.09 17.07
N VAL A 154 -68.46 6.65 15.94
CA VAL A 154 -69.65 7.50 15.89
C VAL A 154 -70.73 6.87 14.97
N SER A 155 -72.01 7.22 15.20
CA SER A 155 -73.08 6.73 14.36
C SER A 155 -73.19 7.68 13.17
N PRO A 156 -72.97 7.19 11.94
CA PRO A 156 -73.03 8.07 10.76
C PRO A 156 -74.28 8.95 10.64
N TYR A 157 -75.49 8.36 10.70
CA TYR A 157 -76.74 9.11 10.58
C TYR A 157 -77.65 8.84 11.74
N LYS A 158 -78.45 9.83 12.13
CA LYS A 158 -79.43 9.71 13.21
C LYS A 158 -80.78 10.30 12.75
N PHE A 159 -81.90 9.62 13.08
CA PHE A 159 -83.21 10.10 12.66
C PHE A 159 -84.16 10.33 13.88
N LYS A 160 -84.02 9.51 14.95
CA LYS A 160 -84.78 9.66 16.22
C LYS A 160 -83.79 9.72 17.40
N ASP A 161 -84.15 10.46 18.49
CA ASP A 161 -83.29 10.57 19.69
C ASP A 161 -83.35 9.35 20.67
N ASP A 162 -82.80 8.18 20.25
CA ASP A 162 -82.80 7.00 21.11
C ASP A 162 -81.86 7.20 22.30
N ASN A 163 -82.35 6.94 23.52
CA ASN A 163 -81.51 7.08 24.72
C ASN A 163 -80.75 5.78 24.99
N LYS A 164 -81.47 4.64 24.86
CA LYS A 164 -80.96 3.28 25.05
C LYS A 164 -79.64 3.06 24.31
N LYS A 165 -79.53 3.67 23.10
CA LYS A 165 -78.36 3.63 22.22
C LYS A 165 -77.65 4.99 22.25
N ASP A 166 -76.42 4.99 22.77
CA ASP A 166 -75.63 6.20 22.78
C ASP A 166 -75.00 6.42 21.40
N ASP A 167 -74.81 7.70 20.99
CA ASP A 167 -74.30 8.00 19.65
C ASP A 167 -72.83 7.78 19.50
N ILE A 168 -72.06 8.16 20.53
CA ILE A 168 -70.62 7.91 20.51
C ILE A 168 -70.35 6.74 21.44
N LEU A 169 -69.59 5.77 20.96
CA LEU A 169 -69.25 4.61 21.73
C LEU A 169 -67.75 4.45 21.81
N CYS A 170 -67.20 4.13 23.00
CA CYS A 170 -65.76 3.97 23.16
C CYS A 170 -65.45 2.66 23.84
N MET A 171 -64.56 1.85 23.26
CA MET A 171 -64.08 0.67 23.96
C MET A 171 -62.66 0.94 24.40
N ALA A 172 -62.39 0.68 25.67
CA ALA A 172 -61.10 0.98 26.26
C ALA A 172 -60.26 -0.25 26.62
N SER A 173 -58.92 -0.09 26.75
CA SER A 173 -58.02 -1.17 27.11
C SER A 173 -57.04 -0.68 28.15
N HIS A 174 -57.02 -1.29 29.33
CA HIS A 174 -56.08 -0.88 30.39
C HIS A 174 -54.89 -1.85 30.52
N ASP A 175 -54.52 -2.49 29.39
CA ASP A 175 -53.38 -3.41 29.32
C ASP A 175 -52.60 -3.21 28.04
N LYS A 176 -52.43 -1.91 27.67
CA LYS A 176 -51.67 -1.46 26.52
C LYS A 176 -52.19 -2.03 25.20
N GLY A 177 -53.50 -2.25 25.10
CA GLY A 177 -54.09 -2.76 23.87
C GLY A 177 -54.27 -4.25 23.73
N GLU A 178 -54.03 -5.01 24.80
CA GLU A 178 -54.13 -6.48 24.75
C GLU A 178 -55.56 -6.98 24.76
N THR A 179 -56.39 -6.47 25.66
CA THR A 179 -57.79 -6.83 25.78
C THR A 179 -58.62 -5.55 25.86
N TRP A 180 -59.72 -5.52 25.11
CA TRP A 180 -60.59 -4.35 25.02
C TRP A 180 -61.96 -4.55 25.66
N GLY A 181 -61.96 -4.88 26.95
CA GLY A 181 -63.20 -5.15 27.66
C GLY A 181 -63.91 -4.02 28.41
N THR A 182 -63.29 -2.84 28.48
CA THR A 182 -63.90 -1.75 29.23
C THR A 182 -64.72 -0.88 28.27
N LYS A 183 -65.85 -0.32 28.74
CA LYS A 183 -66.71 0.50 27.89
C LYS A 183 -66.87 1.87 28.52
N ILE A 184 -66.24 2.90 27.93
CA ILE A 184 -66.36 4.28 28.38
C ILE A 184 -67.68 4.81 27.84
N VAL A 185 -68.54 5.36 28.72
CA VAL A 185 -69.83 5.86 28.29
C VAL A 185 -69.73 7.32 27.89
N ILE A 186 -69.96 7.66 26.62
CA ILE A 186 -69.89 9.05 26.18
C ILE A 186 -71.30 9.58 25.98
N LYS A 187 -71.64 10.70 26.62
CA LYS A 187 -72.99 11.25 26.53
C LYS A 187 -73.06 12.53 25.75
N TYR A 188 -73.36 12.46 24.45
CA TYR A 188 -73.35 13.64 23.61
C TYR A 188 -74.75 14.07 23.20
N ASP A 189 -75.21 15.06 23.99
CA ASP A 189 -76.50 15.75 24.09
C ASP A 189 -76.83 16.72 22.95
N ASN A 190 -75.89 16.92 22.00
CA ASN A 190 -76.12 17.82 20.85
C ASN A 190 -76.04 17.05 19.50
N TYR A 191 -76.41 15.75 19.50
CA TYR A 191 -76.36 14.97 18.29
C TYR A 191 -77.57 15.21 17.34
N LYS A 192 -77.48 16.23 16.39
CA LYS A 192 -78.49 16.74 15.40
C LYS A 192 -78.72 15.88 14.13
N LEU A 193 -80.01 15.64 13.84
CA LEU A 193 -80.59 14.68 12.90
C LEU A 193 -80.50 14.87 11.39
N GLY A 194 -80.24 13.78 10.70
CA GLY A 194 -80.30 13.73 9.25
C GLY A 194 -79.00 13.77 8.50
N VAL A 195 -77.97 14.43 9.08
CA VAL A 195 -76.64 14.61 8.46
C VAL A 195 -75.58 13.59 8.89
N GLN A 196 -74.59 13.39 7.98
CA GLN A 196 -73.46 12.49 8.19
C GLN A 196 -72.50 13.08 9.24
N TYR A 197 -71.85 12.22 10.05
CA TYR A 197 -70.87 12.54 11.09
C TYR A 197 -69.69 11.60 10.86
N PHE A 198 -68.47 12.14 10.74
CA PHE A 198 -67.33 11.29 10.40
C PHE A 198 -66.00 11.79 10.98
N PHE A 199 -64.88 11.03 10.74
CA PHE A 199 -63.52 11.30 11.20
C PHE A 199 -63.49 11.67 12.67
N LEU A 200 -64.22 10.90 13.51
CA LEU A 200 -64.22 11.18 14.94
C LEU A 200 -62.90 10.69 15.52
N ARG A 201 -62.17 11.57 16.16
CA ARG A 201 -60.93 11.25 16.80
C ARG A 201 -60.89 11.93 18.15
N PRO A 202 -60.63 11.19 19.25
CA PRO A 202 -60.56 11.82 20.56
C PRO A 202 -59.29 12.62 20.73
N TYR A 203 -59.38 13.67 21.54
CA TYR A 203 -58.26 14.51 21.88
C TYR A 203 -58.08 14.41 23.41
N ILE A 204 -56.95 13.82 23.86
CA ILE A 204 -56.68 13.71 25.31
C ILE A 204 -55.53 14.63 25.69
N SER A 205 -55.67 15.33 26.81
CA SER A 205 -54.67 16.23 27.34
C SER A 205 -55.04 16.54 28.76
N LYS A 206 -54.07 16.42 29.68
CA LYS A 206 -54.25 16.67 31.12
C LYS A 206 -55.28 15.70 31.71
N ASN A 207 -55.33 14.46 31.17
CA ASN A 207 -56.30 13.45 31.58
C ASN A 207 -57.76 13.94 31.45
N ASP A 208 -58.01 14.78 30.42
CA ASP A 208 -59.32 15.33 30.14
C ASP A 208 -59.66 14.91 28.70
N LEU A 209 -60.87 14.43 28.47
CA LEU A 209 -61.26 13.91 27.17
C LEU A 209 -62.14 14.87 26.40
N SER A 210 -61.90 14.95 25.10
CA SER A 210 -62.66 15.77 24.16
C SER A 210 -62.70 15.01 22.84
N PHE A 211 -63.57 15.39 21.90
CA PHE A 211 -63.60 14.74 20.60
C PHE A 211 -63.65 15.75 19.50
N HIS A 212 -62.92 15.49 18.44
CA HIS A 212 -62.85 16.38 17.29
C HIS A 212 -63.39 15.60 16.10
N PHE A 213 -64.58 15.94 15.63
CA PHE A 213 -65.20 15.21 14.51
C PHE A 213 -65.69 16.14 13.39
N TYR A 214 -66.18 15.58 12.29
CA TYR A 214 -66.71 16.35 11.17
C TYR A 214 -68.20 16.11 11.07
N VAL A 215 -68.93 17.11 10.58
CA VAL A 215 -70.36 16.99 10.36
C VAL A 215 -70.55 17.55 8.97
N GLY A 216 -71.06 16.75 8.05
CA GLY A 216 -71.24 17.20 6.69
C GLY A 216 -72.22 16.38 5.89
N ASP A 217 -72.22 16.60 4.58
CA ASP A 217 -73.12 15.92 3.64
C ASP A 217 -72.42 14.70 3.05
N ASN A 218 -71.10 14.81 2.88
CA ASN A 218 -70.29 13.70 2.32
C ASN A 218 -68.85 13.84 2.83
N ILE A 219 -68.08 12.76 2.81
CA ILE A 219 -66.67 12.75 3.33
C ILE A 219 -65.86 13.87 2.68
N ASN A 220 -66.24 14.29 1.46
CA ASN A 220 -65.46 15.33 0.75
C ASN A 220 -66.33 16.54 0.41
N ASN A 221 -67.63 16.34 0.24
CA ASN A 221 -68.54 17.47 -0.18
C ASN A 221 -68.61 18.58 0.88
N VAL A 222 -69.09 18.25 2.07
CA VAL A 222 -69.21 19.28 3.14
C VAL A 222 -68.48 18.74 4.37
N LYS A 223 -67.61 19.55 4.97
CA LYS A 223 -66.80 19.06 6.11
C LYS A 223 -66.68 20.15 7.18
N ASN A 224 -67.71 20.32 8.00
CA ASN A 224 -67.67 21.31 9.07
C ASN A 224 -67.05 20.69 10.29
N VAL A 225 -66.01 21.33 10.86
CA VAL A 225 -65.30 20.83 12.04
C VAL A 225 -66.09 21.09 13.31
N ASN A 226 -66.28 20.07 14.11
CA ASN A 226 -66.92 20.19 15.40
C ASN A 226 -65.93 19.81 16.50
N PHE A 227 -66.15 20.31 17.70
CA PHE A 227 -65.28 20.00 18.82
C PHE A 227 -66.12 19.95 20.06
N ILE A 228 -66.10 18.82 20.77
CA ILE A 228 -66.87 18.69 22.01
C ILE A 228 -65.97 18.40 23.18
N GLU A 229 -66.11 19.12 24.29
CA GLU A 229 -65.28 18.86 25.46
C GLU A 229 -66.09 18.07 26.50
N CYS A 230 -65.48 17.03 27.05
CA CYS A 230 -66.18 16.16 27.97
C CYS A 230 -65.73 16.34 29.37
N THR A 231 -66.64 16.19 30.32
CA THR A 231 -66.30 16.21 31.72
C THR A 231 -66.56 14.81 32.32
N HIS A 232 -65.77 14.41 33.34
CA HIS A 232 -65.95 13.11 33.98
C HIS A 232 -67.06 13.17 35.02
N GLU A 233 -68.23 12.60 34.73
CA GLU A 233 -69.35 12.62 35.67
C GLU A 233 -69.18 11.56 36.79
N LYS A 234 -69.05 10.27 36.42
CA LYS A 234 -68.89 9.20 37.40
C LYS A 234 -67.92 8.14 36.88
N ASP A 235 -67.70 7.04 37.63
CA ASP A 235 -66.79 5.95 37.26
C ASP A 235 -66.97 5.50 35.82
N LEU A 236 -65.96 5.78 34.98
CA LEU A 236 -65.95 5.37 33.58
C LEU A 236 -67.07 5.98 32.71
N GLU A 237 -67.62 7.13 33.08
CA GLU A 237 -68.67 7.75 32.31
C GLU A 237 -68.42 9.24 32.13
N PHE A 238 -68.47 9.73 30.87
CA PHE A 238 -68.20 11.12 30.50
C PHE A 238 -69.40 11.78 29.89
N VAL A 239 -69.53 13.09 30.03
CA VAL A 239 -70.66 13.83 29.44
C VAL A 239 -70.15 15.07 28.68
N CYS A 240 -70.35 15.07 27.36
CA CYS A 240 -69.82 16.12 26.50
C CYS A 240 -70.85 17.14 26.04
N SER A 241 -70.32 18.26 25.60
CA SER A 241 -71.03 19.43 25.15
C SER A 241 -70.16 20.13 24.11
N ASN A 242 -70.77 20.86 23.19
CA ASN A 242 -70.05 21.52 22.11
C ASN A 242 -69.24 22.70 22.53
N ARG A 243 -68.13 22.97 21.84
CA ARG A 243 -67.31 24.18 22.07
C ARG A 243 -67.42 25.02 20.80
N ASP A 244 -67.89 26.23 20.98
CA ASP A 244 -68.12 27.11 19.86
C ASP A 244 -66.85 27.83 19.51
N PHE A 245 -66.12 27.36 18.50
CA PHE A 245 -64.91 28.06 18.06
C PHE A 245 -65.15 28.90 16.82
N LEU A 246 -66.38 28.99 16.33
CA LEU A 246 -66.72 29.70 15.11
C LEU A 246 -66.33 31.15 15.11
N LYS A 247 -65.60 31.57 14.06
CA LYS A 247 -65.25 32.98 13.82
C LYS A 247 -65.83 33.38 12.46
N ASP A 248 -66.59 34.50 12.40
CA ASP A 248 -67.18 34.88 11.12
C ASP A 248 -66.11 35.25 10.11
N ASN A 249 -66.32 34.74 8.90
CA ASN A 249 -65.44 34.83 7.74
C ASN A 249 -64.11 34.10 7.96
N LYS A 250 -64.18 32.89 8.55
CA LYS A 250 -63.03 32.07 8.82
C LYS A 250 -63.47 30.60 8.98
N VAL A 251 -62.71 29.65 8.41
CA VAL A 251 -63.06 28.24 8.49
C VAL A 251 -62.30 27.47 9.56
N LEU A 252 -62.98 27.04 10.65
CA LEU A 252 -62.37 26.23 11.72
C LEU A 252 -61.69 25.00 11.14
N GLN A 253 -60.40 24.79 11.50
CA GLN A 253 -59.57 23.71 10.97
C GLN A 253 -59.10 22.75 12.10
N ASP A 254 -58.05 23.07 12.91
CA ASP A 254 -57.66 22.19 14.02
C ASP A 254 -57.79 22.91 15.36
N VAL A 255 -57.88 22.14 16.45
CA VAL A 255 -57.98 22.64 17.82
C VAL A 255 -57.02 21.83 18.65
N SER A 256 -56.22 22.51 19.48
CA SER A 256 -55.29 21.88 20.41
C SER A 256 -55.26 22.71 21.70
N THR A 257 -54.42 22.33 22.68
CA THR A 257 -54.32 23.09 23.92
C THR A 257 -52.88 23.23 24.36
N LEU A 258 -52.48 24.45 24.64
CA LEU A 258 -51.18 24.76 25.18
C LEU A 258 -51.44 25.63 26.40
N ASN A 259 -50.77 25.38 27.55
CA ASN A 259 -50.91 26.25 28.74
C ASN A 259 -52.37 26.24 29.28
N ASP A 260 -53.10 25.14 29.05
CA ASP A 260 -54.51 25.00 29.42
C ASP A 260 -55.37 26.04 28.74
N GLU A 261 -55.04 26.34 27.49
CA GLU A 261 -55.74 27.29 26.66
C GLU A 261 -55.79 26.72 25.26
N TYR A 262 -56.90 26.93 24.56
CA TYR A 262 -57.04 26.41 23.21
C TYR A 262 -56.15 27.16 22.22
N ILE A 263 -55.73 26.45 21.18
CA ILE A 263 -54.92 26.93 20.09
C ILE A 263 -55.76 26.53 18.90
N VAL A 264 -56.42 27.49 18.25
CA VAL A 264 -57.33 27.19 17.16
C VAL A 264 -56.85 27.70 15.84
N SER A 265 -56.91 26.84 14.86
CA SER A 265 -56.47 27.08 13.52
C SER A 265 -57.71 27.44 12.66
N TYR A 266 -57.62 28.50 11.82
CA TYR A 266 -58.71 28.91 10.92
C TYR A 266 -58.17 29.14 9.55
N GLY A 267 -58.96 28.88 8.53
CA GLY A 267 -58.58 29.16 7.16
C GLY A 267 -59.35 30.35 6.61
N ASN A 268 -58.84 30.98 5.54
CA ASN A 268 -59.52 32.12 4.96
C ASN A 268 -60.83 31.66 4.32
N ASP A 269 -60.78 30.55 3.56
CA ASP A 269 -61.92 29.91 2.89
C ASP A 269 -61.76 28.37 2.98
N ASN A 270 -62.59 27.60 2.28
CA ASN A 270 -62.45 26.13 2.33
C ASN A 270 -61.25 25.62 1.50
N ASN A 271 -60.46 26.53 0.87
CA ASN A 271 -59.24 26.24 0.10
C ASN A 271 -57.92 26.50 0.87
N PHE A 272 -58.04 27.07 2.08
CA PHE A 272 -56.96 27.34 2.98
C PHE A 272 -55.74 27.98 2.35
N ALA A 273 -55.93 29.09 1.67
CA ALA A 273 -54.82 29.85 1.08
C ALA A 273 -53.97 30.41 2.21
N GLU A 274 -54.63 30.89 3.29
CA GLU A 274 -54.00 31.38 4.51
C GLU A 274 -54.63 30.70 5.71
N CYS A 275 -53.83 30.50 6.74
CA CYS A 275 -54.29 30.00 8.02
C CYS A 275 -54.07 31.10 9.06
N TYR A 276 -54.87 31.10 10.10
CA TYR A 276 -54.74 32.04 11.20
C TYR A 276 -54.71 31.20 12.45
N ILE A 277 -53.77 31.46 13.35
CA ILE A 277 -53.72 30.68 14.59
C ILE A 277 -54.05 31.58 15.74
N PHE A 278 -55.04 31.16 16.55
CA PHE A 278 -55.44 31.93 17.73
C PHE A 278 -55.03 31.22 18.99
N PHE A 279 -54.53 32.01 19.92
CA PHE A 279 -54.08 31.48 21.22
C PHE A 279 -55.00 32.07 22.29
N ASN A 280 -55.75 31.21 22.98
CA ASN A 280 -56.68 31.66 24.03
C ASN A 280 -57.63 32.70 23.45
N ASN A 281 -57.71 32.80 22.13
CA ASN A 281 -58.56 33.81 21.46
C ASN A 281 -58.06 35.21 21.84
N GLU A 282 -57.07 35.28 22.72
CA GLU A 282 -56.54 36.58 23.17
C GLU A 282 -55.52 37.07 22.15
N ASN A 283 -54.74 36.15 21.56
CA ASN A 283 -53.64 36.55 20.65
C ASN A 283 -53.82 35.89 19.29
N SER A 284 -53.06 36.32 18.28
CA SER A 284 -53.26 35.79 16.91
C SER A 284 -52.02 35.89 16.02
N ILE A 285 -51.84 34.94 15.10
CA ILE A 285 -50.72 34.89 14.14
C ILE A 285 -51.22 34.44 12.74
N LEU A 286 -50.46 34.75 11.66
CA LEU A 286 -50.86 34.36 10.31
C LEU A 286 -49.89 33.38 9.63
N ILE A 287 -50.37 32.25 9.08
CA ILE A 287 -49.56 31.29 8.31
C ILE A 287 -49.99 31.49 6.87
N LYS A 288 -49.13 32.00 5.98
CA LYS A 288 -49.51 32.25 4.58
C LYS A 288 -48.48 31.67 3.60
N PRO A 289 -48.57 30.35 3.35
CA PRO A 289 -47.59 29.70 2.43
C PRO A 289 -47.50 30.41 1.09
N GLU A 290 -46.27 30.84 0.80
CA GLU A 290 -45.91 31.67 -0.33
C GLU A 290 -46.42 31.16 -1.66
N ALA A 297 -49.37 27.38 -3.42
CA ALA A 297 -49.50 26.48 -2.27
C ALA A 297 -50.35 27.07 -1.14
N GLY A 298 -50.97 26.20 -0.38
CA GLY A 298 -51.79 26.61 0.76
C GLY A 298 -51.43 25.88 2.02
N CYS A 299 -52.18 26.14 3.07
CA CYS A 299 -52.02 25.49 4.36
C CYS A 299 -53.11 24.44 4.58
N TYR A 300 -53.68 23.85 3.49
CA TYR A 300 -54.72 22.80 3.57
C TYR A 300 -54.19 21.56 4.32
N GLY A 301 -55.02 21.04 5.21
CA GLY A 301 -54.62 19.87 6.00
C GLY A 301 -53.74 20.20 7.19
N GLY A 302 -53.75 21.46 7.62
CA GLY A 302 -52.93 21.90 8.74
C GLY A 302 -53.36 21.27 10.04
N THR A 303 -52.40 20.66 10.75
CA THR A 303 -52.70 19.99 12.02
C THR A 303 -51.72 20.29 13.12
N PHE A 304 -52.22 20.36 14.35
CA PHE A 304 -51.37 20.57 15.50
C PHE A 304 -50.87 19.23 16.01
N VAL A 305 -49.58 19.11 16.24
CA VAL A 305 -48.96 17.91 16.75
C VAL A 305 -48.33 18.43 18.03
N LYS A 306 -49.07 18.40 19.14
CA LYS A 306 -48.58 18.93 20.40
C LYS A 306 -47.36 18.14 20.87
N ILE A 307 -46.31 18.84 21.29
CA ILE A 307 -45.09 18.19 21.79
C ILE A 307 -45.00 18.31 23.30
N ASP A 308 -45.43 19.42 23.83
CA ASP A 308 -45.24 19.78 25.21
C ASP A 308 -46.41 20.72 25.64
N GLU A 309 -46.50 21.04 26.93
CA GLU A 309 -47.55 21.97 27.39
C GLU A 309 -47.37 23.39 26.86
N ASN A 310 -46.19 23.75 26.42
CA ASN A 310 -45.90 25.06 25.88
C ASN A 310 -45.31 25.02 24.48
N ARG A 311 -45.31 23.84 23.81
CA ARG A 311 -44.80 23.73 22.46
C ARG A 311 -45.59 22.77 21.62
N ALA A 312 -46.02 23.21 20.45
CA ALA A 312 -46.76 22.37 19.52
C ALA A 312 -46.19 22.54 18.12
N LEU A 313 -46.51 21.62 17.22
CA LEU A 313 -46.11 21.73 15.83
C LEU A 313 -47.37 21.96 15.01
N PHE A 314 -47.27 22.69 13.91
CA PHE A 314 -48.40 22.88 13.01
C PHE A 314 -47.92 22.43 11.66
N ILE A 315 -48.34 21.24 11.23
CA ILE A 315 -47.85 20.68 9.99
C ILE A 315 -48.91 20.57 8.90
N TYR A 316 -48.50 20.97 7.72
CA TYR A 316 -49.24 20.84 6.46
C TYR A 316 -48.17 20.57 5.38
N SER A 317 -48.60 20.05 4.23
CA SER A 317 -47.70 19.74 3.14
C SER A 317 -48.09 20.62 1.96
N SER A 318 -47.20 21.60 1.62
CA SER A 318 -47.39 22.60 0.54
C SER A 318 -47.07 22.10 -0.87
N SER A 319 -46.75 20.80 -1.02
CA SER A 319 -46.37 20.15 -2.26
C SER A 319 -46.39 18.63 -1.99
N GLN A 320 -46.21 17.80 -3.03
CA GLN A 320 -46.09 16.36 -2.79
C GLN A 320 -44.62 16.15 -2.39
N GLY A 321 -44.46 15.61 -1.19
CA GLY A 321 -43.14 15.34 -0.64
C GLY A 321 -42.58 16.41 0.28
N ILE A 322 -43.15 17.63 0.30
CA ILE A 322 -42.60 18.68 1.16
C ILE A 322 -43.48 18.99 2.31
N TYR A 323 -42.95 18.84 3.53
CA TYR A 323 -43.71 19.14 4.72
C TYR A 323 -43.22 20.44 5.32
N ASN A 324 -44.14 21.24 5.82
CA ASN A 324 -43.85 22.52 6.41
C ASN A 324 -44.06 22.33 7.88
N ILE A 325 -42.97 22.33 8.65
CA ILE A 325 -43.02 22.12 10.09
C ILE A 325 -42.96 23.42 10.87
N HIS A 326 -44.13 23.98 11.15
CA HIS A 326 -44.19 25.19 11.94
C HIS A 326 -44.07 24.76 13.41
N THR A 327 -43.09 25.33 14.15
CA THR A 327 -42.96 24.99 15.56
C THR A 327 -43.46 26.21 16.31
N ILE A 328 -44.45 26.00 17.19
CA ILE A 328 -45.02 27.11 17.94
C ILE A 328 -44.74 27.01 19.42
N TYR A 329 -44.20 28.06 20.03
CA TYR A 329 -43.90 28.15 21.48
C TYR A 329 -44.92 29.18 22.00
N TYR A 330 -45.61 28.85 23.09
CA TYR A 330 -46.59 29.76 23.66
C TYR A 330 -46.62 29.67 25.17
N ALA A 331 -46.78 30.82 25.87
CA ALA A 331 -46.86 30.80 27.33
C ALA A 331 -47.64 31.99 27.83
N ASN A 332 -48.63 31.79 28.69
CA ASN A 332 -49.44 32.89 29.24
C ASN A 332 -49.28 32.97 30.77
N TYR A 333 -49.34 34.17 31.34
CA TYR A 333 -49.14 34.41 32.77
C TYR A 333 -50.03 35.62 33.30
N ALA B 4 -18.98 5.88 -9.80
CA ALA B 4 -18.00 4.92 -9.31
C ALA B 4 -18.19 4.69 -7.80
N VAL B 5 -19.38 4.19 -7.43
CA VAL B 5 -19.72 3.90 -6.04
C VAL B 5 -18.77 2.88 -5.47
N THR B 6 -17.85 3.35 -4.64
CA THR B 6 -16.83 2.48 -4.07
C THR B 6 -16.70 2.66 -2.56
N LEU B 7 -16.24 1.60 -1.89
CA LEU B 7 -16.03 1.59 -0.45
C LEU B 7 -14.65 0.95 -0.17
N ASP B 8 -13.80 1.60 0.62
CA ASP B 8 -12.47 1.06 0.94
C ASP B 8 -12.28 0.89 2.44
N GLU B 9 -11.93 -0.33 2.86
CA GLU B 9 -11.72 -0.70 4.26
C GLU B 9 -10.25 -0.62 4.72
N SER B 10 -10.03 -0.23 5.97
CA SER B 10 -8.71 -0.09 6.57
C SER B 10 -8.71 -0.40 8.07
N GLY B 11 -7.57 -0.79 8.60
CA GLY B 11 -7.46 -1.15 10.01
C GLY B 11 -7.47 -2.64 10.30
N GLY B 12 -7.59 -3.46 9.25
CA GLY B 12 -7.64 -4.90 9.42
C GLY B 12 -6.29 -5.57 9.55
N GLY B 13 -5.96 -6.00 10.75
CA GLY B 13 -4.69 -6.66 11.00
C GLY B 13 -4.71 -7.69 12.10
N LEU B 14 -3.54 -8.05 12.60
CA LEU B 14 -3.41 -9.04 13.65
C LEU B 14 -3.58 -8.44 15.05
N GLN B 15 -4.83 -8.22 15.48
CA GLN B 15 -5.05 -7.67 16.81
C GLN B 15 -4.99 -8.75 17.90
N THR B 16 -4.62 -8.30 19.09
CA THR B 16 -4.46 -9.06 20.33
C THR B 16 -5.79 -9.65 20.83
N PRO B 17 -5.78 -10.93 21.29
CA PRO B 17 -7.00 -11.49 21.87
C PRO B 17 -7.24 -10.82 23.20
N GLY B 18 -8.35 -10.11 23.31
CA GLY B 18 -8.67 -9.34 24.50
C GLY B 18 -8.67 -7.86 24.22
N GLY B 19 -7.89 -7.43 23.22
CA GLY B 19 -7.82 -6.02 22.80
C GLY B 19 -9.01 -5.56 21.97
N THR B 20 -8.92 -4.34 21.40
CA THR B 20 -10.01 -3.79 20.61
C THR B 20 -9.63 -3.60 19.12
N LEU B 21 -10.62 -3.45 18.26
CA LEU B 21 -10.43 -3.30 16.84
C LEU B 21 -11.02 -1.99 16.32
N SER B 22 -10.51 -1.49 15.21
CA SER B 22 -11.02 -0.26 14.62
C SER B 22 -10.91 -0.37 13.10
N LEU B 23 -12.04 -0.61 12.44
CA LEU B 23 -12.10 -0.72 10.98
C LEU B 23 -12.85 0.47 10.40
N VAL B 24 -12.23 1.14 9.44
CA VAL B 24 -12.77 2.30 8.78
C VAL B 24 -13.13 2.03 7.33
N CYS B 25 -14.33 2.41 6.94
CA CYS B 25 -14.80 2.23 5.59
C CYS B 25 -15.06 3.60 4.98
N LYS B 26 -14.27 4.01 3.99
CA LYS B 26 -14.46 5.29 3.33
C LYS B 26 -15.27 5.10 2.04
N GLY B 27 -16.34 5.86 1.89
CA GLY B 27 -17.20 5.77 0.71
C GLY B 27 -17.02 6.89 -0.28
N SER B 28 -17.16 6.57 -1.58
CA SER B 28 -17.03 7.53 -2.68
C SER B 28 -18.04 7.23 -3.79
N GLY B 29 -18.36 8.24 -4.59
CA GLY B 29 -19.27 8.05 -5.72
C GLY B 29 -20.73 8.23 -5.40
N PHE B 30 -21.14 7.97 -4.16
CA PHE B 30 -22.56 8.13 -3.77
C PHE B 30 -22.70 9.19 -2.70
N THR B 31 -23.91 9.74 -2.52
CA THR B 31 -24.11 10.76 -1.49
C THR B 31 -24.17 10.12 -0.12
N PHE B 32 -23.00 9.88 0.50
CA PHE B 32 -22.90 9.33 1.87
C PHE B 32 -23.74 10.18 2.83
N SER B 33 -24.17 9.63 3.96
CA SER B 33 -25.05 10.34 4.91
C SER B 33 -26.49 10.16 4.59
N SER B 34 -26.84 9.92 3.32
CA SER B 34 -28.20 9.65 2.90
C SER B 34 -28.51 8.17 2.78
N TYR B 35 -27.55 7.27 3.06
CA TYR B 35 -27.78 5.84 2.94
C TYR B 35 -27.40 5.12 4.23
N GLU B 36 -28.14 4.08 4.60
CA GLU B 36 -27.83 3.27 5.79
C GLU B 36 -26.58 2.44 5.48
N MET B 37 -25.60 2.45 6.38
CA MET B 37 -24.37 1.68 6.19
C MET B 37 -24.36 0.46 7.06
N GLN B 38 -23.70 -0.63 6.60
CA GLN B 38 -23.60 -1.86 7.39
C GLN B 38 -22.22 -2.53 7.31
N TRP B 39 -21.92 -3.42 8.25
CA TRP B 39 -20.67 -4.21 8.28
C TRP B 39 -21.05 -5.70 8.23
N VAL B 40 -20.35 -6.48 7.42
CA VAL B 40 -20.62 -7.90 7.25
C VAL B 40 -19.30 -8.64 7.26
N ARG B 41 -19.11 -9.63 8.13
CA ARG B 41 -17.85 -10.39 8.19
C ARG B 41 -18.01 -11.84 7.69
N GLN B 42 -16.88 -12.52 7.44
CA GLN B 42 -16.87 -13.89 6.96
C GLN B 42 -15.72 -14.66 7.58
N ALA B 43 -16.02 -15.54 8.55
CA ALA B 43 -14.97 -16.35 9.18
C ALA B 43 -14.35 -17.29 8.14
N PRO B 44 -13.02 -17.52 8.19
CA PRO B 44 -12.38 -18.41 7.21
C PRO B 44 -13.07 -19.76 7.09
N GLY B 45 -13.59 -20.03 5.90
CA GLY B 45 -14.28 -21.28 5.60
C GLY B 45 -15.78 -21.15 5.77
N LYS B 46 -16.20 -20.44 6.83
CA LYS B 46 -17.61 -20.24 7.11
C LYS B 46 -18.23 -19.22 6.14
N GLY B 47 -19.56 -19.16 6.10
CA GLY B 47 -20.29 -18.25 5.23
C GLY B 47 -20.32 -16.82 5.73
N LEU B 48 -21.19 -16.02 5.10
CA LEU B 48 -21.37 -14.60 5.38
C LEU B 48 -22.15 -14.39 6.68
N GLU B 49 -21.80 -13.32 7.42
CA GLU B 49 -22.45 -13.00 8.70
C GLU B 49 -22.60 -11.51 8.91
N TRP B 50 -23.82 -11.05 9.23
CA TRP B 50 -24.05 -9.63 9.50
C TRP B 50 -23.44 -9.20 10.84
N VAL B 51 -22.72 -8.08 10.82
CA VAL B 51 -22.08 -7.56 12.01
C VAL B 51 -22.89 -6.43 12.64
N ALA B 52 -23.15 -5.33 11.91
CA ALA B 52 -23.86 -4.18 12.47
C ALA B 52 -24.39 -3.24 11.37
N ASP B 53 -25.31 -2.31 11.71
CA ASP B 53 -25.81 -1.32 10.76
C ASP B 53 -26.07 0.04 11.45
N ILE B 54 -25.82 1.13 10.73
CA ILE B 54 -26.02 2.49 11.22
C ILE B 54 -27.00 3.27 10.30
N CYS B 55 -28.03 3.87 10.89
CA CYS B 55 -29.05 4.59 10.12
C CYS B 55 -28.58 6.01 9.76
N ILE B 56 -29.33 6.70 8.87
CA ILE B 56 -29.05 8.06 8.44
C ILE B 56 -28.92 8.99 9.64
N GLY B 57 -27.85 9.76 9.68
CA GLY B 57 -27.60 10.67 10.79
C GLY B 57 -27.39 9.97 12.12
N GLY B 58 -26.94 8.71 12.08
CA GLY B 58 -26.69 7.89 13.26
C GLY B 58 -27.87 7.74 14.20
N SER B 59 -29.09 8.02 13.71
CA SER B 59 -30.29 7.95 14.54
C SER B 59 -30.53 6.57 15.13
N TYR B 60 -30.17 5.52 14.41
CA TYR B 60 -30.34 4.16 14.89
C TYR B 60 -29.07 3.35 14.73
N THR B 61 -28.80 2.44 15.68
CA THR B 61 -27.58 1.62 15.70
C THR B 61 -27.88 0.16 16.13
N GLY B 62 -27.77 -0.78 15.20
CA GLY B 62 -28.07 -2.18 15.50
C GLY B 62 -26.87 -3.09 15.41
N TYR B 63 -26.85 -4.19 16.19
CA TYR B 63 -25.70 -5.10 16.19
C TYR B 63 -26.11 -6.56 16.11
N GLY B 64 -25.22 -7.39 15.58
CA GLY B 64 -25.45 -8.81 15.51
C GLY B 64 -25.27 -9.44 16.88
N PRO B 65 -25.96 -10.55 17.16
CA PRO B 65 -25.83 -11.17 18.49
C PRO B 65 -24.39 -11.55 18.83
N ALA B 66 -23.63 -11.96 17.82
CA ALA B 66 -22.23 -12.35 17.97
C ALA B 66 -21.36 -11.21 18.51
N VAL B 67 -21.69 -9.96 18.17
CA VAL B 67 -20.90 -8.80 18.60
C VAL B 67 -21.64 -7.84 19.52
N LYS B 68 -22.87 -8.19 19.93
CA LYS B 68 -23.70 -7.33 20.77
C LYS B 68 -23.07 -7.06 22.12
N GLY B 69 -23.08 -5.80 22.53
CA GLY B 69 -22.44 -5.37 23.77
C GLY B 69 -20.93 -5.34 23.69
N ARG B 70 -20.37 -5.30 22.46
CA ARG B 70 -18.92 -5.26 22.21
C ARG B 70 -18.59 -4.36 21.01
N ALA B 71 -19.37 -4.45 19.93
CA ALA B 71 -19.12 -3.62 18.75
C ALA B 71 -19.71 -2.22 18.86
N THR B 72 -19.21 -1.25 18.07
CA THR B 72 -19.68 0.13 18.08
C THR B 72 -19.53 0.76 16.70
N ILE B 73 -20.65 1.03 16.04
CA ILE B 73 -20.63 1.60 14.70
C ILE B 73 -20.91 3.12 14.79
N SER B 74 -20.14 3.89 14.05
CA SER B 74 -20.26 5.35 14.06
C SER B 74 -20.03 5.87 12.66
N ARG B 75 -20.52 7.10 12.36
CA ARG B 75 -20.26 7.66 11.04
C ARG B 75 -19.81 9.09 11.05
N ASP B 76 -18.75 9.38 10.28
CA ASP B 76 -18.26 10.73 10.11
C ASP B 76 -18.77 11.13 8.73
N ASP B 77 -20.01 11.62 8.68
CA ASP B 77 -20.64 11.96 7.42
C ASP B 77 -19.85 12.93 6.55
N GLY B 78 -19.02 13.76 7.19
CA GLY B 78 -18.14 14.72 6.53
C GLY B 78 -16.98 14.03 5.83
N GLN B 79 -16.30 13.12 6.54
CA GLN B 79 -15.20 12.36 5.95
C GLN B 79 -15.69 11.17 5.09
N SER B 80 -17.01 10.90 5.09
CA SER B 80 -17.62 9.79 4.38
C SER B 80 -17.09 8.46 4.90
N THR B 81 -16.97 8.32 6.24
CA THR B 81 -16.46 7.08 6.85
C THR B 81 -17.38 6.42 7.88
N VAL B 82 -17.32 5.08 7.98
CA VAL B 82 -18.06 4.26 8.95
C VAL B 82 -17.05 3.48 9.79
N ARG B 83 -17.02 3.70 11.11
CA ARG B 83 -16.07 3.02 11.99
C ARG B 83 -16.71 1.93 12.82
N LEU B 84 -16.16 0.69 12.72
CA LEU B 84 -16.62 -0.44 13.54
C LEU B 84 -15.58 -0.62 14.63
N GLN B 85 -15.97 -0.48 15.88
CA GLN B 85 -15.05 -0.60 17.00
C GLN B 85 -15.49 -1.74 17.84
N LEU B 86 -14.86 -2.91 17.66
CA LEU B 86 -15.19 -4.13 18.37
C LEU B 86 -14.22 -4.44 19.54
N ASN B 87 -14.71 -4.47 20.79
CA ASN B 87 -13.84 -4.72 21.95
C ASN B 87 -13.79 -6.21 22.36
N ASN B 88 -12.86 -6.58 23.29
CA ASN B 88 -12.66 -7.94 23.81
C ASN B 88 -12.66 -8.98 22.67
N LEU B 89 -11.67 -8.87 21.77
CA LEU B 89 -11.56 -9.73 20.59
C LEU B 89 -11.34 -11.22 20.89
N ARG B 90 -12.34 -12.06 20.55
CA ARG B 90 -12.22 -13.52 20.71
C ARG B 90 -11.69 -14.08 19.37
N ALA B 91 -11.16 -15.32 19.38
CA ALA B 91 -10.71 -15.95 18.13
C ALA B 91 -11.87 -16.09 17.11
N GLU B 92 -13.13 -16.13 17.61
CA GLU B 92 -14.36 -16.20 16.83
C GLU B 92 -14.60 -14.95 15.96
N ASP B 93 -13.90 -13.84 16.26
CA ASP B 93 -13.99 -12.61 15.48
C ASP B 93 -13.07 -12.61 14.25
N THR B 94 -12.14 -13.57 14.14
CA THR B 94 -11.23 -13.66 13.01
C THR B 94 -12.03 -13.88 11.71
N GLY B 95 -11.69 -13.11 10.69
CA GLY B 95 -12.34 -13.21 9.40
C GLY B 95 -12.10 -12.00 8.53
N THR B 96 -12.83 -11.91 7.42
CA THR B 96 -12.71 -10.80 6.48
C THR B 96 -13.94 -9.93 6.62
N TYR B 97 -13.76 -8.63 6.90
CA TYR B 97 -14.89 -7.72 7.08
C TYR B 97 -15.11 -6.86 5.87
N TYR B 98 -16.34 -6.84 5.38
CA TYR B 98 -16.73 -6.04 4.22
C TYR B 98 -17.78 -5.04 4.68
N CYS B 99 -17.57 -3.74 4.46
CA CYS B 99 -18.61 -2.76 4.76
C CYS B 99 -19.55 -2.73 3.52
N ALA B 100 -20.80 -2.34 3.72
CA ALA B 100 -21.78 -2.34 2.66
C ALA B 100 -22.75 -1.18 2.70
N LYS B 101 -23.24 -0.78 1.53
CA LYS B 101 -24.18 0.32 1.36
C LYS B 101 -25.55 -0.22 0.97
N THR B 102 -26.63 0.31 1.58
CA THR B 102 -28.01 -0.02 1.26
C THR B 102 -28.40 0.74 -0.03
N ALA B 103 -29.18 0.13 -0.90
CA ALA B 103 -29.60 0.72 -2.15
C ALA B 103 -30.48 1.95 -1.99
N ARG B 104 -31.40 1.92 -1.02
CA ARG B 104 -32.32 3.04 -0.83
C ARG B 104 -31.79 4.13 0.09
N SER B 105 -32.01 5.36 -0.34
CA SER B 105 -31.63 6.54 0.40
C SER B 105 -32.75 6.87 1.36
N ASP B 106 -32.42 7.30 2.59
CA ASP B 106 -33.38 7.69 3.64
C ASP B 106 -34.31 6.51 3.93
N TYR B 107 -33.73 5.33 4.10
CA TYR B 107 -34.44 4.07 4.28
C TYR B 107 -33.59 3.13 5.13
N CYS B 108 -34.14 2.67 6.27
CA CYS B 108 -33.46 1.86 7.25
C CYS B 108 -34.25 0.61 7.71
N ILE B 109 -35.13 0.04 6.88
CA ILE B 109 -35.85 -1.20 7.30
C ILE B 109 -34.83 -2.30 7.59
N THR B 110 -35.05 -3.08 8.65
CA THR B 110 -34.11 -4.14 9.01
C THR B 110 -34.22 -5.30 8.07
N GLY B 111 -33.30 -5.33 7.13
CA GLY B 111 -33.15 -6.37 6.14
C GLY B 111 -31.74 -6.37 5.54
N LEU B 112 -31.35 -7.52 5.02
CA LEU B 112 -30.06 -7.63 4.33
C LEU B 112 -30.22 -7.90 2.82
N ASP B 113 -31.43 -7.68 2.28
CA ASP B 113 -31.79 -7.82 0.88
C ASP B 113 -31.50 -6.57 0.07
N ASP B 114 -31.24 -5.42 0.72
CA ASP B 114 -31.08 -4.17 0.00
C ASP B 114 -29.63 -3.72 -0.19
N ILE B 115 -28.61 -4.59 -0.05
CA ILE B 115 -27.22 -4.15 -0.27
C ILE B 115 -26.92 -3.98 -1.73
N ASP B 116 -26.39 -2.82 -2.16
CA ASP B 116 -26.05 -2.60 -3.57
C ASP B 116 -24.57 -2.23 -3.81
N ALA B 117 -23.76 -2.14 -2.75
CA ALA B 117 -22.35 -1.77 -2.90
C ALA B 117 -21.55 -2.44 -1.82
N TRP B 118 -20.54 -3.23 -2.22
CA TRP B 118 -19.69 -3.97 -1.28
C TRP B 118 -18.27 -3.45 -1.30
N GLY B 119 -17.65 -3.34 -0.13
CA GLY B 119 -16.26 -2.91 0.00
C GLY B 119 -15.30 -4.04 -0.32
N HIS B 120 -14.01 -3.73 -0.63
CA HIS B 120 -13.04 -4.76 -1.03
C HIS B 120 -12.82 -5.87 0.01
N GLY B 121 -12.85 -5.51 1.28
CA GLY B 121 -12.69 -6.48 2.35
C GLY B 121 -11.32 -6.48 2.98
N THR B 122 -11.27 -6.15 4.27
CA THR B 122 -10.03 -6.15 5.03
C THR B 122 -10.00 -7.38 5.96
N GLU B 123 -8.85 -8.04 6.08
CA GLU B 123 -8.74 -9.25 6.89
C GLU B 123 -8.29 -8.97 8.29
N VAL B 124 -9.01 -9.48 9.29
CA VAL B 124 -8.60 -9.34 10.69
C VAL B 124 -8.23 -10.72 11.25
N ILE B 125 -7.21 -10.77 12.12
CA ILE B 125 -6.73 -12.01 12.73
C ILE B 125 -6.62 -11.81 14.23
N VAL B 126 -7.46 -12.46 15.03
CA VAL B 126 -7.37 -12.33 16.49
C VAL B 126 -6.41 -13.40 17.00
N SER B 127 -5.17 -13.00 17.28
CA SER B 127 -4.15 -13.96 17.71
C SER B 127 -3.08 -13.33 18.59
N SER B 128 -2.47 -14.14 19.45
CA SER B 128 -1.38 -13.70 20.31
C SER B 128 -0.02 -14.19 19.78
N ALA B 129 0.09 -14.35 18.44
CA ALA B 129 1.30 -14.82 17.77
C ALA B 129 1.96 -13.68 16.98
N SER B 130 3.29 -13.56 17.08
CA SER B 130 4.03 -12.51 16.38
C SER B 130 4.10 -12.75 14.87
N THR B 131 4.20 -11.67 14.08
CA THR B 131 4.26 -11.75 12.63
C THR B 131 5.54 -12.41 12.15
N LYS B 132 5.41 -13.42 11.29
CA LYS B 132 6.53 -14.17 10.74
C LYS B 132 6.73 -13.86 9.24
N GLY B 133 7.97 -14.00 8.78
CA GLY B 133 8.30 -13.75 7.38
C GLY B 133 8.14 -14.96 6.48
N PRO B 134 7.70 -14.75 5.23
CA PRO B 134 7.52 -15.88 4.32
C PRO B 134 8.84 -16.36 3.67
N SER B 135 9.14 -17.66 3.77
CA SER B 135 10.34 -18.22 3.16
C SER B 135 9.97 -18.68 1.75
N VAL B 136 10.67 -18.16 0.73
CA VAL B 136 10.38 -18.52 -0.65
C VAL B 136 11.33 -19.57 -1.18
N PHE B 137 10.80 -20.72 -1.61
CA PHE B 137 11.61 -21.81 -2.15
C PHE B 137 11.24 -22.09 -3.60
N PRO B 138 12.18 -21.92 -4.53
CA PRO B 138 11.86 -22.16 -5.95
C PRO B 138 11.71 -23.65 -6.31
N LEU B 139 10.67 -24.00 -7.05
CA LEU B 139 10.42 -25.38 -7.45
C LEU B 139 10.68 -25.57 -8.94
N ALA B 140 11.70 -26.38 -9.28
CA ALA B 140 12.05 -26.64 -10.67
C ALA B 140 11.67 -28.07 -11.06
N PRO B 141 11.13 -28.28 -12.28
CA PRO B 141 10.75 -29.64 -12.68
C PRO B 141 11.95 -30.51 -13.01
N SER B 142 11.86 -31.82 -12.72
CA SER B 142 12.95 -32.74 -12.99
C SER B 142 12.80 -33.37 -14.37
N SER B 147 9.09 -33.13 -19.24
CA SER B 147 7.68 -32.77 -19.36
C SER B 147 7.17 -33.00 -20.77
N GLY B 148 7.96 -32.61 -21.76
CA GLY B 148 7.59 -32.78 -23.16
C GLY B 148 7.32 -31.47 -23.87
N GLY B 149 6.05 -31.13 -24.00
CA GLY B 149 5.64 -29.92 -24.68
C GLY B 149 5.38 -28.75 -23.75
N THR B 150 4.71 -29.01 -22.63
CA THR B 150 4.39 -27.95 -21.67
C THR B 150 5.05 -28.21 -20.32
N ALA B 151 5.84 -27.25 -19.82
CA ALA B 151 6.51 -27.37 -18.53
C ALA B 151 5.87 -26.48 -17.46
N ALA B 152 6.06 -26.80 -16.18
CA ALA B 152 5.49 -26.01 -15.10
C ALA B 152 6.56 -25.43 -14.19
N LEU B 153 6.36 -24.18 -13.75
CA LEU B 153 7.28 -23.49 -12.85
C LEU B 153 6.52 -22.75 -11.75
N GLY B 154 7.16 -22.55 -10.61
CA GLY B 154 6.54 -21.85 -9.49
C GLY B 154 7.34 -21.89 -8.21
N CYS B 155 6.88 -21.14 -7.21
CA CYS B 155 7.57 -21.06 -5.92
C CYS B 155 6.67 -21.51 -4.77
N LEU B 156 7.27 -21.94 -3.66
CA LEU B 156 6.51 -22.36 -2.48
C LEU B 156 6.71 -21.38 -1.32
N VAL B 157 5.60 -20.85 -0.80
CA VAL B 157 5.64 -19.93 0.33
C VAL B 157 5.36 -20.71 1.61
N LYS B 158 6.40 -20.99 2.41
CA LYS B 158 6.24 -21.77 3.64
C LYS B 158 6.67 -20.98 4.88
N ASP B 159 6.07 -21.31 6.04
CA ASP B 159 6.36 -20.71 7.34
C ASP B 159 6.12 -19.20 7.39
N TYR B 160 4.86 -18.77 7.40
CA TYR B 160 4.51 -17.36 7.48
C TYR B 160 3.17 -17.18 8.22
N PHE B 161 3.03 -16.09 8.97
CA PHE B 161 1.82 -15.80 9.71
C PHE B 161 1.72 -14.30 9.96
N PRO B 162 0.55 -13.68 9.73
CA PRO B 162 -0.72 -14.28 9.31
C PRO B 162 -1.05 -14.04 7.82
N GLU B 163 -2.29 -14.36 7.42
CA GLU B 163 -2.78 -14.16 6.06
C GLU B 163 -2.97 -12.65 5.77
N PRO B 164 -2.95 -12.22 4.50
CA PRO B 164 -2.80 -12.98 3.26
C PRO B 164 -1.42 -12.79 2.60
N VAL B 165 -1.27 -13.19 1.32
CA VAL B 165 -0.02 -13.01 0.57
C VAL B 165 -0.32 -12.80 -0.92
N THR B 166 0.07 -11.64 -1.47
CA THR B 166 -0.18 -11.32 -2.87
C THR B 166 1.01 -11.69 -3.73
N VAL B 167 0.87 -12.75 -4.54
CA VAL B 167 1.95 -13.19 -5.43
C VAL B 167 1.62 -12.86 -6.88
N SER B 168 2.45 -12.03 -7.51
CA SER B 168 2.22 -11.65 -8.90
C SER B 168 3.46 -11.93 -9.76
N TRP B 169 3.26 -12.57 -10.91
CA TRP B 169 4.37 -12.89 -11.81
C TRP B 169 4.67 -11.72 -12.73
N ASN B 170 5.95 -11.32 -12.82
CA ASN B 170 6.44 -10.21 -13.64
C ASN B 170 5.79 -8.87 -13.30
N SER B 171 5.48 -8.65 -12.01
CA SER B 171 4.86 -7.44 -11.48
C SER B 171 3.49 -7.12 -12.08
N GLY B 172 2.72 -8.17 -12.38
CA GLY B 172 1.38 -8.01 -12.93
C GLY B 172 1.29 -8.10 -14.45
N ALA B 173 2.37 -8.54 -15.11
CA ALA B 173 2.37 -8.66 -16.57
C ALA B 173 1.93 -10.06 -17.00
N LEU B 174 2.38 -11.08 -16.29
CA LEU B 174 2.03 -12.47 -16.62
C LEU B 174 0.80 -12.91 -15.83
N THR B 175 -0.37 -12.93 -16.49
CA THR B 175 -1.62 -13.32 -15.85
C THR B 175 -2.22 -14.62 -16.43
N SER B 176 -1.90 -14.93 -17.69
CA SER B 176 -2.43 -16.13 -18.35
C SER B 176 -1.75 -17.40 -17.84
N GLY B 177 -2.56 -18.38 -17.44
CA GLY B 177 -2.07 -19.64 -16.94
C GLY B 177 -1.54 -19.60 -15.52
N VAL B 178 -1.98 -18.61 -14.73
CA VAL B 178 -1.52 -18.47 -13.36
C VAL B 178 -2.59 -18.98 -12.38
N HIS B 179 -2.25 -20.02 -11.61
CA HIS B 179 -3.19 -20.60 -10.65
C HIS B 179 -2.79 -20.27 -9.21
N THR B 180 -3.69 -19.61 -8.46
CA THR B 180 -3.42 -19.26 -7.07
C THR B 180 -4.11 -20.25 -6.14
N PHE B 181 -3.34 -20.88 -5.25
CA PHE B 181 -3.88 -21.87 -4.32
C PHE B 181 -4.14 -21.28 -2.94
N PRO B 182 -5.19 -21.76 -2.24
CA PRO B 182 -5.44 -21.27 -0.88
C PRO B 182 -4.42 -21.83 0.10
N ALA B 183 -4.07 -21.05 1.14
CA ALA B 183 -3.10 -21.49 2.12
C ALA B 183 -3.64 -22.53 3.08
N VAL B 184 -2.79 -23.46 3.51
CA VAL B 184 -3.18 -24.49 4.46
C VAL B 184 -2.48 -24.26 5.80
N LEU B 185 -3.20 -24.47 6.89
CA LEU B 185 -2.66 -24.28 8.24
C LEU B 185 -1.82 -25.48 8.67
N GLN B 186 -0.53 -25.27 8.93
CA GLN B 186 0.37 -26.34 9.37
C GLN B 186 0.11 -26.74 10.84
N SER B 187 0.67 -27.88 11.29
CA SER B 187 0.50 -28.34 12.67
C SER B 187 1.11 -27.39 13.70
N SER B 188 2.11 -26.60 13.30
CA SER B 188 2.76 -25.65 14.20
C SER B 188 1.92 -24.38 14.37
N GLY B 189 1.34 -23.88 13.28
CA GLY B 189 0.51 -22.68 13.32
C GLY B 189 0.70 -21.71 12.16
N LEU B 190 1.77 -21.88 11.38
CA LEU B 190 2.05 -21.03 10.21
C LEU B 190 1.30 -21.55 8.95
N TYR B 191 1.27 -20.76 7.86
CA TYR B 191 0.55 -21.16 6.64
C TYR B 191 1.48 -21.62 5.49
N SER B 192 0.91 -22.20 4.41
CA SER B 192 1.71 -22.65 3.28
C SER B 192 0.98 -22.44 1.97
N LEU B 193 1.32 -21.35 1.26
CA LEU B 193 0.68 -21.02 0.00
C LEU B 193 1.55 -21.41 -1.20
N SER B 194 0.91 -21.87 -2.29
CA SER B 194 1.64 -22.25 -3.50
C SER B 194 1.06 -21.58 -4.74
N SER B 195 1.90 -21.39 -5.78
CA SER B 195 1.45 -20.76 -7.03
C SER B 195 2.27 -21.26 -8.21
N VAL B 196 1.60 -21.77 -9.25
CA VAL B 196 2.29 -22.29 -10.44
C VAL B 196 1.83 -21.60 -11.72
N VAL B 197 2.67 -21.63 -12.76
CA VAL B 197 2.34 -21.02 -14.05
C VAL B 197 2.71 -21.96 -15.20
N THR B 198 1.72 -22.32 -16.04
CA THR B 198 1.95 -23.22 -17.16
C THR B 198 2.55 -22.53 -18.37
N VAL B 199 3.83 -22.81 -18.66
CA VAL B 199 4.55 -22.23 -19.80
C VAL B 199 5.13 -23.34 -20.69
N PRO B 200 5.20 -23.14 -22.02
CA PRO B 200 5.74 -24.20 -22.89
C PRO B 200 7.23 -24.47 -22.69
N SER B 201 7.72 -25.63 -23.16
CA SER B 201 9.11 -26.03 -23.03
C SER B 201 10.07 -25.22 -23.91
N SER B 202 9.56 -24.56 -24.96
CA SER B 202 10.38 -23.75 -25.84
C SER B 202 10.85 -22.43 -25.20
N SER B 203 10.12 -21.95 -24.17
CA SER B 203 10.48 -20.71 -23.49
C SER B 203 11.46 -20.88 -22.32
N LEU B 204 12.02 -22.10 -22.14
CA LEU B 204 12.97 -22.34 -21.05
C LEU B 204 14.37 -21.90 -21.43
N GLY B 205 14.75 -20.70 -21.05
CA GLY B 205 16.06 -20.15 -21.34
C GLY B 205 16.01 -18.77 -21.96
N THR B 206 14.97 -18.50 -22.76
CA THR B 206 14.82 -17.20 -23.41
C THR B 206 14.01 -16.20 -22.58
N GLN B 207 13.18 -16.68 -21.63
CA GLN B 207 12.37 -15.80 -20.79
C GLN B 207 12.77 -15.89 -19.32
N THR B 208 12.55 -14.81 -18.57
CA THR B 208 12.88 -14.77 -17.14
C THR B 208 11.61 -14.75 -16.29
N TYR B 209 11.45 -15.73 -15.40
CA TYR B 209 10.28 -15.80 -14.55
C TYR B 209 10.65 -15.56 -13.08
N ILE B 210 10.06 -14.53 -12.46
CA ILE B 210 10.32 -14.21 -11.06
C ILE B 210 9.00 -14.10 -10.29
N CYS B 211 8.91 -14.78 -9.13
CA CYS B 211 7.70 -14.72 -8.33
C CYS B 211 7.82 -13.65 -7.22
N ASN B 212 6.93 -12.67 -7.23
CA ASN B 212 6.97 -11.58 -6.26
C ASN B 212 6.09 -11.87 -5.05
N VAL B 213 6.68 -12.35 -3.96
CA VAL B 213 5.93 -12.66 -2.74
C VAL B 213 5.86 -11.43 -1.85
N ASN B 214 4.64 -10.92 -1.61
CA ASN B 214 4.47 -9.73 -0.77
C ASN B 214 3.68 -10.05 0.50
N HIS B 215 4.28 -9.76 1.66
CA HIS B 215 3.63 -10.00 2.94
C HIS B 215 3.44 -8.66 3.64
N LYS B 216 2.20 -8.15 3.67
CA LYS B 216 1.88 -6.87 4.30
C LYS B 216 2.13 -6.79 5.82
N PRO B 217 1.78 -7.82 6.64
CA PRO B 217 2.01 -7.69 8.09
C PRO B 217 3.47 -7.61 8.52
N SER B 218 4.37 -8.35 7.87
CA SER B 218 5.78 -8.34 8.23
C SER B 218 6.67 -7.48 7.31
N ASN B 219 6.10 -6.94 6.21
CA ASN B 219 6.79 -6.10 5.23
C ASN B 219 8.02 -6.78 4.63
N THR B 220 7.82 -7.88 3.90
CA THR B 220 8.92 -8.62 3.30
C THR B 220 8.67 -8.88 1.81
N LYS B 221 9.52 -8.32 0.94
CA LYS B 221 9.39 -8.51 -0.49
C LYS B 221 10.61 -9.21 -1.06
N VAL B 222 10.54 -10.54 -1.23
CA VAL B 222 11.66 -11.32 -1.76
C VAL B 222 11.41 -11.77 -3.20
N ASP B 223 12.25 -11.32 -4.14
CA ASP B 223 12.11 -11.70 -5.54
C ASP B 223 12.94 -12.94 -5.83
N LYS B 224 12.29 -14.11 -5.92
CA LYS B 224 12.98 -15.36 -6.18
C LYS B 224 12.83 -15.79 -7.64
N LYS B 225 13.95 -16.11 -8.30
CA LYS B 225 13.92 -16.55 -9.69
C LYS B 225 13.77 -18.06 -9.77
N VAL B 226 12.88 -18.52 -10.64
CA VAL B 226 12.61 -19.95 -10.84
C VAL B 226 13.31 -20.41 -12.11
N GLU B 227 14.35 -21.23 -11.97
CA GLU B 227 15.14 -21.68 -13.11
C GLU B 227 15.52 -23.16 -13.00
N PRO B 228 15.22 -23.98 -14.03
CA PRO B 228 15.60 -25.40 -13.95
C PRO B 228 17.07 -25.61 -14.29
N ALA C 1 -33.71 -19.32 10.64
CA ALA C 1 -32.68 -19.05 9.64
C ALA C 1 -33.21 -19.27 8.21
N LEU C 2 -32.57 -18.64 7.22
CA LEU C 2 -32.97 -18.75 5.81
C LEU C 2 -32.56 -20.10 5.25
N THR C 3 -33.53 -20.90 4.75
CA THR C 3 -33.19 -22.22 4.22
C THR C 3 -32.71 -22.12 2.76
N GLN C 4 -31.39 -22.21 2.55
CA GLN C 4 -30.82 -22.12 1.21
C GLN C 4 -30.18 -23.46 0.78
N PRO C 5 -30.32 -23.85 -0.51
CA PRO C 5 -29.73 -25.12 -0.97
C PRO C 5 -28.22 -25.18 -0.79
N SER C 6 -27.70 -26.38 -0.52
CA SER C 6 -26.28 -26.64 -0.31
C SER C 6 -25.46 -26.41 -1.58
N SER C 7 -26.01 -26.84 -2.73
CA SER C 7 -25.35 -26.69 -4.03
C SER C 7 -26.34 -26.94 -5.18
N VAL C 8 -26.11 -26.29 -6.33
CA VAL C 8 -26.90 -26.50 -7.54
C VAL C 8 -25.98 -26.63 -8.77
N SER C 9 -26.43 -27.31 -9.83
CA SER C 9 -25.60 -27.54 -11.00
C SER C 9 -26.36 -27.49 -12.32
N ALA C 10 -25.70 -26.99 -13.39
CA ALA C 10 -26.27 -26.89 -14.73
C ALA C 10 -25.21 -26.81 -15.82
N ASN C 11 -25.55 -27.27 -17.04
CA ASN C 11 -24.66 -27.22 -18.20
C ASN C 11 -24.70 -25.82 -18.86
N PRO C 12 -23.65 -25.39 -19.59
CA PRO C 12 -23.68 -24.04 -20.21
C PRO C 12 -24.83 -23.79 -21.18
N GLY C 13 -25.41 -22.60 -21.11
CA GLY C 13 -26.53 -22.22 -21.96
C GLY C 13 -27.89 -22.60 -21.40
N GLU C 14 -27.92 -23.46 -20.37
CA GLU C 14 -29.15 -23.93 -19.74
C GLU C 14 -29.59 -22.99 -18.61
N THR C 15 -30.91 -22.84 -18.40
CA THR C 15 -31.44 -21.97 -17.34
C THR C 15 -31.40 -22.67 -15.97
N VAL C 16 -30.94 -21.95 -14.94
CA VAL C 16 -30.88 -22.50 -13.59
C VAL C 16 -31.78 -21.70 -12.62
N LYS C 17 -32.12 -22.30 -11.47
CA LYS C 17 -32.99 -21.65 -10.48
C LYS C 17 -32.54 -22.02 -9.07
N ILE C 18 -32.23 -21.02 -8.25
CA ILE C 18 -31.82 -21.23 -6.87
C ILE C 18 -32.92 -20.68 -5.96
N THR C 19 -33.21 -21.34 -4.83
CA THR C 19 -34.32 -20.91 -3.97
C THR C 19 -33.88 -20.46 -2.56
N CYS C 20 -34.84 -19.87 -1.77
CA CYS C 20 -34.61 -19.44 -0.41
C CYS C 20 -35.95 -19.43 0.28
N SER C 21 -36.22 -20.45 1.11
CA SER C 21 -37.51 -20.64 1.76
C SER C 21 -37.69 -19.88 3.07
N GLY C 22 -36.65 -19.82 3.89
CA GLY C 22 -36.74 -19.13 5.17
C GLY C 22 -36.77 -17.62 5.05
N GLY C 23 -37.13 -16.93 6.13
CA GLY C 23 -37.15 -15.48 6.13
C GLY C 23 -38.51 -14.86 5.88
N SER C 24 -38.69 -13.58 6.28
CA SER C 24 -39.96 -12.92 6.12
C SER C 24 -39.95 -11.82 5.04
N SER C 25 -39.14 -10.77 5.23
CA SER C 25 -39.04 -9.64 4.32
C SER C 25 -38.51 -10.01 2.90
N ASP C 26 -38.28 -9.02 2.03
CA ASP C 26 -37.77 -9.20 0.67
C ASP C 26 -36.41 -9.93 0.61
N TYR C 27 -35.98 -10.34 -0.59
CA TYR C 27 -34.75 -11.11 -0.74
C TYR C 27 -33.73 -10.48 -1.69
N GLY C 28 -32.46 -10.80 -1.46
CA GLY C 28 -31.35 -10.33 -2.26
C GLY C 28 -30.35 -11.44 -2.52
N TRP C 29 -29.60 -11.36 -3.61
CA TRP C 29 -28.62 -12.39 -3.96
C TRP C 29 -27.26 -11.80 -4.26
N TYR C 30 -26.22 -12.33 -3.63
CA TYR C 30 -24.86 -11.82 -3.81
C TYR C 30 -23.94 -12.96 -4.18
N GLN C 31 -23.23 -12.84 -5.32
CA GLN C 31 -22.30 -13.89 -5.73
C GLN C 31 -20.89 -13.67 -5.16
N GLN C 32 -20.20 -14.76 -4.84
CA GLN C 32 -18.85 -14.68 -4.30
C GLN C 32 -18.05 -15.85 -4.84
N LYS C 33 -17.24 -15.59 -5.86
CA LYS C 33 -16.44 -16.62 -6.51
C LYS C 33 -15.42 -17.29 -5.58
N SER C 34 -14.86 -16.53 -4.64
CA SER C 34 -13.86 -17.08 -3.72
C SER C 34 -13.97 -16.45 -2.34
N PRO C 35 -13.86 -17.25 -1.25
CA PRO C 35 -13.95 -16.67 0.10
C PRO C 35 -12.84 -15.66 0.37
N GLY C 36 -13.18 -14.57 1.04
CA GLY C 36 -12.24 -13.49 1.31
C GLY C 36 -12.44 -12.34 0.33
N SER C 37 -12.75 -12.69 -0.94
CA SER C 37 -13.01 -11.71 -2.00
C SER C 37 -14.41 -11.15 -1.82
N ALA C 38 -14.56 -9.85 -1.99
CA ALA C 38 -15.84 -9.15 -1.82
C ALA C 38 -16.95 -9.73 -2.67
N PRO C 39 -18.17 -9.87 -2.12
CA PRO C 39 -19.28 -10.34 -2.93
C PRO C 39 -19.78 -9.26 -3.90
N VAL C 40 -20.54 -9.66 -4.93
CA VAL C 40 -21.07 -8.72 -5.90
C VAL C 40 -22.58 -8.84 -5.89
N THR C 41 -23.30 -7.71 -5.73
CA THR C 41 -24.75 -7.71 -5.73
C THR C 41 -25.27 -8.13 -7.09
N VAL C 42 -26.01 -9.23 -7.13
CA VAL C 42 -26.58 -9.82 -8.33
C VAL C 42 -28.02 -9.33 -8.50
N ILE C 43 -28.79 -9.32 -7.42
CA ILE C 43 -30.15 -8.74 -7.33
C ILE C 43 -30.29 -8.13 -5.91
N TYR C 44 -30.87 -6.92 -5.79
CA TYR C 44 -31.03 -6.30 -4.46
C TYR C 44 -32.51 -6.37 -4.02
N GLU C 45 -33.42 -5.55 -4.57
CA GLU C 45 -34.85 -5.70 -4.26
C GLU C 45 -35.30 -6.94 -5.03
N ASN C 46 -36.36 -7.60 -4.56
CA ASN C 46 -36.90 -8.82 -5.17
C ASN C 46 -36.67 -9.01 -6.69
N ASN C 47 -37.03 -8.03 -7.54
CA ASN C 47 -36.81 -8.10 -8.99
C ASN C 47 -36.03 -6.89 -9.51
N LYS C 48 -35.00 -6.45 -8.77
CA LYS C 48 -34.18 -5.32 -9.17
C LYS C 48 -32.76 -5.80 -9.44
N ARG C 49 -32.13 -5.26 -10.49
CA ARG C 49 -30.79 -5.69 -10.88
C ARG C 49 -29.86 -4.50 -11.11
N PRO C 50 -28.60 -4.58 -10.66
CA PRO C 50 -27.66 -3.47 -10.89
C PRO C 50 -27.29 -3.32 -12.38
N SER C 51 -26.89 -2.11 -12.78
CA SER C 51 -26.53 -1.80 -14.17
C SER C 51 -25.36 -2.62 -14.72
N ASP C 52 -24.38 -2.95 -13.86
CA ASP C 52 -23.23 -3.72 -14.29
C ASP C 52 -23.55 -5.20 -14.48
N ILE C 53 -24.53 -5.75 -13.74
CA ILE C 53 -24.91 -7.15 -13.83
C ILE C 53 -25.71 -7.46 -15.11
N PRO C 54 -25.37 -8.55 -15.85
CA PRO C 54 -26.08 -8.83 -17.10
C PRO C 54 -27.55 -9.23 -16.96
N SER C 55 -28.32 -8.99 -18.05
CA SER C 55 -29.76 -9.23 -18.19
C SER C 55 -30.27 -10.65 -17.90
N ARG C 56 -29.38 -11.63 -17.84
CA ARG C 56 -29.79 -13.02 -17.60
C ARG C 56 -30.26 -13.30 -16.18
N PHE C 57 -29.87 -12.45 -15.20
CA PHE C 57 -30.26 -12.61 -13.80
C PHE C 57 -31.62 -11.98 -13.51
N SER C 58 -32.50 -12.72 -12.81
CA SER C 58 -33.85 -12.24 -12.49
C SER C 58 -34.37 -12.86 -11.20
N GLY C 59 -35.16 -12.08 -10.45
CA GLY C 59 -35.75 -12.55 -9.22
C GLY C 59 -37.26 -12.65 -9.26
N SER C 60 -37.87 -13.27 -8.25
CA SER C 60 -39.32 -13.42 -8.11
C SER C 60 -39.63 -13.92 -6.72
N LYS C 61 -40.46 -13.18 -5.95
CA LYS C 61 -40.80 -13.59 -4.59
C LYS C 61 -42.24 -14.07 -4.49
N PHE C 62 -42.44 -15.41 -4.50
CA PHE C 62 -43.77 -16.03 -4.39
C PHE C 62 -43.95 -16.64 -2.98
N GLY C 63 -44.55 -15.88 -2.07
CA GLY C 63 -44.74 -16.28 -0.69
C GLY C 63 -43.44 -16.13 0.09
N SER C 64 -43.14 -17.08 1.00
CA SER C 64 -41.86 -17.05 1.73
C SER C 64 -40.67 -17.52 0.83
N THR C 65 -40.94 -17.92 -0.43
CA THR C 65 -39.96 -18.42 -1.36
C THR C 65 -39.51 -17.37 -2.40
N HIS C 66 -38.20 -17.29 -2.66
CA HIS C 66 -37.66 -16.39 -3.70
C HIS C 66 -36.72 -17.21 -4.56
N THR C 67 -36.90 -17.13 -5.89
CA THR C 67 -36.05 -17.85 -6.82
C THR C 67 -35.18 -16.95 -7.68
N LEU C 68 -33.86 -17.14 -7.60
CA LEU C 68 -32.89 -16.43 -8.43
C LEU C 68 -32.76 -17.26 -9.71
N THR C 69 -32.86 -16.62 -10.88
CA THR C 69 -32.82 -17.34 -12.14
C THR C 69 -31.68 -16.89 -13.04
N ILE C 70 -30.89 -17.84 -13.57
CA ILE C 70 -29.80 -17.54 -14.50
C ILE C 70 -30.12 -18.21 -15.82
N THR C 71 -30.74 -17.48 -16.77
CA THR C 71 -31.07 -18.05 -18.07
C THR C 71 -29.87 -18.00 -19.02
N GLY C 72 -29.43 -19.18 -19.47
CA GLY C 72 -28.26 -19.29 -20.34
C GLY C 72 -26.97 -19.11 -19.56
N VAL C 73 -26.68 -20.05 -18.63
CA VAL C 73 -25.49 -19.93 -17.76
C VAL C 73 -24.20 -19.83 -18.55
N GLN C 74 -23.25 -19.07 -18.01
CA GLN C 74 -21.92 -18.86 -18.60
C GLN C 74 -20.81 -19.37 -17.65
N ALA C 75 -19.55 -19.34 -18.12
CA ALA C 75 -18.42 -19.77 -17.31
C ALA C 75 -18.19 -18.78 -16.19
N ASP C 76 -18.26 -17.46 -16.49
CA ASP C 76 -18.07 -16.44 -15.46
C ASP C 76 -19.25 -16.32 -14.48
N ASP C 77 -20.18 -17.30 -14.50
CA ASP C 77 -21.32 -17.34 -13.60
C ASP C 77 -21.11 -18.33 -12.42
N GLU C 78 -19.95 -18.99 -12.34
CA GLU C 78 -19.63 -19.93 -11.27
C GLU C 78 -19.22 -19.14 -10.04
N ALA C 79 -19.96 -19.29 -8.93
CA ALA C 79 -19.71 -18.59 -7.67
C ALA C 79 -20.55 -19.20 -6.51
N VAL C 80 -20.27 -18.82 -5.24
CA VAL C 80 -21.07 -19.27 -4.11
C VAL C 80 -22.09 -18.17 -3.88
N TYR C 81 -23.32 -18.35 -4.36
CA TYR C 81 -24.37 -17.34 -4.22
C TYR C 81 -24.98 -17.36 -2.84
N PHE C 82 -25.16 -16.19 -2.24
CA PHE C 82 -25.72 -16.08 -0.90
C PHE C 82 -27.11 -15.45 -0.91
N CYS C 83 -27.95 -15.84 0.05
CA CYS C 83 -29.31 -15.35 0.17
C CYS C 83 -29.34 -14.29 1.27
N GLY C 84 -29.99 -13.16 1.01
CA GLY C 84 -30.05 -12.09 2.00
C GLY C 84 -31.46 -11.64 2.29
N SER C 85 -31.89 -11.76 3.54
CA SER C 85 -33.23 -11.34 3.94
C SER C 85 -33.26 -11.03 5.47
N ARG C 86 -34.41 -11.11 6.14
CA ARG C 86 -34.51 -10.88 7.57
C ARG C 86 -35.03 -12.14 8.25
N ASP C 87 -34.43 -12.50 9.38
CA ASP C 87 -34.87 -13.62 10.21
C ASP C 87 -35.76 -13.05 11.32
N THR C 88 -36.46 -13.92 12.06
CA THR C 88 -37.37 -13.52 13.14
C THR C 88 -36.80 -12.40 14.05
N ASN C 89 -35.51 -12.49 14.44
CA ASN C 89 -34.93 -11.46 15.30
C ASN C 89 -34.43 -10.20 14.54
N ASN C 90 -33.47 -10.39 13.62
CA ASN C 90 -32.87 -9.30 12.86
C ASN C 90 -32.47 -9.77 11.45
N GLY C 91 -31.75 -8.94 10.69
CA GLY C 91 -31.32 -9.27 9.34
C GLY C 91 -30.39 -10.47 9.34
N ALA C 92 -30.58 -11.36 8.37
CA ALA C 92 -29.83 -12.59 8.34
C ALA C 92 -29.40 -13.05 6.94
N PHE C 93 -28.37 -13.91 6.89
CA PHE C 93 -27.86 -14.44 5.63
C PHE C 93 -28.13 -15.95 5.54
N GLY C 94 -28.12 -16.46 4.31
CA GLY C 94 -28.31 -17.88 4.06
C GLY C 94 -27.04 -18.69 4.27
N ALA C 95 -27.15 -20.01 4.13
CA ALA C 95 -25.99 -20.89 4.31
C ALA C 95 -24.99 -20.84 3.14
N GLY C 96 -25.46 -20.45 1.96
CA GLY C 96 -24.65 -20.39 0.75
C GLY C 96 -24.98 -21.52 -0.20
N THR C 97 -24.99 -21.22 -1.51
CA THR C 97 -25.25 -22.23 -2.53
C THR C 97 -24.10 -22.22 -3.48
N THR C 98 -23.48 -23.38 -3.73
CA THR C 98 -22.35 -23.45 -4.65
C THR C 98 -22.83 -23.89 -6.02
N LEU C 99 -22.61 -23.06 -7.05
CA LEU C 99 -23.02 -23.40 -8.40
C LEU C 99 -21.88 -24.01 -9.19
N THR C 100 -22.11 -25.17 -9.82
CA THR C 100 -21.08 -25.82 -10.62
C THR C 100 -21.55 -25.97 -12.07
N VAL C 101 -20.71 -25.53 -13.02
CA VAL C 101 -21.02 -25.63 -14.44
C VAL C 101 -20.59 -27.00 -14.99
N LEU C 102 -21.55 -27.78 -15.50
CA LEU C 102 -21.34 -29.12 -16.04
C LEU C 102 -20.51 -29.11 -17.31
N ARG C 103 -19.43 -29.88 -17.31
CA ARG C 103 -18.56 -29.99 -18.49
C ARG C 103 -18.09 -31.46 -18.70
N THR C 104 -17.26 -31.71 -19.74
CA THR C 104 -16.73 -33.05 -19.99
C THR C 104 -15.64 -33.42 -18.95
N VAL C 105 -15.29 -34.72 -18.86
CA VAL C 105 -14.27 -35.21 -17.94
C VAL C 105 -12.88 -34.72 -18.35
N ALA C 106 -12.09 -34.21 -17.40
CA ALA C 106 -10.74 -33.74 -17.68
C ALA C 106 -9.77 -34.43 -16.75
N ALA C 107 -8.69 -34.99 -17.30
CA ALA C 107 -7.69 -35.68 -16.51
C ALA C 107 -6.64 -34.68 -15.99
N PRO C 108 -6.09 -34.91 -14.78
CA PRO C 108 -5.10 -33.97 -14.24
C PRO C 108 -3.68 -34.21 -14.74
N SER C 109 -3.02 -33.15 -15.24
CA SER C 109 -1.63 -33.25 -15.69
C SER C 109 -0.79 -33.08 -14.42
N VAL C 110 -0.32 -34.20 -13.86
CA VAL C 110 0.43 -34.17 -12.60
C VAL C 110 1.87 -33.65 -12.78
N PHE C 111 2.32 -32.80 -11.82
CA PHE C 111 3.66 -32.22 -11.81
C PHE C 111 4.28 -32.36 -10.42
N ILE C 112 5.28 -33.25 -10.27
CA ILE C 112 5.94 -33.46 -8.99
C ILE C 112 7.15 -32.52 -8.85
N PHE C 113 7.32 -31.92 -7.66
CA PHE C 113 8.40 -30.96 -7.44
C PHE C 113 9.30 -31.30 -6.25
N PRO C 114 10.60 -31.52 -6.49
CA PRO C 114 11.53 -31.78 -5.38
C PRO C 114 11.88 -30.50 -4.63
N PRO C 115 12.12 -30.56 -3.31
CA PRO C 115 12.42 -29.33 -2.56
C PRO C 115 13.72 -28.63 -2.96
N SER C 116 13.79 -27.31 -2.72
CA SER C 116 14.95 -26.51 -3.07
C SER C 116 16.13 -26.78 -2.14
N ASP C 117 17.33 -26.33 -2.53
CA ASP C 117 18.56 -26.46 -1.74
C ASP C 117 18.36 -25.99 -0.30
N GLU C 118 17.89 -24.74 -0.14
CA GLU C 118 17.64 -24.12 1.16
C GLU C 118 16.61 -24.88 1.97
N GLN C 119 15.53 -25.35 1.33
CA GLN C 119 14.45 -26.10 2.00
C GLN C 119 14.99 -27.28 2.81
N LEU C 120 15.91 -28.04 2.22
CA LEU C 120 16.53 -29.20 2.87
C LEU C 120 17.34 -28.75 4.09
N LYS C 121 18.27 -27.80 3.91
CA LYS C 121 19.14 -27.29 4.98
C LYS C 121 18.37 -26.65 6.14
N SER C 122 17.13 -26.21 5.90
CA SER C 122 16.34 -25.55 6.94
C SER C 122 15.75 -26.49 8.01
N GLY C 123 16.22 -27.73 8.07
CA GLY C 123 15.76 -28.70 9.04
C GLY C 123 14.44 -29.40 8.71
N THR C 124 13.69 -28.84 7.75
CA THR C 124 12.41 -29.39 7.34
C THR C 124 12.19 -29.22 5.83
N ALA C 125 12.08 -30.33 5.09
CA ALA C 125 11.86 -30.28 3.65
C ALA C 125 10.53 -30.97 3.31
N SER C 126 9.74 -30.38 2.40
CA SER C 126 8.45 -30.96 2.02
C SER C 126 8.32 -31.22 0.51
N VAL C 127 7.69 -32.33 0.14
CA VAL C 127 7.50 -32.73 -1.25
C VAL C 127 6.20 -32.15 -1.80
N VAL C 128 6.21 -31.60 -3.02
CA VAL C 128 5.01 -31.00 -3.60
C VAL C 128 4.44 -31.80 -4.77
N CYS C 129 3.20 -32.28 -4.64
CA CYS C 129 2.51 -33.00 -5.71
C CYS C 129 1.44 -32.05 -6.23
N LEU C 130 1.45 -31.78 -7.54
CA LEU C 130 0.52 -30.83 -8.13
C LEU C 130 -0.39 -31.46 -9.19
N LEU C 131 -1.71 -31.21 -9.09
CA LEU C 131 -2.67 -31.72 -10.06
C LEU C 131 -3.30 -30.51 -10.73
N ASN C 132 -3.18 -30.37 -12.07
CA ASN C 132 -3.71 -29.19 -12.74
C ASN C 132 -4.79 -29.46 -13.80
N ASN C 133 -5.83 -28.62 -13.78
CA ASN C 133 -6.96 -28.60 -14.72
C ASN C 133 -7.66 -29.96 -14.92
N PHE C 134 -8.30 -30.47 -13.86
CA PHE C 134 -9.06 -31.73 -13.92
C PHE C 134 -10.56 -31.50 -13.71
N TYR C 135 -11.40 -32.55 -13.90
CA TYR C 135 -12.84 -32.51 -13.72
C TYR C 135 -13.37 -33.94 -13.57
N PRO C 136 -14.25 -34.24 -12.57
CA PRO C 136 -14.78 -33.35 -11.53
C PRO C 136 -13.87 -33.26 -10.30
N ARG C 137 -14.33 -32.61 -9.21
CA ARG C 137 -13.53 -32.50 -7.99
C ARG C 137 -13.15 -33.86 -7.39
N GLU C 138 -13.87 -34.93 -7.77
CA GLU C 138 -13.59 -36.28 -7.29
C GLU C 138 -12.15 -36.72 -7.55
N ALA C 139 -11.31 -36.70 -6.50
CA ALA C 139 -9.91 -37.10 -6.58
C ALA C 139 -9.37 -37.59 -5.24
N LYS C 140 -8.32 -38.41 -5.26
CA LYS C 140 -7.71 -38.92 -4.04
C LYS C 140 -6.19 -38.78 -4.13
N VAL C 141 -5.53 -38.52 -3.00
CA VAL C 141 -4.07 -38.39 -2.98
C VAL C 141 -3.46 -39.36 -1.97
N GLN C 142 -2.62 -40.29 -2.45
CA GLN C 142 -1.97 -41.25 -1.57
C GLN C 142 -0.45 -41.16 -1.73
N TRP C 143 0.28 -41.06 -0.61
CA TRP C 143 1.74 -40.97 -0.66
C TRP C 143 2.41 -42.33 -0.50
N LYS C 144 3.41 -42.61 -1.33
CA LYS C 144 4.13 -43.88 -1.28
C LYS C 144 5.64 -43.68 -1.20
N VAL C 145 6.19 -43.63 0.02
CA VAL C 145 7.64 -43.45 0.20
C VAL C 145 8.31 -44.80 0.35
N ASP C 146 9.10 -45.21 -0.66
CA ASP C 146 9.82 -46.49 -0.71
C ASP C 146 8.88 -47.69 -0.59
N ASN C 147 7.83 -47.71 -1.44
CA ASN C 147 6.80 -48.76 -1.50
C ASN C 147 6.05 -48.95 -0.18
N ALA C 148 5.74 -47.85 0.50
CA ALA C 148 5.01 -47.91 1.77
C ALA C 148 4.00 -46.78 1.84
N LEU C 149 2.75 -47.08 2.22
CA LEU C 149 1.69 -46.08 2.30
C LEU C 149 1.87 -45.11 3.47
N GLN C 150 1.76 -43.81 3.18
CA GLN C 150 1.91 -42.78 4.20
C GLN C 150 0.59 -42.04 4.40
N SER C 151 0.13 -41.91 5.66
CA SER C 151 -1.12 -41.24 5.94
C SER C 151 -1.07 -40.51 7.29
N GLY C 152 -1.69 -39.33 7.35
CA GLY C 152 -1.73 -38.54 8.57
C GLY C 152 -0.87 -37.29 8.50
N ASN C 153 0.26 -37.38 7.79
CA ASN C 153 1.16 -36.25 7.64
C ASN C 153 1.08 -35.59 6.27
N SER C 154 -0.13 -35.51 5.70
CA SER C 154 -0.33 -34.91 4.39
C SER C 154 -1.63 -34.13 4.32
N GLN C 155 -1.55 -32.84 3.96
CA GLN C 155 -2.73 -31.99 3.85
C GLN C 155 -2.95 -31.54 2.41
N GLU C 156 -4.20 -31.49 1.95
CA GLU C 156 -4.51 -31.09 0.57
C GLU C 156 -5.12 -29.69 0.48
N SER C 157 -5.00 -29.05 -0.69
CA SER C 157 -5.54 -27.71 -0.91
C SER C 157 -6.20 -27.62 -2.28
N VAL C 158 -7.54 -27.59 -2.31
CA VAL C 158 -8.31 -27.53 -3.56
C VAL C 158 -8.75 -26.09 -3.89
N THR C 159 -8.66 -25.71 -5.18
CA THR C 159 -9.10 -24.39 -5.62
C THR C 159 -10.53 -24.44 -6.17
N GLU C 160 -11.21 -23.29 -6.21
CA GLU C 160 -12.55 -23.21 -6.76
C GLU C 160 -12.56 -23.40 -8.29
N GLN C 161 -13.72 -23.77 -8.85
CA GLN C 161 -13.90 -24.01 -10.29
C GLN C 161 -13.44 -22.80 -11.11
N ASP C 162 -12.60 -23.04 -12.13
CA ASP C 162 -12.06 -21.97 -12.97
C ASP C 162 -13.15 -21.23 -13.74
N SER C 163 -13.01 -19.91 -13.88
CA SER C 163 -13.99 -19.08 -14.57
C SER C 163 -13.80 -19.02 -16.10
N LYS C 164 -12.94 -19.88 -16.66
CA LYS C 164 -12.71 -19.90 -18.11
C LYS C 164 -12.98 -21.29 -18.69
N ASP C 165 -12.27 -22.33 -18.21
CA ASP C 165 -12.45 -23.69 -18.71
C ASP C 165 -13.14 -24.65 -17.72
N SER C 166 -13.64 -24.13 -16.58
CA SER C 166 -14.35 -24.88 -15.53
C SER C 166 -13.59 -26.08 -14.97
N THR C 167 -12.28 -25.92 -14.76
CA THR C 167 -11.45 -27.00 -14.22
C THR C 167 -10.93 -26.71 -12.81
N TYR C 168 -10.61 -27.77 -12.06
CA TYR C 168 -10.11 -27.66 -10.69
C TYR C 168 -8.57 -27.86 -10.62
N SER C 169 -7.96 -27.64 -9.43
CA SER C 169 -6.53 -27.82 -9.24
C SER C 169 -6.23 -28.25 -7.80
N LEU C 170 -5.47 -29.33 -7.61
CA LEU C 170 -5.14 -29.85 -6.28
C LEU C 170 -3.68 -29.55 -5.90
N SER C 171 -3.38 -29.53 -4.60
CA SER C 171 -2.04 -29.26 -4.09
C SER C 171 -1.76 -30.04 -2.81
N SER C 172 -0.98 -31.12 -2.91
CA SER C 172 -0.62 -31.93 -1.74
C SER C 172 0.80 -31.65 -1.27
N THR C 173 1.06 -31.88 0.02
CA THR C 173 2.39 -31.65 0.63
C THR C 173 2.66 -32.66 1.75
N LEU C 174 3.73 -33.44 1.61
CA LEU C 174 4.12 -34.42 2.62
C LEU C 174 5.05 -33.75 3.63
N THR C 175 4.53 -33.44 4.83
CA THR C 175 5.32 -32.79 5.87
C THR C 175 6.34 -33.75 6.49
N LEU C 176 7.61 -33.63 6.08
CA LEU C 176 8.67 -34.51 6.59
C LEU C 176 9.86 -33.72 7.14
N SER C 177 10.57 -34.30 8.12
CA SER C 177 11.73 -33.67 8.73
C SER C 177 13.04 -34.02 7.97
N LYS C 178 14.13 -33.28 8.25
CA LYS C 178 15.44 -33.49 7.62
C LYS C 178 16.00 -34.89 7.89
N ALA C 179 15.76 -35.42 9.09
CA ALA C 179 16.24 -36.75 9.45
C ALA C 179 15.46 -37.88 8.77
N ASP C 180 14.18 -37.63 8.47
CA ASP C 180 13.34 -38.64 7.81
C ASP C 180 13.30 -38.54 6.28
N TYR C 181 13.86 -37.47 5.70
CA TYR C 181 13.86 -37.29 4.25
C TYR C 181 15.09 -37.91 3.59
N GLU C 182 16.25 -37.83 4.25
CA GLU C 182 17.49 -38.36 3.69
C GLU C 182 17.63 -39.89 3.80
N LYS C 183 16.75 -40.55 4.57
CA LYS C 183 16.82 -42.00 4.73
C LYS C 183 16.25 -42.75 3.52
N HIS C 184 15.30 -42.15 2.80
CA HIS C 184 14.70 -42.79 1.63
C HIS C 184 15.23 -42.21 0.31
N LYS C 185 15.09 -42.97 -0.79
CA LYS C 185 15.57 -42.53 -2.09
C LYS C 185 14.42 -42.34 -3.09
N VAL C 186 13.50 -43.31 -3.15
CA VAL C 186 12.37 -43.25 -4.07
C VAL C 186 11.14 -42.59 -3.46
N TYR C 187 10.67 -41.48 -4.05
CA TYR C 187 9.49 -40.78 -3.56
C TYR C 187 8.40 -40.80 -4.64
N ALA C 188 7.32 -41.56 -4.40
CA ALA C 188 6.24 -41.66 -5.37
C ALA C 188 4.96 -40.96 -4.91
N CYS C 189 4.13 -40.56 -5.88
CA CYS C 189 2.87 -39.88 -5.61
C CYS C 189 1.74 -40.56 -6.38
N GLU C 190 0.88 -41.30 -5.69
CA GLU C 190 -0.22 -41.98 -6.33
C GLU C 190 -1.42 -41.05 -6.54
N VAL C 191 -1.91 -40.96 -7.77
CA VAL C 191 -3.05 -40.10 -8.10
C VAL C 191 -4.27 -40.92 -8.49
N THR C 192 -5.36 -40.79 -7.72
CA THR C 192 -6.59 -41.53 -8.01
C THR C 192 -7.65 -40.58 -8.57
N HIS C 193 -8.19 -40.90 -9.76
CA HIS C 193 -9.20 -40.05 -10.39
C HIS C 193 -10.25 -40.89 -11.15
N GLN C 194 -11.44 -40.32 -11.35
CA GLN C 194 -12.54 -40.98 -12.05
C GLN C 194 -12.23 -41.14 -13.54
N GLY C 195 -11.58 -40.14 -14.13
CA GLY C 195 -11.21 -40.15 -15.53
C GLY C 195 -9.86 -40.78 -15.81
N LEU C 196 -9.48 -41.78 -15.01
CA LEU C 196 -8.20 -42.48 -15.16
C LEU C 196 -8.40 -43.97 -14.96
N SER C 197 -8.01 -44.79 -15.95
CA SER C 197 -8.14 -46.24 -15.85
C SER C 197 -7.09 -46.80 -14.89
N SER C 198 -5.87 -46.27 -14.95
CA SER C 198 -4.78 -46.69 -14.08
C SER C 198 -4.24 -45.48 -13.32
N PRO C 199 -3.95 -45.63 -12.01
CA PRO C 199 -3.45 -44.47 -11.25
C PRO C 199 -2.05 -44.04 -11.70
N VAL C 200 -1.94 -42.83 -12.24
CA VAL C 200 -0.66 -42.29 -12.71
C VAL C 200 0.23 -41.94 -11.53
N THR C 201 1.31 -42.70 -11.34
CA THR C 201 2.23 -42.46 -10.24
C THR C 201 3.57 -41.90 -10.72
N LYS C 202 3.83 -40.63 -10.44
CA LYS C 202 5.09 -40.00 -10.84
C LYS C 202 6.09 -40.12 -9.70
N SER C 203 7.30 -40.61 -10.00
CA SER C 203 8.33 -40.78 -8.99
C SER C 203 9.63 -40.08 -9.38
N PHE C 204 10.34 -39.54 -8.41
CA PHE C 204 11.61 -38.84 -8.67
C PHE C 204 12.72 -39.37 -7.77
N ASN C 205 13.96 -39.37 -8.28
CA ASN C 205 15.11 -39.83 -7.51
C ASN C 205 15.70 -38.72 -6.64
N ARG C 206 16.43 -39.09 -5.58
CA ARG C 206 17.05 -38.12 -4.68
C ARG C 206 18.24 -37.43 -5.36
N GLY C 207 19.07 -38.22 -6.04
CA GLY C 207 20.24 -37.70 -6.73
C GLY C 207 19.91 -37.03 -8.05
N HIS D 4 13.11 50.55 14.90
CA HIS D 4 12.34 50.87 13.68
C HIS D 4 12.54 49.79 12.60
N VAL D 5 13.31 49.95 11.48
CA VAL D 5 13.45 48.81 10.53
C VAL D 5 14.91 48.40 10.34
N PHE D 6 15.12 47.19 9.78
CA PHE D 6 16.43 46.69 9.47
C PHE D 6 16.31 45.91 8.19
N ILE D 7 17.03 46.34 7.15
CA ILE D 7 17.08 45.66 5.87
C ILE D 7 18.53 45.49 5.53
N ARG D 8 18.90 44.30 5.05
CA ARG D 8 20.30 44.03 4.65
C ARG D 8 20.26 42.94 3.57
N THR D 9 20.94 43.16 2.45
CA THR D 9 20.85 42.19 1.33
C THR D 9 22.23 41.89 0.77
N GLU D 10 22.59 40.61 0.65
CA GLU D 10 23.88 40.22 0.02
C GLU D 10 23.56 39.10 -0.99
N LEU D 11 24.12 39.17 -2.20
CA LEU D 11 23.76 38.17 -3.24
C LEU D 11 24.94 37.23 -3.52
N SER D 12 24.64 35.98 -3.88
CA SER D 12 25.69 35.00 -4.23
C SER D 12 25.26 34.29 -5.51
N PHE D 13 26.13 33.47 -6.08
CA PHE D 13 25.72 32.72 -7.25
C PHE D 13 25.98 31.22 -7.04
N ILE D 14 25.25 30.37 -7.76
CA ILE D 14 25.45 28.93 -7.68
C ILE D 14 25.51 28.34 -9.07
N LYS D 15 26.59 27.66 -9.41
CA LYS D 15 26.71 27.00 -10.71
C LYS D 15 26.03 25.62 -10.61
N ASN D 16 25.41 25.16 -11.71
CA ASN D 16 24.73 23.88 -11.73
C ASN D 16 25.01 23.21 -13.05
N ASN D 17 25.69 22.06 -12.99
CA ASN D 17 26.01 21.31 -14.19
C ASN D 17 24.87 20.40 -14.67
N VAL D 18 23.68 20.48 -14.05
CA VAL D 18 22.53 19.69 -14.44
C VAL D 18 21.45 20.63 -14.97
N PRO D 19 21.11 20.55 -16.27
CA PRO D 19 20.10 21.47 -16.82
C PRO D 19 18.67 21.11 -16.40
N CYS D 20 18.21 21.65 -15.27
CA CYS D 20 16.88 21.32 -14.77
C CYS D 20 15.77 21.93 -15.58
N ILE D 21 14.75 21.12 -15.87
CA ILE D 21 13.53 21.55 -16.55
C ILE D 21 12.76 22.43 -15.54
N ARG D 22 12.66 21.97 -14.30
CA ARG D 22 12.01 22.70 -13.23
C ARG D 22 12.83 22.51 -11.93
N ASP D 23 12.94 23.60 -11.12
CA ASP D 23 13.64 23.60 -9.83
C ASP D 23 12.63 23.66 -8.72
N MET D 24 12.95 23.07 -7.57
CA MET D 24 12.05 23.08 -6.43
C MET D 24 12.93 23.22 -5.20
N PHE D 25 13.15 24.45 -4.74
CA PHE D 25 14.06 24.68 -3.61
C PHE D 25 13.40 24.38 -2.27
N PHE D 26 14.23 24.00 -1.31
CA PHE D 26 13.77 23.78 0.05
C PHE D 26 14.90 24.01 1.07
N ILE D 27 14.55 24.30 2.32
CA ILE D 27 15.54 24.50 3.37
C ILE D 27 15.26 23.43 4.37
N TYR D 28 16.23 22.55 4.59
CA TYR D 28 16.09 21.52 5.60
C TYR D 28 17.29 21.66 6.53
N LYS D 29 17.05 21.75 7.85
CA LYS D 29 18.08 21.92 8.88
C LYS D 29 19.00 23.07 8.56
N ARG D 30 18.38 24.20 8.30
CA ARG D 30 18.97 25.48 7.94
C ARG D 30 19.86 25.42 6.69
N GLU D 31 19.66 24.44 5.78
CA GLU D 31 20.47 24.37 4.57
C GLU D 31 19.63 24.29 3.32
N LEU D 32 20.13 24.84 2.19
CA LEU D 32 19.40 24.87 0.93
C LEU D 32 19.63 23.66 0.03
N TYR D 33 18.52 23.03 -0.40
CA TYR D 33 18.50 21.88 -1.30
C TYR D 33 17.61 22.20 -2.46
N ASN D 34 17.76 21.46 -3.56
CA ASN D 34 16.95 21.61 -4.77
C ASN D 34 16.40 20.25 -5.20
N ILE D 35 15.22 20.18 -5.84
CA ILE D 35 14.74 18.92 -6.42
C ILE D 35 14.74 19.09 -7.94
N CYS D 36 15.91 18.89 -8.54
CA CYS D 36 16.16 19.06 -9.96
C CYS D 36 15.50 17.99 -10.81
N LEU D 37 14.73 18.39 -11.83
CA LEU D 37 14.13 17.47 -12.78
C LEU D 37 14.97 17.52 -14.07
N ASP D 38 15.70 16.46 -14.39
CA ASP D 38 16.54 16.41 -15.58
C ASP D 38 15.88 15.53 -16.64
N ASP D 39 15.24 16.15 -17.64
CA ASP D 39 14.55 15.39 -18.69
C ASP D 39 14.69 16.09 -20.04
N THR D 47 15.73 9.98 -17.64
CA THR D 47 15.07 11.02 -16.84
C THR D 47 15.50 10.92 -15.38
N HIS D 48 15.70 12.08 -14.71
CA HIS D 48 16.15 12.08 -13.33
C HIS D 48 15.39 13.05 -12.47
N ILE D 49 15.23 12.71 -11.21
CA ILE D 49 14.63 13.59 -10.23
C ILE D 49 15.66 13.65 -9.13
N TYR D 50 16.73 14.40 -9.40
CA TYR D 50 17.89 14.58 -8.52
C TYR D 50 17.56 15.42 -7.29
N VAL D 51 18.15 15.10 -6.15
CA VAL D 51 18.03 15.89 -4.93
C VAL D 51 19.39 16.57 -4.75
N GLN D 52 19.51 17.83 -5.14
CA GLN D 52 20.78 18.55 -5.04
C GLN D 52 20.93 19.31 -3.73
N LYS D 53 22.14 19.80 -3.43
CA LYS D 53 22.36 20.56 -2.21
C LYS D 53 23.40 21.63 -2.47
N LYS D 54 23.17 22.85 -1.98
CA LYS D 54 24.12 23.94 -2.17
C LYS D 54 25.36 23.71 -1.29
N VAL D 55 26.56 23.59 -1.89
CA VAL D 55 27.82 23.41 -1.16
C VAL D 55 28.81 24.43 -1.71
N LYS D 56 29.03 25.52 -0.98
CA LYS D 56 29.84 26.65 -1.45
C LYS D 56 29.13 27.26 -2.66
N ASP D 57 29.75 27.39 -3.84
CA ASP D 57 29.06 28.00 -4.97
C ASP D 57 28.72 27.01 -6.07
N SER D 58 28.21 25.84 -5.68
CA SER D 58 27.84 24.82 -6.64
C SER D 58 26.76 23.90 -6.08
N TRP D 59 25.87 23.41 -6.95
CA TRP D 59 24.85 22.45 -6.56
C TRP D 59 25.52 21.08 -6.66
N ILE D 60 25.46 20.30 -5.57
CA ILE D 60 26.04 18.97 -5.51
C ILE D 60 24.92 17.96 -5.57
N THR D 61 24.95 17.04 -6.55
CA THR D 61 23.89 16.05 -6.69
C THR D 61 24.04 14.96 -5.64
N LEU D 62 23.01 14.73 -4.84
CA LEU D 62 23.11 13.76 -3.76
C LEU D 62 22.47 12.41 -4.05
N ASN D 63 21.35 12.38 -4.74
CA ASN D 63 20.63 11.14 -5.00
C ASN D 63 19.61 11.34 -6.12
N ASP D 64 19.35 10.30 -6.94
CA ASP D 64 18.33 10.38 -7.98
C ASP D 64 17.15 9.56 -7.49
N LEU D 65 15.98 10.17 -7.34
CA LEU D 65 14.80 9.47 -6.86
C LEU D 65 14.10 8.69 -7.98
N PHE D 66 14.20 9.16 -9.23
CA PHE D 66 13.58 8.49 -10.36
C PHE D 66 14.24 7.17 -10.72
N LYS D 67 15.52 6.97 -10.36
CA LYS D 67 16.24 5.72 -10.66
C LYS D 67 15.61 4.53 -9.93
N GLU D 68 15.24 4.74 -8.67
CA GLU D 68 14.60 3.72 -7.84
C GLU D 68 13.06 3.81 -7.96
N THR D 69 12.55 4.07 -9.17
CA THR D 69 11.12 4.23 -9.39
C THR D 69 10.59 3.39 -10.55
N ASP D 70 9.57 2.59 -10.23
CA ASP D 70 8.85 1.69 -11.13
C ASP D 70 8.07 2.50 -12.19
N LEU D 71 7.39 3.56 -11.76
CA LEU D 71 6.58 4.41 -12.63
C LEU D 71 7.40 5.26 -13.63
N THR D 72 6.71 5.67 -14.72
CA THR D 72 7.25 6.45 -15.82
C THR D 72 6.54 7.81 -15.96
N GLY D 73 7.20 8.72 -16.68
CA GLY D 73 6.66 10.05 -16.89
C GLY D 73 7.02 10.97 -15.75
N ARG D 74 6.96 12.28 -16.00
CA ARG D 74 7.25 13.30 -14.99
C ARG D 74 6.16 13.22 -13.94
N PRO D 75 6.48 12.81 -12.70
CA PRO D 75 5.44 12.68 -11.69
C PRO D 75 5.17 13.99 -10.94
N HIS D 76 4.21 13.94 -10.02
CA HIS D 76 3.88 15.05 -9.17
C HIS D 76 4.78 14.97 -7.97
N ILE D 77 5.51 16.03 -7.68
CA ILE D 77 6.45 16.01 -6.57
C ILE D 77 5.93 16.82 -5.40
N PHE D 78 5.66 16.15 -4.29
CA PHE D 78 5.21 16.84 -3.08
C PHE D 78 6.29 16.60 -2.02
N ALA D 79 7.05 17.62 -1.66
CA ALA D 79 8.11 17.50 -0.65
C ALA D 79 7.67 18.18 0.64
N TYR D 80 7.79 17.50 1.78
CA TYR D 80 7.39 18.05 3.07
C TYR D 80 8.58 18.11 3.98
N VAL D 81 8.89 19.28 4.55
CA VAL D 81 10.08 19.45 5.40
C VAL D 81 9.71 19.65 6.87
N ASP D 82 9.79 18.58 7.67
CA ASP D 82 9.50 18.66 9.11
C ASP D 82 10.84 18.87 9.86
N VAL D 83 10.81 18.91 11.21
CA VAL D 83 12.02 19.21 11.99
C VAL D 83 13.15 18.20 11.77
N GLU D 84 12.86 16.90 11.94
CA GLU D 84 13.90 15.88 11.84
C GLU D 84 13.77 15.01 10.62
N GLU D 85 13.19 15.53 9.52
CA GLU D 85 13.04 14.72 8.31
C GLU D 85 12.54 15.45 7.08
N ILE D 86 12.98 14.99 5.93
CA ILE D 86 12.45 15.39 4.63
C ILE D 86 11.59 14.20 4.16
N ILE D 87 10.47 14.45 3.53
CA ILE D 87 9.65 13.40 2.91
C ILE D 87 9.31 13.90 1.52
N ILE D 88 9.56 13.12 0.49
CA ILE D 88 9.28 13.53 -0.88
C ILE D 88 8.42 12.45 -1.51
N LEU D 89 7.36 12.85 -2.22
CA LEU D 89 6.47 11.89 -2.87
C LEU D 89 6.51 12.08 -4.36
N LEU D 90 6.58 11.00 -5.10
CA LEU D 90 6.53 11.06 -6.56
C LEU D 90 5.23 10.39 -6.92
N CYS D 91 4.30 11.12 -7.56
CA CYS D 91 2.98 10.57 -7.85
C CYS D 91 2.61 10.54 -9.32
N GLU D 92 2.19 9.38 -9.83
CA GLU D 92 1.78 9.20 -11.21
C GLU D 92 0.50 9.99 -11.49
N ASP D 93 0.46 10.83 -12.56
CA ASP D 93 -0.75 11.63 -12.83
C ASP D 93 -1.80 10.80 -13.61
N GLU D 94 -1.41 10.19 -14.75
CA GLU D 94 -2.32 9.36 -15.54
C GLU D 94 -1.65 8.06 -16.01
N THR D 104 -1.21 6.13 -7.49
CA THR D 104 -0.13 5.51 -6.71
C THR D 104 1.11 6.41 -6.57
N CYS D 105 1.56 6.62 -5.34
CA CYS D 105 2.75 7.41 -5.05
C CYS D 105 3.93 6.55 -4.62
N HIS D 106 5.10 7.15 -4.60
CA HIS D 106 6.32 6.52 -4.16
C HIS D 106 6.80 7.46 -3.05
N ARG D 107 6.81 7.01 -1.81
CA ARG D 107 7.17 7.86 -0.67
C ARG D 107 8.62 7.68 -0.22
N PHE D 108 9.45 8.71 -0.43
CA PHE D 108 10.87 8.76 -0.09
C PHE D 108 11.08 9.46 1.24
N TYR D 109 11.87 8.88 2.12
CA TYR D 109 12.12 9.45 3.43
C TYR D 109 13.63 9.65 3.64
N SER D 110 14.02 10.78 4.21
CA SER D 110 15.41 11.05 4.55
C SER D 110 15.49 11.80 5.85
N ASN D 111 16.67 11.76 6.48
CA ASN D 111 16.91 12.60 7.65
C ASN D 111 18.31 13.26 7.63
N ASP D 112 19.04 13.13 6.54
CA ASP D 112 20.32 13.80 6.33
C ASP D 112 20.35 14.66 5.06
N GLY D 113 19.45 14.36 4.11
CA GLY D 113 19.39 15.06 2.84
C GLY D 113 19.93 14.25 1.68
N LYS D 114 20.76 13.22 1.98
CA LYS D 114 21.41 12.36 0.99
C LYS D 114 20.79 10.95 0.93
N GLU D 115 20.66 10.28 2.09
CA GLU D 115 20.10 8.93 2.25
C GLU D 115 18.60 9.01 2.08
N TYR D 116 18.02 8.25 1.14
CA TYR D 116 16.57 8.22 0.97
C TYR D 116 16.10 6.81 0.92
N ASN D 117 14.94 6.53 1.52
CA ASN D 117 14.40 5.17 1.49
C ASN D 117 12.93 5.17 1.03
N ASN D 118 12.73 4.78 -0.23
CA ASN D 118 11.40 4.78 -0.82
C ASN D 118 10.48 3.68 -0.34
N ALA D 119 9.18 3.84 -0.62
CA ALA D 119 8.13 2.93 -0.24
C ALA D 119 6.93 3.25 -1.13
N GLU D 120 6.49 2.35 -2.01
CA GLU D 120 5.34 2.62 -2.89
C GLU D 120 4.05 2.58 -2.04
N ILE D 121 3.29 3.66 -2.06
CA ILE D 121 2.00 3.75 -1.37
C ILE D 121 0.89 3.83 -2.44
N THR D 122 -0.38 3.75 -2.04
CA THR D 122 -1.48 3.87 -2.98
C THR D 122 -2.66 4.62 -2.37
N ILE D 123 -2.97 5.80 -2.89
CA ILE D 123 -4.11 6.58 -2.38
C ILE D 123 -5.38 6.09 -3.08
N SER D 124 -5.92 4.93 -2.61
CA SER D 124 -7.11 4.28 -3.17
C SER D 124 -8.29 5.24 -3.29
N ASP D 125 -8.89 5.33 -4.49
CA ASP D 125 -10.04 6.20 -4.77
C ASP D 125 -9.87 7.64 -4.23
N TYR D 126 -8.79 8.30 -4.62
CA TYR D 126 -8.48 9.65 -4.17
C TYR D 126 -9.55 10.67 -4.56
N ILE D 127 -9.72 11.68 -3.72
CA ILE D 127 -10.72 12.73 -3.92
C ILE D 127 -10.34 13.74 -5.02
N LEU D 128 -9.04 13.88 -5.31
CA LEU D 128 -8.53 14.80 -6.31
C LEU D 128 -8.47 14.13 -7.69
N LYS D 129 -9.40 13.22 -7.99
CA LYS D 129 -9.41 12.49 -9.26
C LYS D 129 -9.75 13.41 -10.42
N ASP D 130 -10.84 14.17 -10.30
CA ASP D 130 -11.23 15.10 -11.35
C ASP D 130 -10.69 16.53 -11.08
N LYS D 131 -9.54 16.62 -10.39
CA LYS D 131 -8.88 17.88 -10.02
C LYS D 131 -7.50 18.00 -10.64
N LEU D 132 -7.03 19.23 -10.82
CA LEU D 132 -5.71 19.51 -11.40
C LEU D 132 -4.68 19.61 -10.26
N LEU D 133 -3.59 18.80 -10.30
CA LEU D 133 -2.54 18.88 -9.27
C LEU D 133 -1.24 19.44 -9.84
N SER D 134 -0.33 19.94 -8.97
CA SER D 134 0.99 20.40 -9.40
C SER D 134 2.04 20.26 -8.28
N SER D 135 3.31 20.11 -8.64
CA SER D 135 4.40 19.93 -7.68
C SER D 135 4.73 21.14 -6.79
N TYR D 136 4.90 20.90 -5.48
CA TYR D 136 5.27 21.96 -4.55
C TYR D 136 6.00 21.46 -3.29
N VAL D 137 6.61 22.39 -2.54
CA VAL D 137 7.27 22.08 -1.27
C VAL D 137 6.36 22.64 -0.19
N SER D 138 6.11 21.86 0.85
CA SER D 138 5.24 22.28 1.93
C SER D 138 5.84 21.92 3.31
N LEU D 139 5.07 22.14 4.37
CA LEU D 139 5.46 21.85 5.74
C LEU D 139 4.22 21.24 6.42
N PRO D 140 4.40 20.50 7.55
CA PRO D 140 3.22 20.02 8.30
C PRO D 140 2.37 21.17 8.85
N LEU D 141 1.05 21.00 8.88
CA LEU D 141 0.12 22.00 9.41
C LEU D 141 -0.58 21.34 10.61
N LYS D 142 -0.28 21.82 11.81
CA LYS D 142 -0.83 21.22 13.02
C LYS D 142 -2.24 21.73 13.31
N ILE D 143 -3.20 20.82 13.27
CA ILE D 143 -4.58 21.12 13.58
C ILE D 143 -4.96 20.28 14.80
N GLU D 144 -5.35 20.94 15.89
CA GLU D 144 -5.79 20.27 17.12
C GLU D 144 -4.93 19.06 17.56
N ASN D 145 -3.63 19.32 17.84
CA ASN D 145 -2.66 18.31 18.28
C ASN D 145 -2.56 17.11 17.34
N ARG D 146 -2.11 17.39 16.09
CA ARG D 146 -1.94 16.42 15.01
C ARG D 146 -1.37 17.19 13.80
N GLU D 147 -0.10 16.94 13.38
CA GLU D 147 0.50 17.60 12.22
C GLU D 147 -0.08 16.97 10.94
N TYR D 148 -0.20 17.75 9.85
CA TYR D 148 -0.79 17.25 8.61
C TYR D 148 -0.01 17.62 7.37
N PHE D 149 0.20 16.67 6.44
CA PHE D 149 0.83 16.99 5.16
C PHE D 149 -0.32 17.19 4.19
N LEU D 150 -0.30 18.21 3.33
CA LEU D 150 -1.44 18.46 2.46
C LEU D 150 -1.22 18.26 0.97
N ILE D 151 -2.03 17.42 0.31
CA ILE D 151 -1.96 17.30 -1.15
C ILE D 151 -3.22 18.01 -1.59
N CYS D 152 -3.08 19.24 -2.15
CA CYS D 152 -4.20 20.09 -2.54
C CYS D 152 -4.30 20.30 -4.03
N GLY D 153 -5.53 20.23 -4.53
CA GLY D 153 -5.82 20.41 -5.94
C GLY D 153 -6.93 21.39 -6.22
N VAL D 154 -7.01 21.85 -7.47
CA VAL D 154 -8.05 22.81 -7.84
C VAL D 154 -8.87 22.34 -9.03
N SER D 155 -10.14 22.73 -9.07
CA SER D 155 -10.99 22.39 -10.24
C SER D 155 -10.55 23.25 -11.41
N PRO D 156 -10.48 22.73 -12.66
CA PRO D 156 -9.99 23.52 -13.79
C PRO D 156 -10.95 24.64 -14.23
N TYR D 157 -12.21 24.32 -14.52
CA TYR D 157 -13.17 25.34 -15.03
C TYR D 157 -14.55 24.94 -14.57
N LYS D 158 -14.76 24.90 -13.25
CA LYS D 158 -16.09 24.56 -12.68
C LYS D 158 -17.11 25.58 -13.16
N PHE D 159 -18.36 25.16 -13.38
CA PHE D 159 -19.38 26.09 -13.93
C PHE D 159 -20.59 26.17 -13.00
N LYS D 160 -20.61 25.40 -11.92
CA LYS D 160 -21.72 25.55 -10.97
C LYS D 160 -21.22 26.21 -9.68
N ASP D 161 -21.87 27.31 -9.27
CA ASP D 161 -21.53 28.00 -8.01
C ASP D 161 -22.03 27.14 -6.88
N ASP D 162 -21.17 26.22 -6.42
CA ASP D 162 -21.49 25.25 -5.38
C ASP D 162 -20.33 25.06 -4.40
N ASP D 166 -16.81 21.25 -3.69
CA ASP D 166 -15.97 22.40 -3.43
C ASP D 166 -14.91 22.59 -4.52
N ASP D 167 -14.48 23.83 -4.72
CA ASP D 167 -13.53 24.26 -5.76
C ASP D 167 -12.11 23.82 -5.47
N ILE D 168 -11.65 24.01 -4.24
CA ILE D 168 -10.32 23.58 -3.81
C ILE D 168 -10.52 22.38 -2.90
N LEU D 169 -9.76 21.32 -3.13
CA LEU D 169 -9.88 20.12 -2.34
C LEU D 169 -8.51 19.75 -1.78
N CYS D 170 -8.45 19.33 -0.51
CA CYS D 170 -7.19 18.95 0.12
C CYS D 170 -7.32 17.61 0.78
N MET D 171 -6.41 16.67 0.48
CA MET D 171 -6.37 15.43 1.22
C MET D 171 -5.15 15.49 2.14
N ALA D 172 -5.35 15.19 3.41
CA ALA D 172 -4.30 15.30 4.42
C ALA D 172 -3.81 13.95 4.95
N SER D 173 -2.59 13.93 5.51
CA SER D 173 -2.02 12.73 6.11
C SER D 173 -1.39 13.07 7.44
N HIS D 174 -1.87 12.46 8.53
CA HIS D 174 -1.31 12.72 9.86
C HIS D 174 -0.41 11.59 10.33
N ASP D 175 0.33 10.96 9.40
CA ASP D 175 1.28 9.91 9.72
C ASP D 175 2.47 9.97 8.77
N LYS D 176 2.97 11.19 8.56
CA LYS D 176 4.10 11.47 7.69
C LYS D 176 3.90 10.94 6.28
N GLY D 177 2.68 11.04 5.77
CA GLY D 177 2.38 10.65 4.39
C GLY D 177 2.12 9.20 4.12
N GLU D 178 1.97 8.39 5.16
CA GLU D 178 1.72 6.96 4.99
C GLU D 178 0.33 6.63 4.46
N THR D 179 -0.70 7.26 5.04
CA THR D 179 -2.10 7.10 4.65
C THR D 179 -2.73 8.47 4.52
N TRP D 180 -3.52 8.67 3.45
CA TRP D 180 -4.14 9.95 3.14
C TRP D 180 -5.66 9.95 3.29
N GLY D 181 -6.13 9.62 4.48
CA GLY D 181 -7.57 9.53 4.76
C GLY D 181 -8.33 10.76 5.26
N THR D 182 -7.63 11.84 5.60
CA THR D 182 -8.30 13.03 6.12
C THR D 182 -8.64 13.98 4.97
N LYS D 183 -9.75 14.70 5.07
CA LYS D 183 -10.16 15.64 4.04
C LYS D 183 -10.36 17.01 4.63
N ILE D 184 -9.42 17.93 4.34
CA ILE D 184 -9.50 19.32 4.81
C ILE D 184 -10.48 20.04 3.89
N VAL D 185 -11.48 20.70 4.45
CA VAL D 185 -12.48 21.39 3.65
C VAL D 185 -12.05 22.81 3.41
N ILE D 186 -11.81 23.19 2.14
CA ILE D 186 -11.41 24.57 1.83
C ILE D 186 -12.61 25.27 1.19
N LYS D 187 -13.06 26.40 1.77
CA LYS D 187 -14.22 27.12 1.25
C LYS D 187 -13.77 28.44 0.63
N TYR D 188 -13.62 28.47 -0.71
CA TYR D 188 -13.17 29.67 -1.39
C TYR D 188 -14.28 30.29 -2.20
N ASP D 189 -14.94 31.28 -1.58
CA ASP D 189 -16.09 32.00 -2.10
C ASP D 189 -15.83 32.86 -3.33
N ASN D 190 -14.59 33.31 -3.53
CA ASN D 190 -14.29 34.17 -4.68
C ASN D 190 -13.93 33.35 -5.94
N TYR D 191 -14.40 32.09 -6.03
CA TYR D 191 -14.12 31.23 -7.20
C TYR D 191 -15.10 31.61 -8.30
N LYS D 192 -14.64 32.44 -9.24
CA LYS D 192 -15.48 32.93 -10.34
C LYS D 192 -15.58 31.91 -11.50
N LEU D 193 -16.71 31.92 -12.24
CA LEU D 193 -16.92 31.02 -13.38
C LEU D 193 -16.32 31.62 -14.65
N GLY D 194 -15.72 30.75 -15.47
CA GLY D 194 -15.11 31.14 -16.73
C GLY D 194 -13.68 31.61 -16.57
N VAL D 195 -12.96 31.02 -15.62
CA VAL D 195 -11.57 31.40 -15.37
C VAL D 195 -10.81 30.15 -14.82
N GLN D 196 -9.68 29.81 -15.46
CA GLN D 196 -8.93 28.60 -15.09
C GLN D 196 -7.87 28.83 -14.00
N TYR D 197 -7.81 27.90 -13.02
CA TYR D 197 -6.90 27.99 -11.89
C TYR D 197 -5.79 26.99 -12.09
N PHE D 198 -4.54 27.42 -11.96
CA PHE D 198 -3.41 26.50 -12.13
C PHE D 198 -2.27 26.81 -11.20
N PHE D 199 -1.42 25.82 -10.94
CA PHE D 199 -0.26 25.94 -10.06
C PHE D 199 -0.64 26.30 -8.63
N LEU D 200 -1.69 25.64 -8.10
CA LEU D 200 -2.11 25.90 -6.74
C LEU D 200 -1.12 25.23 -5.78
N ARG D 201 -0.54 26.02 -4.89
CA ARG D 201 0.37 25.49 -3.89
C ARG D 201 0.06 26.16 -2.56
N PRO D 202 -0.13 25.40 -1.48
CA PRO D 202 -0.41 26.04 -0.18
C PRO D 202 0.84 26.67 0.43
N TYR D 203 0.64 27.73 1.21
CA TYR D 203 1.68 28.43 1.94
C TYR D 203 1.33 28.31 3.44
N ILE D 204 2.15 27.59 4.24
CA ILE D 204 1.89 27.44 5.67
C ILE D 204 2.94 28.21 6.47
N SER D 205 2.51 28.94 7.49
CA SER D 205 3.39 29.67 8.40
C SER D 205 2.60 29.97 9.66
N LYS D 206 3.16 29.62 10.83
CA LYS D 206 2.53 29.80 12.14
C LYS D 206 1.25 28.96 12.27
N ASN D 207 1.23 27.77 11.63
CA ASN D 207 0.03 26.94 11.61
C ASN D 207 -1.20 27.67 11.04
N ASP D 208 -0.96 28.57 10.08
CA ASP D 208 -2.01 29.32 9.41
C ASP D 208 -1.88 28.98 7.93
N LEU D 209 -3.01 28.62 7.29
CA LEU D 209 -2.99 28.16 5.90
C LEU D 209 -3.45 29.22 4.94
N SER D 210 -2.76 29.31 3.81
CA SER D 210 -3.03 30.23 2.71
C SER D 210 -2.73 29.47 1.42
N PHE D 211 -3.18 29.99 0.27
CA PHE D 211 -2.88 29.35 -1.00
C PHE D 211 -2.43 30.36 -2.00
N HIS D 212 -1.43 30.00 -2.77
CA HIS D 212 -0.87 30.85 -3.81
C HIS D 212 -1.10 30.16 -5.14
N PHE D 213 -2.02 30.67 -5.96
CA PHE D 213 -2.34 30.04 -7.24
C PHE D 213 -2.31 31.04 -8.41
N TYR D 214 -2.50 30.57 -9.64
CA TYR D 214 -2.55 31.42 -10.82
C TYR D 214 -3.96 31.39 -11.39
N VAL D 215 -4.35 32.43 -12.13
CA VAL D 215 -5.65 32.45 -12.76
C VAL D 215 -5.53 33.17 -14.13
N GLY D 216 -6.15 32.60 -15.16
CA GLY D 216 -6.01 33.15 -16.51
C GLY D 216 -7.29 33.32 -17.30
N ASP D 217 -7.59 34.60 -17.66
CA ASP D 217 -8.78 35.01 -18.42
C ASP D 217 -8.68 34.69 -19.95
N ASN D 218 -7.65 35.24 -20.63
CA ASN D 218 -7.39 35.03 -22.05
C ASN D 218 -6.13 34.14 -22.20
N ILE D 219 -6.06 33.28 -23.25
CA ILE D 219 -4.90 32.40 -23.48
C ILE D 219 -3.55 33.17 -23.44
N ASN D 220 -3.60 34.46 -23.81
CA ASN D 220 -2.46 35.37 -23.88
C ASN D 220 -2.19 36.03 -22.52
N ASN D 221 -3.21 36.64 -21.89
CA ASN D 221 -3.03 37.28 -20.57
C ASN D 221 -3.38 36.25 -19.47
N VAL D 222 -2.83 35.04 -19.58
CA VAL D 222 -3.16 33.93 -18.70
C VAL D 222 -2.33 33.92 -17.36
N LYS D 223 -1.55 34.99 -17.12
CA LYS D 223 -0.69 35.03 -15.95
C LYS D 223 -1.10 36.02 -14.87
N ASN D 224 -1.95 35.59 -13.92
CA ASN D 224 -2.30 36.47 -12.80
C ASN D 224 -2.11 35.76 -11.47
N VAL D 225 -1.15 36.22 -10.65
CA VAL D 225 -0.93 35.58 -9.35
C VAL D 225 -2.03 35.98 -8.38
N ASN D 226 -2.61 35.00 -7.71
CA ASN D 226 -3.60 35.22 -6.68
C ASN D 226 -3.06 34.69 -5.36
N PHE D 227 -3.55 35.22 -4.26
CA PHE D 227 -3.13 34.78 -2.94
C PHE D 227 -4.33 34.88 -2.03
N ILE D 228 -4.72 33.76 -1.43
CA ILE D 228 -5.87 33.76 -0.54
C ILE D 228 -5.44 33.30 0.85
N GLU D 229 -5.86 34.02 1.90
CA GLU D 229 -5.51 33.63 3.25
C GLU D 229 -6.70 32.98 3.91
N CYS D 230 -6.49 31.84 4.57
CA CYS D 230 -7.58 31.06 5.14
C CYS D 230 -7.61 31.15 6.63
N THR D 231 -8.81 31.13 7.19
CA THR D 231 -8.97 31.10 8.63
C THR D 231 -9.58 29.75 9.03
N HIS D 232 -9.14 29.20 10.16
CA HIS D 232 -9.65 27.90 10.64
C HIS D 232 -11.03 28.11 11.23
N GLU D 233 -12.07 27.64 10.53
CA GLU D 233 -13.43 27.84 10.98
C GLU D 233 -13.82 26.85 12.08
N LYS D 234 -13.85 25.57 11.76
CA LYS D 234 -14.21 24.53 12.71
C LYS D 234 -13.31 23.30 12.49
N ASP D 235 -13.60 22.17 13.16
CA ASP D 235 -12.85 20.92 13.05
C ASP D 235 -12.48 20.58 11.60
N LEU D 236 -11.17 20.69 11.26
CA LEU D 236 -10.67 20.34 9.92
C LEU D 236 -11.35 21.07 8.76
N GLU D 237 -11.82 22.30 8.98
CA GLU D 237 -12.47 23.06 7.92
C GLU D 237 -11.98 24.50 7.92
N PHE D 238 -11.53 24.99 6.75
CA PHE D 238 -10.98 26.33 6.57
C PHE D 238 -11.84 27.17 5.62
N VAL D 239 -11.83 28.49 5.79
CA VAL D 239 -12.57 29.37 4.90
C VAL D 239 -11.66 30.54 4.43
N CYS D 240 -11.40 30.59 3.12
CA CYS D 240 -10.47 31.57 2.58
C CYS D 240 -11.13 32.74 1.87
N SER D 241 -10.35 33.78 1.72
CA SER D 241 -10.70 35.04 1.12
C SER D 241 -9.45 35.62 0.46
N ASN D 242 -9.62 36.42 -0.58
CA ASN D 242 -8.49 36.98 -1.31
C ASN D 242 -7.72 38.04 -0.53
N ARG D 243 -6.39 38.08 -0.71
CA ARG D 243 -5.51 39.07 -0.09
C ARG D 243 -5.04 39.96 -1.22
N ASP D 244 -5.55 41.21 -1.26
CA ASP D 244 -5.19 42.13 -2.32
C ASP D 244 -3.74 42.56 -2.24
N PHE D 245 -2.98 42.26 -3.30
CA PHE D 245 -1.60 42.72 -3.37
C PHE D 245 -1.35 43.64 -4.59
N LEU D 246 -2.39 43.96 -5.38
CA LEU D 246 -2.28 44.77 -6.60
C LEU D 246 -1.63 46.09 -6.43
N LYS D 247 -0.60 46.39 -7.24
CA LYS D 247 0.07 47.68 -7.30
C LYS D 247 0.08 48.11 -8.77
N ASP D 248 -0.26 49.41 -9.06
CA ASP D 248 -0.28 50.05 -10.40
C ASP D 248 1.02 49.72 -11.12
N ASN D 249 0.92 49.26 -12.38
CA ASN D 249 2.02 48.95 -13.30
C ASN D 249 3.09 47.99 -12.75
N LYS D 250 2.67 47.07 -11.92
CA LYS D 250 3.57 46.10 -11.32
C LYS D 250 2.89 44.72 -11.33
N VAL D 251 3.65 43.67 -11.70
CA VAL D 251 3.10 42.31 -11.78
C VAL D 251 3.42 41.50 -10.55
N LEU D 252 2.41 41.18 -9.72
CA LEU D 252 2.61 40.38 -8.50
C LEU D 252 3.33 39.05 -8.83
N GLN D 253 4.32 38.64 -8.04
CA GLN D 253 5.09 37.44 -8.35
C GLN D 253 5.05 36.42 -7.19
N ASP D 254 5.90 36.58 -6.14
CA ASP D 254 5.86 35.67 -4.98
C ASP D 254 5.43 36.40 -3.71
N VAL D 255 4.93 35.67 -2.73
CA VAL D 255 4.50 36.22 -1.45
C VAL D 255 5.05 35.31 -0.38
N SER D 256 5.64 35.88 0.67
CA SER D 256 6.16 35.15 1.83
C SER D 256 5.92 35.99 3.08
N THR D 257 6.37 35.53 4.25
CA THR D 257 6.19 36.29 5.48
C THR D 257 7.45 36.28 6.34
N LEU D 258 7.90 37.44 6.75
CA LEU D 258 9.04 37.61 7.64
C LEU D 258 8.56 38.55 8.74
N ASN D 259 8.86 38.27 10.03
CA ASN D 259 8.51 39.19 11.13
C ASN D 259 6.97 39.37 11.25
N ASP D 260 6.18 38.36 10.81
CA ASP D 260 4.72 38.38 10.77
C ASP D 260 4.23 39.49 9.86
N GLU D 261 4.94 39.71 8.76
CA GLU D 261 4.61 40.71 7.76
C GLU D 261 4.88 40.11 6.41
N TYR D 262 4.04 40.43 5.41
CA TYR D 262 4.24 39.91 4.07
C TYR D 262 5.50 40.53 3.39
N ILE D 263 6.13 39.75 2.52
CA ILE D 263 7.29 40.09 1.73
C ILE D 263 6.80 39.78 0.35
N VAL D 264 6.50 40.81 -0.42
CA VAL D 264 5.89 40.56 -1.73
C VAL D 264 6.84 40.94 -2.86
N SER D 265 6.98 40.09 -3.82
CA SER D 265 7.81 40.27 -4.97
C SER D 265 6.95 40.73 -6.17
N TYR D 266 7.41 41.69 -6.95
CA TYR D 266 6.68 42.15 -8.14
C TYR D 266 7.62 42.28 -9.33
N GLY D 267 7.09 42.39 -10.53
CA GLY D 267 7.87 42.61 -11.73
C GLY D 267 7.46 43.88 -12.43
N ASN D 268 8.34 44.41 -13.29
CA ASN D 268 8.00 45.63 -14.02
C ASN D 268 6.88 45.32 -15.02
N ASP D 269 7.00 44.21 -15.75
CA ASP D 269 6.02 43.73 -16.74
C ASP D 269 5.92 42.18 -16.65
N ASN D 270 5.23 41.53 -17.61
CA ASN D 270 5.13 40.07 -17.56
C ASN D 270 6.44 39.35 -18.02
N ASN D 271 7.52 40.13 -18.33
CA ASN D 271 8.85 39.62 -18.71
C ASN D 271 9.88 39.72 -17.57
N PHE D 272 9.49 40.30 -16.42
CA PHE D 272 10.33 40.42 -15.25
C PHE D 272 11.77 40.89 -15.53
N ALA D 273 11.93 42.05 -16.20
CA ALA D 273 13.25 42.62 -16.43
C ALA D 273 13.82 43.10 -15.08
N GLU D 274 12.96 43.71 -14.23
CA GLU D 274 13.28 44.14 -12.88
C GLU D 274 12.24 43.57 -11.92
N CYS D 275 12.67 43.29 -10.71
CA CYS D 275 11.80 42.88 -9.63
C CYS D 275 11.86 43.96 -8.55
N TYR D 276 10.80 44.07 -7.79
CA TYR D 276 10.71 44.98 -6.67
C TYR D 276 10.28 44.13 -5.49
N ILE D 277 10.92 44.29 -4.34
CA ILE D 277 10.52 43.56 -3.15
C ILE D 277 9.97 44.52 -2.13
N PHE D 278 8.75 44.25 -1.66
CA PHE D 278 8.12 45.08 -0.65
C PHE D 278 8.05 44.34 0.67
N PHE D 279 8.33 45.05 1.77
CA PHE D 279 8.34 44.55 3.12
C PHE D 279 7.23 45.24 3.89
N ASN D 280 6.20 44.51 4.27
CA ASN D 280 5.07 45.10 5.03
C ASN D 280 4.50 46.30 4.25
N ASN D 281 4.80 46.37 2.95
CA ASN D 281 4.30 47.51 2.13
C ASN D 281 4.73 48.82 2.79
N GLU D 282 5.55 48.73 3.84
CA GLU D 282 6.08 49.93 4.52
C GLU D 282 7.45 50.22 3.93
N ASN D 283 8.08 49.24 3.27
CA ASN D 283 9.48 49.41 2.77
C ASN D 283 9.63 48.75 1.40
N SER D 284 10.67 49.12 0.65
CA SER D 284 10.89 48.59 -0.72
C SER D 284 12.36 48.48 -1.15
N ILE D 285 12.69 47.52 -2.03
CA ILE D 285 14.02 47.29 -2.62
C ILE D 285 13.90 46.91 -4.12
N LEU D 286 14.97 47.10 -4.93
CA LEU D 286 14.96 46.77 -6.35
C LEU D 286 15.96 45.65 -6.73
N ILE D 287 15.53 44.59 -7.43
CA ILE D 287 16.38 43.52 -7.94
C ILE D 287 16.42 43.73 -9.45
N LYS D 288 17.56 44.12 -10.03
CA LYS D 288 17.65 44.38 -11.48
C LYS D 288 18.81 43.66 -12.13
N PRO D 289 18.63 42.34 -12.43
CA PRO D 289 19.73 41.58 -13.08
C PRO D 289 20.23 42.26 -14.37
N GLU D 290 21.53 42.57 -14.47
CA GLU D 290 22.03 43.27 -15.65
C GLU D 290 22.01 42.41 -16.91
N ALA D 297 19.38 39.54 -19.19
CA ALA D 297 18.87 38.57 -18.20
C ALA D 297 17.74 39.17 -17.32
N GLY D 298 16.82 38.34 -16.84
CA GLY D 298 15.71 38.82 -16.03
C GLY D 298 15.50 38.08 -14.72
N CYS D 299 14.70 38.66 -13.81
CA CYS D 299 14.38 38.03 -12.53
C CYS D 299 13.14 37.13 -12.61
N TYR D 300 12.82 36.60 -13.82
CA TYR D 300 11.66 35.73 -14.03
C TYR D 300 11.82 34.42 -13.23
N GLY D 301 10.75 33.97 -12.60
CA GLY D 301 10.77 32.77 -11.78
C GLY D 301 11.33 33.03 -10.38
N GLY D 302 11.33 34.28 -9.96
CA GLY D 302 11.83 34.66 -8.64
C GLY D 302 10.95 34.13 -7.53
N THR D 303 11.58 33.41 -6.60
CA THR D 303 10.83 32.82 -5.50
C THR D 303 11.49 33.00 -4.15
N PHE D 304 10.67 33.16 -3.12
CA PHE D 304 11.17 33.28 -1.77
C PHE D 304 11.31 31.88 -1.18
N VAL D 305 12.44 31.65 -0.54
CA VAL D 305 12.71 30.39 0.12
C VAL D 305 13.02 30.86 1.53
N LYS D 306 11.99 30.93 2.38
CA LYS D 306 12.16 31.42 3.75
C LYS D 306 13.07 30.53 4.53
N ILE D 307 14.04 31.13 5.24
CA ILE D 307 15.05 30.42 6.05
C ILE D 307 14.73 30.50 7.56
N ASP D 308 14.19 31.61 7.96
CA ASP D 308 14.01 31.97 9.33
C ASP D 308 12.91 33.06 9.43
N GLU D 309 12.49 33.44 10.66
CA GLU D 309 11.49 34.50 10.81
C GLU D 309 12.00 35.86 10.36
N ASN D 310 13.31 36.06 10.28
CA ASN D 310 13.89 37.31 9.85
C ASN D 310 14.85 37.14 8.68
N ARG D 311 14.89 35.98 8.03
CA ARG D 311 15.74 35.78 6.89
C ARG D 311 15.13 34.90 5.84
N ALA D 312 15.14 35.35 4.60
CA ALA D 312 14.59 34.58 3.50
C ALA D 312 15.55 34.66 2.31
N LEU D 313 15.39 33.77 1.34
CA LEU D 313 16.19 33.79 0.12
C LEU D 313 15.27 34.17 -1.02
N PHE D 314 15.79 34.84 -2.05
CA PHE D 314 15.00 35.17 -3.24
C PHE D 314 15.79 34.64 -4.39
N ILE D 315 15.36 33.51 -4.95
CA ILE D 315 16.11 32.87 -6.00
C ILE D 315 15.42 32.87 -7.35
N TYR D 316 16.20 33.18 -8.37
CA TYR D 316 15.85 33.11 -9.77
C TYR D 316 17.14 32.68 -10.52
N SER D 317 17.00 32.19 -11.75
CA SER D 317 18.14 31.77 -12.54
C SER D 317 18.12 32.62 -13.76
N SER D 318 19.03 33.60 -13.89
CA SER D 318 18.97 34.47 -15.09
C SER D 318 19.59 33.80 -16.36
N SER D 319 20.41 32.74 -16.16
CA SER D 319 21.04 32.01 -17.26
C SER D 319 20.76 30.51 -17.07
N GLN D 320 21.14 29.66 -18.05
CA GLN D 320 20.99 28.22 -17.83
C GLN D 320 22.22 27.82 -17.04
N GLY D 321 21.97 27.26 -15.86
CA GLY D 321 23.01 26.80 -14.95
C GLY D 321 23.41 27.78 -13.85
N ILE D 322 23.03 29.07 -13.98
CA ILE D 322 23.43 30.05 -12.97
C ILE D 322 22.29 30.48 -12.11
N TYR D 323 22.42 30.27 -10.80
CA TYR D 323 21.39 30.67 -9.86
C TYR D 323 21.84 31.91 -9.13
N ASN D 324 20.91 32.83 -8.90
CA ASN D 324 21.18 34.08 -8.22
C ASN D 324 20.53 33.94 -6.87
N ILE D 325 21.35 33.83 -5.82
CA ILE D 325 20.82 33.66 -4.48
C ILE D 325 20.85 34.93 -3.70
N HIS D 326 19.73 35.66 -3.75
CA HIS D 326 19.61 36.88 -2.99
C HIS D 326 19.23 36.48 -1.56
N THR D 327 20.02 36.91 -0.56
CA THR D 327 19.69 36.60 0.83
C THR D 327 19.16 37.86 1.43
N ILE D 328 17.94 37.84 1.98
CA ILE D 328 17.34 39.03 2.54
C ILE D 328 17.16 38.92 4.04
N TYR D 329 17.66 39.92 4.80
CA TYR D 329 17.53 40.03 6.26
C TYR D 329 16.54 41.16 6.51
N TYR D 330 15.52 40.95 7.34
CA TYR D 330 14.54 41.99 7.60
C TYR D 330 14.05 41.95 9.01
N ALA D 331 13.88 43.12 9.64
CA ALA D 331 13.39 43.21 11.00
C ALA D 331 12.60 44.49 11.23
N ASN D 332 11.39 44.39 11.81
CA ASN D 332 10.60 45.60 12.10
C ASN D 332 10.31 45.72 13.60
N TYR D 333 10.26 46.93 14.13
CA TYR D 333 10.04 47.22 15.54
C TYR D 333 9.21 48.57 15.75
N VAL E 5 46.44 12.51 -15.33
CA VAL E 5 45.60 11.97 -14.25
C VAL E 5 46.44 11.07 -13.36
N THR E 6 46.99 11.60 -12.26
CA THR E 6 47.85 10.80 -11.38
C THR E 6 47.40 10.85 -9.91
N LEU E 7 47.00 9.70 -9.35
CA LEU E 7 46.56 9.61 -7.97
C LEU E 7 47.59 8.79 -7.17
N ASP E 8 48.62 9.46 -6.64
CA ASP E 8 49.68 8.78 -5.88
C ASP E 8 49.32 8.54 -4.40
N GLU E 9 49.39 7.27 -3.95
CA GLU E 9 49.10 6.88 -2.57
C GLU E 9 50.35 6.86 -1.68
N SER E 10 50.27 7.52 -0.52
CA SER E 10 51.33 7.47 0.48
C SER E 10 50.80 6.70 1.70
N GLY E 11 51.69 6.02 2.40
CA GLY E 11 51.31 5.24 3.58
C GLY E 11 52.33 4.17 3.94
N GLY E 12 52.19 3.64 5.14
CA GLY E 12 53.08 2.61 5.65
C GLY E 12 52.73 1.23 5.15
N GLY E 13 53.74 0.42 4.89
CA GLY E 13 53.55 -0.94 4.38
C GLY E 13 53.03 -1.90 5.41
N LEU E 14 53.50 -1.79 6.66
CA LEU E 14 53.07 -2.65 7.75
C LEU E 14 52.62 -1.84 8.94
N GLN E 15 51.76 -2.41 9.78
CA GLN E 15 51.22 -1.70 10.93
C GLN E 15 50.85 -2.64 12.08
N THR E 16 50.88 -2.13 13.30
CA THR E 16 50.57 -2.89 14.52
C THR E 16 49.09 -3.27 14.65
N PRO E 17 48.78 -4.52 15.04
CA PRO E 17 47.38 -4.88 15.27
C PRO E 17 46.91 -4.17 16.53
N GLY E 18 45.92 -3.29 16.36
CA GLY E 18 45.41 -2.48 17.45
C GLY E 18 45.71 -1.00 17.22
N GLY E 19 46.81 -0.71 16.51
CA GLY E 19 47.23 0.65 16.18
C GLY E 19 46.36 1.31 15.13
N THR E 20 46.80 2.47 14.61
CA THR E 20 46.01 3.18 13.59
C THR E 20 46.74 3.25 12.25
N LEU E 21 45.96 3.38 11.18
CA LEU E 21 46.39 3.46 9.79
C LEU E 21 46.22 4.88 9.26
N SER E 22 47.16 5.39 8.44
CA SER E 22 47.05 6.71 7.86
C SER E 22 47.54 6.74 6.41
N LEU E 23 46.59 6.64 5.48
CA LEU E 23 46.89 6.60 4.04
C LEU E 23 46.47 7.90 3.37
N VAL E 24 47.41 8.61 2.70
CA VAL E 24 47.10 9.84 1.98
C VAL E 24 46.97 9.56 0.46
N CYS E 25 46.21 10.39 -0.27
CA CYS E 25 46.12 10.23 -1.71
C CYS E 25 46.27 11.55 -2.42
N LYS E 26 47.48 11.87 -2.89
CA LYS E 26 47.67 13.12 -3.63
C LYS E 26 47.26 12.92 -5.09
N GLY E 27 46.22 13.61 -5.51
CA GLY E 27 45.74 13.53 -6.88
C GLY E 27 46.17 14.73 -7.70
N SER E 28 46.50 14.50 -8.98
CA SER E 28 46.98 15.59 -9.84
C SER E 28 46.37 15.50 -11.24
N GLY E 29 46.33 16.64 -11.94
CA GLY E 29 45.80 16.71 -13.29
C GLY E 29 44.40 17.26 -13.29
N PHE E 30 43.45 16.50 -12.72
CA PHE E 30 42.04 16.90 -12.63
C PHE E 30 41.84 17.96 -11.56
N THR E 31 40.77 18.75 -11.68
CA THR E 31 40.46 19.78 -10.69
C THR E 31 40.00 19.11 -9.41
N PHE E 32 40.91 18.91 -8.43
CA PHE E 32 40.55 18.35 -7.13
C PHE E 32 39.57 19.30 -6.44
N SER E 33 38.92 18.90 -5.33
CA SER E 33 37.92 19.76 -4.65
C SER E 33 36.62 19.90 -5.44
N SER E 34 36.51 19.24 -6.59
CA SER E 34 35.35 19.27 -7.45
C SER E 34 34.82 17.84 -7.71
N TYR E 35 35.55 16.78 -7.28
CA TYR E 35 35.14 15.40 -7.49
C TYR E 35 35.03 14.62 -6.18
N GLU E 36 34.02 13.74 -6.05
CA GLU E 36 33.86 12.91 -4.86
C GLU E 36 35.00 11.88 -4.86
N MET E 37 35.68 11.69 -3.72
CA MET E 37 36.77 10.74 -3.63
C MET E 37 36.36 9.52 -2.83
N GLN E 38 36.96 8.35 -3.14
CA GLN E 38 36.66 7.12 -2.40
C GLN E 38 37.90 6.25 -2.16
N TRP E 39 37.81 5.32 -1.21
CA TRP E 39 38.87 4.36 -0.89
C TRP E 39 38.32 2.94 -1.10
N VAL E 40 39.08 2.06 -1.74
CA VAL E 40 38.65 0.70 -2.03
C VAL E 40 39.84 -0.22 -1.70
N ARG E 41 39.64 -1.24 -0.86
CA ARG E 41 40.71 -2.18 -0.51
C ARG E 41 40.48 -3.59 -1.11
N GLN E 42 41.52 -4.43 -1.10
CA GLN E 42 41.43 -5.79 -1.62
C GLN E 42 42.24 -6.73 -0.76
N ALA E 43 41.56 -7.52 0.08
CA ALA E 43 42.24 -8.48 0.95
C ALA E 43 42.93 -9.55 0.09
N PRO E 44 44.15 -10.00 0.46
CA PRO E 44 44.84 -11.01 -0.34
C PRO E 44 43.97 -12.22 -0.63
N GLY E 45 43.74 -12.46 -1.91
CA GLY E 45 42.93 -13.59 -2.38
C GLY E 45 41.50 -13.18 -2.62
N LYS E 46 40.96 -12.37 -1.71
CA LYS E 46 39.59 -11.91 -1.81
C LYS E 46 39.45 -10.82 -2.92
N GLY E 47 38.22 -10.56 -3.34
CA GLY E 47 37.96 -9.56 -4.36
C GLY E 47 38.01 -8.13 -3.84
N LEU E 48 37.47 -7.21 -4.63
CA LEU E 48 37.45 -5.78 -4.34
C LEU E 48 36.41 -5.46 -3.27
N GLU E 49 36.71 -4.48 -2.40
CA GLU E 49 35.82 -4.08 -1.32
C GLU E 49 35.82 -2.57 -1.09
N TRP E 50 34.64 -1.95 -1.07
CA TRP E 50 34.55 -0.51 -0.82
C TRP E 50 34.85 -0.18 0.65
N VAL E 51 35.71 0.81 0.86
CA VAL E 51 36.08 1.24 2.21
C VAL E 51 35.29 2.47 2.65
N ALA E 52 35.37 3.59 1.91
CA ALA E 52 34.72 4.83 2.32
C ALA E 52 34.64 5.86 1.16
N ASP E 53 33.80 6.91 1.30
CA ASP E 53 33.72 7.96 0.29
C ASP E 53 33.46 9.33 0.92
N ILE E 54 34.02 10.39 0.32
CA ILE E 54 33.90 11.77 0.80
C ILE E 54 33.33 12.67 -0.30
N CYS E 55 32.28 13.43 0.01
CA CYS E 55 31.69 14.32 -0.99
C CYS E 55 32.40 15.65 -1.09
N ILE E 56 32.10 16.46 -2.13
CA ILE E 56 32.65 17.79 -2.40
C ILE E 56 32.55 18.66 -1.16
N GLY E 57 33.67 19.24 -0.78
CA GLY E 57 33.74 20.08 0.41
C GLY E 57 33.46 19.35 1.70
N GLY E 58 33.72 18.05 1.72
CA GLY E 58 33.51 17.19 2.88
C GLY E 58 32.11 17.22 3.46
N SER E 59 31.13 17.66 2.67
CA SER E 59 29.74 17.77 3.13
C SER E 59 29.16 16.43 3.57
N TYR E 60 29.57 15.33 2.94
CA TYR E 60 29.09 14.02 3.32
C TYR E 60 30.24 13.03 3.47
N THR E 61 30.12 12.09 4.44
CA THR E 61 31.15 11.10 4.73
C THR E 61 30.55 9.71 5.01
N GLY E 62 30.75 8.77 4.10
CA GLY E 62 30.19 7.43 4.24
C GLY E 62 31.23 6.35 4.43
N TYR E 63 30.89 5.26 5.14
CA TYR E 63 31.85 4.18 5.40
C TYR E 63 31.27 2.80 5.14
N GLY E 64 32.14 1.86 4.84
CA GLY E 64 31.76 0.47 4.65
C GLY E 64 31.48 -0.18 5.98
N PRO E 65 30.59 -1.19 6.03
CA PRO E 65 30.29 -1.83 7.31
C PRO E 65 31.51 -2.41 8.00
N ALA E 66 32.46 -2.93 7.20
CA ALA E 66 33.70 -3.51 7.68
C ALA E 66 34.53 -2.52 8.48
N VAL E 67 34.49 -1.23 8.12
CA VAL E 67 35.29 -0.20 8.79
C VAL E 67 34.47 0.86 9.53
N LYS E 68 33.15 0.71 9.59
CA LYS E 68 32.25 1.68 10.23
C LYS E 68 32.56 1.85 11.71
N GLY E 69 32.60 3.10 12.15
CA GLY E 69 32.94 3.41 13.52
C GLY E 69 34.42 3.23 13.84
N ARG E 70 35.28 3.18 12.79
CA ARG E 70 36.73 3.00 12.94
C ARG E 70 37.50 3.85 11.91
N ALA E 71 37.03 3.88 10.67
CA ALA E 71 37.69 4.64 9.61
C ALA E 71 37.29 6.13 9.63
N THR E 72 38.12 7.01 9.02
CA THR E 72 37.87 8.45 8.97
C THR E 72 38.43 9.08 7.70
N ILE E 73 37.56 9.73 6.89
CA ILE E 73 37.98 10.41 5.66
C ILE E 73 38.10 11.91 5.88
N SER E 74 39.12 12.52 5.29
CA SER E 74 39.37 13.94 5.45
C SER E 74 40.09 14.44 4.20
N ARG E 75 39.48 15.37 3.47
CA ARG E 75 40.08 15.91 2.25
C ARG E 75 40.70 17.28 2.46
N ASP E 76 41.96 17.44 2.04
CA ASP E 76 42.63 18.73 2.09
C ASP E 76 42.62 19.22 0.67
N ASP E 77 41.54 19.87 0.29
CA ASP E 77 41.31 20.36 -1.06
C ASP E 77 42.40 21.33 -1.58
N GLY E 78 43.18 21.91 -0.67
CA GLY E 78 44.31 22.78 -1.00
C GLY E 78 45.52 21.95 -1.40
N GLN E 79 45.84 20.93 -0.59
CA GLN E 79 46.96 20.03 -0.91
C GLN E 79 46.59 18.95 -1.93
N SER E 80 45.31 18.85 -2.32
CA SER E 80 44.77 17.87 -3.24
C SER E 80 44.97 16.46 -2.67
N THR E 81 44.69 16.26 -1.37
CA THR E 81 44.86 14.95 -0.73
C THR E 81 43.62 14.39 -0.03
N VAL E 82 43.49 13.06 0.02
CA VAL E 82 42.41 12.36 0.71
C VAL E 82 43.03 11.44 1.73
N ARG E 83 42.68 11.61 3.01
CA ARG E 83 43.22 10.76 4.06
C ARG E 83 42.24 9.72 4.54
N LEU E 84 42.73 8.52 4.78
CA LEU E 84 41.93 7.46 5.36
C LEU E 84 42.62 7.13 6.69
N GLN E 85 41.89 7.32 7.77
CA GLN E 85 42.42 7.08 9.09
C GLN E 85 41.64 5.96 9.75
N LEU E 86 42.16 4.73 9.68
CA LEU E 86 41.47 3.57 10.25
C LEU E 86 42.05 3.17 11.61
N ASN E 87 41.23 3.23 12.68
CA ASN E 87 41.67 2.88 14.04
C ASN E 87 41.30 1.45 14.46
N ASN E 88 42.09 0.87 15.41
CA ASN E 88 41.91 -0.49 15.94
C ASN E 88 42.00 -1.56 14.88
N LEU E 89 43.16 -1.63 14.25
CA LEU E 89 43.43 -2.55 13.17
C LEU E 89 43.31 -4.02 13.53
N ARG E 90 42.49 -4.74 12.76
CA ARG E 90 42.36 -6.18 12.88
C ARG E 90 43.14 -6.82 11.70
N ALA E 91 43.46 -8.12 11.78
CA ALA E 91 44.13 -8.80 10.65
C ALA E 91 43.25 -8.77 9.37
N GLU E 92 41.92 -8.61 9.54
CA GLU E 92 40.93 -8.49 8.46
C GLU E 92 41.11 -7.19 7.62
N ASP E 93 41.87 -6.22 8.14
CA ASP E 93 42.18 -4.98 7.42
C ASP E 93 43.37 -5.11 6.46
N THR E 94 44.12 -6.22 6.53
CA THR E 94 45.27 -6.45 5.66
C THR E 94 44.83 -6.51 4.22
N GLY E 95 45.52 -5.78 3.37
CA GLY E 95 45.22 -5.74 1.95
C GLY E 95 45.86 -4.56 1.24
N THR E 96 45.59 -4.42 -0.06
CA THR E 96 46.12 -3.30 -0.83
C THR E 96 44.98 -2.28 -1.03
N TYR E 97 45.22 -1.03 -0.65
CA TYR E 97 44.23 0.03 -0.72
C TYR E 97 44.44 0.93 -1.93
N TYR E 98 43.39 1.10 -2.71
CA TYR E 98 43.43 1.95 -3.90
C TYR E 98 42.47 3.09 -3.69
N CYS E 99 42.97 4.31 -3.90
CA CYS E 99 42.24 5.57 -3.82
C CYS E 99 41.57 5.78 -5.21
N ALA E 100 40.28 6.21 -5.25
CA ALA E 100 39.58 6.37 -6.53
C ALA E 100 38.80 7.68 -6.70
N LYS E 101 38.72 8.15 -7.94
CA LYS E 101 38.05 9.40 -8.30
C LYS E 101 36.77 9.07 -9.06
N THR E 102 35.65 9.77 -8.75
CA THR E 102 34.42 9.57 -9.50
C THR E 102 34.43 10.49 -10.71
N ALA E 103 33.87 10.01 -11.81
CA ALA E 103 33.89 10.67 -13.10
C ALA E 103 33.19 11.99 -13.13
N ARG E 104 32.04 12.12 -12.45
CA ARG E 104 31.30 13.37 -12.48
C ARG E 104 31.72 14.36 -11.39
N SER E 105 31.82 15.61 -11.81
CA SER E 105 32.16 16.70 -10.92
C SER E 105 30.88 17.20 -10.29
N ASP E 106 30.94 17.57 -9.00
CA ASP E 106 29.81 18.10 -8.23
C ASP E 106 28.67 17.07 -8.23
N TYR E 107 29.02 15.82 -7.94
CA TYR E 107 28.10 14.68 -8.01
C TYR E 107 28.56 13.59 -7.05
N CYS E 108 27.70 13.20 -6.11
CA CYS E 108 28.05 12.12 -5.19
C CYS E 108 26.85 11.24 -4.81
N ILE E 109 26.17 10.67 -5.82
CA ILE E 109 25.12 9.68 -5.56
C ILE E 109 25.85 8.42 -5.06
N THR E 110 25.25 7.72 -4.09
CA THR E 110 25.89 6.52 -3.54
C THR E 110 25.91 5.39 -4.56
N GLY E 111 27.05 5.26 -5.23
CA GLY E 111 27.27 4.23 -6.23
C GLY E 111 28.75 3.99 -6.47
N LEU E 112 29.09 2.78 -6.92
CA LEU E 112 30.48 2.46 -7.27
C LEU E 112 30.68 2.23 -8.78
N ASP E 113 29.69 2.65 -9.59
CA ASP E 113 29.68 2.56 -11.04
C ASP E 113 30.35 3.75 -11.72
N ASP E 114 30.61 4.85 -10.98
CA ASP E 114 31.14 6.06 -11.58
C ASP E 114 32.63 6.28 -11.37
N ILE E 115 33.44 5.27 -11.00
CA ILE E 115 34.89 5.47 -10.83
C ILE E 115 35.58 5.58 -12.18
N ASP E 116 36.38 6.64 -12.40
CA ASP E 116 37.11 6.79 -13.67
C ASP E 116 38.64 6.90 -13.50
N ALA E 117 39.15 6.88 -12.27
CA ALA E 117 40.57 7.02 -12.02
C ALA E 117 40.95 6.21 -10.80
N TRP E 118 41.88 5.26 -10.98
CA TRP E 118 42.33 4.39 -9.91
C TRP E 118 43.77 4.65 -9.59
N GLY E 119 44.08 4.58 -8.31
CA GLY E 119 45.45 4.75 -7.86
C GLY E 119 46.27 3.48 -8.04
N HIS E 120 47.59 3.61 -7.93
CA HIS E 120 48.51 2.48 -8.07
C HIS E 120 48.28 1.38 -7.02
N GLY E 121 47.98 1.75 -5.78
CA GLY E 121 47.70 0.78 -4.72
C GLY E 121 48.79 0.56 -3.71
N THR E 122 48.62 1.08 -2.50
CA THR E 122 49.61 0.88 -1.44
C THR E 122 49.23 -0.35 -0.63
N GLU E 123 50.24 -1.15 -0.27
CA GLU E 123 50.02 -2.39 0.46
C GLU E 123 50.03 -2.17 1.96
N VAL E 124 49.07 -2.76 2.68
CA VAL E 124 48.92 -2.63 4.13
C VAL E 124 48.90 -4.02 4.77
N ILE E 125 49.79 -4.23 5.77
CA ILE E 125 49.87 -5.51 6.47
C ILE E 125 49.64 -5.29 7.96
N VAL E 126 48.52 -5.79 8.51
CA VAL E 126 48.27 -5.68 9.94
C VAL E 126 48.89 -6.87 10.63
N SER E 127 50.07 -6.69 11.25
CA SER E 127 50.77 -7.80 11.89
C SER E 127 51.68 -7.34 13.03
N SER E 128 51.92 -8.22 13.99
CA SER E 128 52.82 -7.94 15.11
C SER E 128 54.16 -8.68 14.90
N ALA E 129 54.57 -8.89 13.63
CA ALA E 129 55.80 -9.58 13.26
C ALA E 129 56.82 -8.61 12.68
N SER E 130 58.09 -8.73 13.10
CA SER E 130 59.16 -7.86 12.62
C SER E 130 59.53 -8.14 11.16
N THR E 131 59.99 -7.11 10.45
CA THR E 131 60.39 -7.24 9.03
C THR E 131 61.62 -8.10 8.88
N LYS E 132 61.55 -9.12 8.02
CA LYS E 132 62.70 -9.98 7.77
C LYS E 132 63.20 -9.86 6.33
N GLY E 133 64.47 -10.14 6.14
CA GLY E 133 65.12 -10.00 4.84
C GLY E 133 64.97 -11.19 3.91
N PRO E 134 64.90 -10.91 2.60
CA PRO E 134 64.77 -12.01 1.64
C PRO E 134 66.09 -12.71 1.31
N SER E 135 66.14 -14.04 1.46
CA SER E 135 67.34 -14.80 1.12
C SER E 135 67.27 -15.21 -0.35
N VAL E 136 68.27 -14.83 -1.14
CA VAL E 136 68.27 -15.14 -2.57
C VAL E 136 69.14 -16.36 -2.88
N PHE E 137 68.55 -17.39 -3.47
CA PHE E 137 69.28 -18.61 -3.82
C PHE E 137 69.24 -18.83 -5.33
N PRO E 138 70.40 -18.84 -6.00
CA PRO E 138 70.39 -19.05 -7.46
C PRO E 138 70.10 -20.49 -7.88
N LEU E 139 69.22 -20.66 -8.87
CA LEU E 139 68.85 -21.98 -9.36
C LEU E 139 69.44 -22.24 -10.75
N ALA E 140 70.35 -23.21 -10.86
CA ALA E 140 70.98 -23.54 -12.13
C ALA E 140 70.46 -24.89 -12.65
N PRO E 141 70.22 -25.01 -13.96
CA PRO E 141 69.72 -26.29 -14.49
C PRO E 141 70.80 -27.37 -14.55
N SER E 142 70.40 -28.63 -14.33
CA SER E 142 71.35 -29.74 -14.36
C SER E 142 71.44 -30.35 -15.75
N SER E 147 68.47 -29.39 -21.14
CA SER E 147 68.06 -28.09 -21.66
C SER E 147 67.84 -28.14 -23.17
N GLY E 148 68.77 -28.78 -23.89
CA GLY E 148 68.69 -28.93 -25.34
C GLY E 148 68.89 -27.63 -26.10
N GLY E 149 67.79 -27.08 -26.59
CA GLY E 149 67.81 -25.83 -27.34
C GLY E 149 67.52 -24.60 -26.49
N THR E 150 66.55 -24.71 -25.58
CA THR E 150 66.19 -23.60 -24.70
C THR E 150 66.43 -23.95 -23.24
N ALA E 151 67.23 -23.15 -22.53
CA ALA E 151 67.53 -23.38 -21.12
C ALA E 151 66.80 -22.37 -20.22
N ALA E 152 66.61 -22.72 -18.94
CA ALA E 152 65.92 -21.83 -18.00
C ALA E 152 66.82 -21.43 -16.83
N LEU E 153 66.74 -20.16 -16.42
CA LEU E 153 67.51 -19.63 -15.30
C LEU E 153 66.64 -18.75 -14.40
N GLY E 154 67.01 -18.66 -13.13
CA GLY E 154 66.25 -17.85 -12.18
C GLY E 154 66.71 -18.01 -10.74
N CYS E 155 66.21 -17.16 -9.84
CA CYS E 155 66.56 -17.24 -8.43
C CYS E 155 65.33 -17.36 -7.52
N LEU E 156 65.49 -18.02 -6.37
CA LEU E 156 64.40 -18.26 -5.42
C LEU E 156 64.46 -17.33 -4.21
N VAL E 157 63.37 -16.62 -3.95
CA VAL E 157 63.27 -15.70 -2.82
C VAL E 157 62.55 -16.41 -1.68
N LYS E 158 63.30 -16.87 -0.66
CA LYS E 158 62.72 -17.60 0.46
C LYS E 158 62.95 -16.89 1.79
N ASP E 159 62.03 -17.10 2.76
CA ASP E 159 62.08 -16.55 4.12
C ASP E 159 62.12 -15.01 4.18
N TYR E 160 60.99 -14.37 3.89
CA TYR E 160 60.88 -12.91 3.93
C TYR E 160 59.47 -12.48 4.34
N PHE E 161 59.35 -11.38 5.07
CA PHE E 161 58.05 -10.87 5.51
C PHE E 161 58.16 -9.37 5.77
N PRO E 162 57.21 -8.57 5.28
CA PRO E 162 55.99 -8.94 4.55
C PRO E 162 56.07 -8.68 3.04
N GLU E 163 54.92 -8.79 2.33
CA GLU E 163 54.81 -8.52 0.91
C GLU E 163 54.96 -7.01 0.62
N PRO E 164 55.36 -6.61 -0.60
CA PRO E 164 55.67 -7.39 -1.79
C PRO E 164 57.19 -7.45 -2.09
N VAL E 165 57.58 -7.87 -3.31
CA VAL E 165 58.98 -7.92 -3.74
C VAL E 165 59.10 -7.68 -5.25
N THR E 166 59.80 -6.60 -5.64
CA THR E 166 59.96 -6.27 -7.05
C THR E 166 61.25 -6.84 -7.62
N VAL E 167 61.15 -7.87 -8.47
CA VAL E 167 62.32 -8.50 -9.07
C VAL E 167 62.42 -8.13 -10.56
N SER E 168 63.51 -7.45 -10.94
CA SER E 168 63.71 -7.05 -12.33
C SER E 168 65.04 -7.56 -12.86
N TRP E 169 65.04 -8.17 -14.04
CA TRP E 169 66.27 -8.67 -14.66
C TRP E 169 66.97 -7.58 -15.44
N ASN E 170 68.29 -7.41 -15.19
CA ASN E 170 69.15 -6.41 -15.83
C ASN E 170 68.68 -4.97 -15.61
N SER E 171 68.09 -4.69 -14.43
CA SER E 171 67.57 -3.38 -14.03
C SER E 171 66.46 -2.85 -14.94
N GLY E 172 65.63 -3.74 -15.46
CA GLY E 172 64.52 -3.37 -16.32
C GLY E 172 64.79 -3.45 -17.80
N ALA E 173 65.91 -4.07 -18.20
CA ALA E 173 66.25 -4.21 -19.62
C ALA E 173 65.70 -5.51 -20.19
N LEU E 174 65.79 -6.60 -19.43
CA LEU E 174 65.30 -7.91 -19.88
C LEU E 174 63.85 -8.11 -19.44
N THR E 175 62.91 -7.95 -20.36
CA THR E 175 61.49 -8.12 -20.06
C THR E 175 60.84 -9.28 -20.81
N SER E 176 61.40 -9.66 -21.97
CA SER E 176 60.86 -10.76 -22.76
C SER E 176 61.17 -12.12 -22.16
N GLY E 177 60.13 -12.94 -22.00
CA GLY E 177 60.27 -14.27 -21.44
C GLY E 177 60.43 -14.29 -19.93
N VAL E 178 59.98 -13.24 -19.24
CA VAL E 178 60.09 -13.17 -17.79
C VAL E 178 58.75 -13.48 -17.12
N HIS E 179 58.71 -14.55 -16.32
CA HIS E 179 57.48 -14.95 -15.65
C HIS E 179 57.55 -14.69 -14.15
N THR E 180 56.62 -13.89 -13.62
CA THR E 180 56.59 -13.57 -12.20
C THR E 180 55.53 -14.42 -11.50
N PHE E 181 55.94 -15.17 -10.47
CA PHE E 181 55.04 -16.04 -9.73
C PHE E 181 54.54 -15.39 -8.44
N PRO E 182 53.27 -15.64 -8.05
CA PRO E 182 52.78 -15.10 -6.77
C PRO E 182 53.41 -15.82 -5.59
N ALA E 183 53.62 -15.12 -4.46
CA ALA E 183 54.23 -15.74 -3.28
C ALA E 183 53.29 -16.71 -2.57
N VAL E 184 53.84 -17.81 -2.04
CA VAL E 184 53.05 -18.81 -1.33
C VAL E 184 53.36 -18.82 0.15
N LEU E 185 52.33 -19.02 0.99
CA LEU E 185 52.49 -19.06 2.43
C LEU E 185 52.94 -20.46 2.87
N GLN E 186 54.13 -20.56 3.44
CA GLN E 186 54.66 -21.84 3.91
C GLN E 186 54.02 -22.28 5.24
N SER E 187 54.26 -23.53 5.66
CA SER E 187 53.74 -24.07 6.91
C SER E 187 54.32 -23.36 8.15
N SER E 188 55.50 -22.73 8.03
CA SER E 188 56.12 -22.01 9.13
C SER E 188 55.47 -20.63 9.31
N GLY E 189 55.19 -19.95 8.21
CA GLY E 189 54.55 -18.64 8.25
C GLY E 189 55.15 -17.60 7.32
N LEU E 190 56.20 -17.96 6.58
CA LEU E 190 56.88 -17.01 5.70
C LEU E 190 56.55 -17.19 4.22
N TYR E 191 56.72 -16.15 3.40
CA TYR E 191 56.41 -16.23 1.97
C TYR E 191 57.60 -16.74 1.13
N SER E 192 57.32 -17.20 -0.09
CA SER E 192 58.32 -17.74 -1.00
C SER E 192 58.01 -17.38 -2.47
N LEU E 193 58.68 -16.37 -3.02
CA LEU E 193 58.44 -15.94 -4.39
C LEU E 193 59.49 -16.47 -5.35
N SER E 194 59.09 -16.82 -6.58
CA SER E 194 60.03 -17.33 -7.58
C SER E 194 59.90 -16.59 -8.92
N SER E 195 60.98 -16.56 -9.71
CA SER E 195 60.97 -15.87 -11.00
C SER E 195 61.96 -16.52 -11.96
N VAL E 196 61.50 -16.93 -13.15
CA VAL E 196 62.35 -17.56 -14.15
C VAL E 196 62.35 -16.81 -15.49
N VAL E 197 63.41 -17.00 -16.29
CA VAL E 197 63.52 -16.36 -17.60
C VAL E 197 64.00 -17.36 -18.66
N THR E 198 63.21 -17.55 -19.72
CA THR E 198 63.55 -18.49 -20.79
C THR E 198 64.54 -17.92 -21.78
N VAL E 199 65.78 -18.43 -21.76
CA VAL E 199 66.85 -17.98 -22.66
C VAL E 199 67.44 -19.18 -23.42
N PRO E 200 67.87 -19.02 -24.67
CA PRO E 200 68.43 -20.17 -25.42
C PRO E 200 69.76 -20.69 -24.87
N SER E 201 70.12 -21.92 -25.25
CA SER E 201 71.36 -22.56 -24.78
C SER E 201 72.63 -21.94 -25.37
N SER E 202 72.52 -21.21 -26.48
CA SER E 202 73.67 -20.56 -27.11
C SER E 202 74.17 -19.34 -26.33
N SER E 203 73.31 -18.74 -25.50
CA SER E 203 73.68 -17.57 -24.71
C SER E 203 74.30 -17.89 -23.34
N LEU E 204 74.58 -19.17 -23.06
CA LEU E 204 75.17 -19.58 -21.79
C LEU E 204 76.69 -19.39 -21.79
N GLY E 205 77.14 -18.26 -21.28
CA GLY E 205 78.56 -17.95 -21.22
C GLY E 205 78.90 -16.59 -21.79
N THR E 206 78.15 -16.16 -22.81
CA THR E 206 78.40 -14.85 -23.44
C THR E 206 77.59 -13.72 -22.80
N GLN E 207 76.48 -14.04 -22.11
CA GLN E 207 75.66 -13.02 -21.47
C GLN E 207 75.65 -13.15 -19.95
N THR E 208 75.43 -12.04 -19.24
CA THR E 208 75.40 -12.03 -17.79
C THR E 208 73.99 -11.77 -17.27
N TYR E 209 73.44 -12.71 -16.49
CA TYR E 209 72.09 -12.57 -15.95
C TYR E 209 72.13 -12.38 -14.44
N ILE E 210 71.58 -11.27 -13.95
CA ILE E 210 71.52 -10.97 -12.52
C ILE E 210 70.10 -10.65 -12.09
N CYS E 211 69.61 -11.29 -11.02
CA CYS E 211 68.26 -11.01 -10.52
C CYS E 211 68.29 -9.99 -9.40
N ASN E 212 67.60 -8.85 -9.59
CA ASN E 212 67.59 -7.79 -8.59
C ASN E 212 66.39 -7.90 -7.66
N VAL E 213 66.60 -8.47 -6.47
CA VAL E 213 65.54 -8.64 -5.49
C VAL E 213 65.46 -7.40 -4.60
N ASN E 214 64.32 -6.68 -4.65
CA ASN E 214 64.15 -5.48 -3.85
C ASN E 214 63.04 -5.64 -2.82
N HIS E 215 63.38 -5.44 -1.55
CA HIS E 215 62.40 -5.55 -0.47
C HIS E 215 62.27 -4.19 0.20
N LYS E 216 61.16 -3.48 -0.05
CA LYS E 216 60.92 -2.16 0.51
C LYS E 216 60.81 -2.11 2.06
N PRO E 217 60.10 -3.04 2.73
CA PRO E 217 59.98 -2.93 4.20
C PRO E 217 61.29 -3.09 4.98
N SER E 218 62.18 -4.00 4.54
CA SER E 218 63.45 -4.21 5.23
C SER E 218 64.66 -3.52 4.58
N ASN E 219 64.47 -2.91 3.39
CA ASN E 219 65.52 -2.22 2.63
C ASN E 219 66.73 -3.11 2.33
N THR E 220 66.52 -4.18 1.56
CA THR E 220 67.60 -5.10 1.22
C THR E 220 67.67 -5.34 -0.29
N LYS E 221 68.79 -4.93 -0.91
CA LYS E 221 68.99 -5.11 -2.34
C LYS E 221 70.18 -6.03 -2.61
N VAL E 222 69.93 -7.32 -2.84
CA VAL E 222 70.99 -8.27 -3.08
C VAL E 222 71.04 -8.70 -4.55
N ASP E 223 72.14 -8.40 -5.24
CA ASP E 223 72.30 -8.77 -6.64
C ASP E 223 72.95 -10.15 -6.76
N LYS E 224 72.16 -11.18 -7.05
CA LYS E 224 72.69 -12.54 -7.19
C LYS E 224 72.83 -12.93 -8.65
N LYS E 225 74.04 -13.32 -9.07
CA LYS E 225 74.28 -13.74 -10.46
C LYS E 225 73.80 -15.16 -10.62
N VAL E 226 73.02 -15.44 -11.68
CA VAL E 226 72.52 -16.79 -11.91
C VAL E 226 73.23 -17.39 -13.13
N GLU E 227 74.28 -18.16 -12.88
CA GLU E 227 75.05 -18.82 -13.93
C GLU E 227 74.48 -20.22 -14.22
N PRO E 228 74.63 -20.74 -15.46
CA PRO E 228 74.11 -22.08 -15.75
C PRO E 228 74.69 -23.17 -14.85
N ALA F 1 23.60 -8.22 -2.38
CA ALA F 1 24.87 -8.19 -3.11
C ALA F 1 24.67 -8.34 -4.63
N LEU F 2 25.63 -7.84 -5.42
CA LEU F 2 25.57 -7.88 -6.89
C LEU F 2 25.84 -9.29 -7.38
N THR F 3 24.90 -9.91 -8.11
CA THR F 3 25.12 -11.28 -8.60
C THR F 3 25.94 -11.29 -9.90
N GLN F 4 27.23 -11.61 -9.79
CA GLN F 4 28.14 -11.63 -10.94
C GLN F 4 28.62 -13.05 -11.27
N PRO F 5 28.75 -13.41 -12.56
CA PRO F 5 29.21 -14.77 -12.89
C PRO F 5 30.60 -15.10 -12.37
N SER F 6 30.82 -16.37 -12.01
CA SER F 6 32.09 -16.87 -11.48
C SER F 6 33.22 -16.79 -12.50
N SER F 7 32.91 -17.13 -13.77
CA SER F 7 33.87 -17.11 -14.86
C SER F 7 33.17 -17.21 -16.21
N VAL F 8 33.76 -16.60 -17.25
CA VAL F 8 33.23 -16.66 -18.62
C VAL F 8 34.37 -16.95 -19.61
N SER F 9 34.06 -17.55 -20.76
CA SER F 9 35.09 -17.93 -21.73
C SER F 9 34.69 -17.77 -23.19
N ALA F 10 35.65 -17.41 -24.05
CA ALA F 10 35.42 -17.23 -25.50
C ALA F 10 36.73 -17.34 -26.31
N ASN F 11 36.61 -17.74 -27.57
CA ASN F 11 37.75 -17.86 -28.49
C ASN F 11 38.11 -16.47 -29.08
N PRO F 12 39.35 -16.24 -29.54
CA PRO F 12 39.71 -14.91 -30.09
C PRO F 12 38.88 -14.48 -31.30
N GLY F 13 38.51 -13.20 -31.34
CA GLY F 13 37.69 -12.66 -32.42
C GLY F 13 36.19 -12.79 -32.21
N GLU F 14 35.78 -13.63 -31.25
CA GLU F 14 34.38 -13.88 -30.93
C GLU F 14 33.85 -12.86 -29.91
N THR F 15 32.57 -12.49 -30.01
CA THR F 15 31.97 -11.53 -29.07
C THR F 15 31.58 -12.21 -27.75
N VAL F 16 31.96 -11.62 -26.62
CA VAL F 16 31.66 -12.14 -25.27
C VAL F 16 30.62 -11.23 -24.57
N LYS F 17 30.01 -11.70 -23.47
CA LYS F 17 29.04 -10.90 -22.71
C LYS F 17 29.03 -11.31 -21.23
N ILE F 18 29.27 -10.36 -20.32
CA ILE F 18 29.22 -10.64 -18.88
C ILE F 18 28.02 -9.90 -18.26
N THR F 19 27.29 -10.54 -17.35
CA THR F 19 26.09 -9.96 -16.74
C THR F 19 26.29 -9.54 -15.26
N CYS F 20 25.36 -8.75 -14.72
CA CYS F 20 25.34 -8.33 -13.31
C CYS F 20 23.89 -8.07 -12.97
N SER F 21 23.25 -9.02 -12.26
CA SER F 21 21.83 -8.96 -11.93
C SER F 21 21.49 -8.17 -10.68
N GLY F 22 22.31 -8.28 -9.64
CA GLY F 22 22.04 -7.58 -8.38
C GLY F 22 22.30 -6.08 -8.45
N GLY F 23 21.82 -5.33 -7.47
CA GLY F 23 22.05 -3.89 -7.43
C GLY F 23 20.94 -3.03 -7.97
N SER F 24 20.91 -1.75 -7.57
CA SER F 24 19.85 -0.84 -8.03
C SER F 24 20.34 0.23 -9.03
N SER F 25 21.27 1.11 -8.61
CA SER F 25 21.80 2.20 -9.43
C SER F 25 22.57 1.70 -10.69
N ASP F 26 23.15 2.62 -11.49
CA ASP F 26 23.89 2.31 -12.71
C ASP F 26 25.07 1.34 -12.47
N TYR F 27 25.68 0.84 -13.55
CA TYR F 27 26.76 -0.14 -13.43
C TYR F 27 28.05 0.30 -14.09
N GLY F 28 29.15 -0.21 -13.54
CA GLY F 28 30.50 0.05 -14.03
C GLY F 28 31.31 -1.22 -14.07
N TRP F 29 32.32 -1.27 -14.95
CA TRP F 29 33.14 -2.46 -15.10
C TRP F 29 34.62 -2.11 -15.05
N TYR F 30 35.37 -2.81 -14.20
CA TYR F 30 36.79 -2.54 -14.04
C TYR F 30 37.57 -3.81 -14.22
N GLN F 31 38.54 -3.84 -15.15
CA GLN F 31 39.35 -5.04 -15.36
C GLN F 31 40.59 -5.05 -14.47
N GLN F 32 40.98 -6.23 -14.02
CA GLN F 32 42.16 -6.38 -13.17
C GLN F 32 42.85 -7.68 -13.55
N LYS F 33 43.92 -7.57 -14.33
CA LYS F 33 44.67 -8.73 -14.80
C LYS F 33 45.29 -9.55 -13.67
N SER F 34 45.73 -8.89 -12.58
CA SER F 34 46.36 -9.59 -11.46
C SER F 34 46.02 -8.94 -10.13
N PRO F 35 45.70 -9.73 -9.09
CA PRO F 35 45.38 -9.13 -7.78
C PRO F 35 46.56 -8.34 -7.21
N GLY F 36 46.25 -7.20 -6.60
CA GLY F 36 47.28 -6.30 -6.08
C GLY F 36 47.52 -5.14 -7.03
N SER F 37 47.50 -5.44 -8.34
CA SER F 37 47.68 -4.44 -9.39
C SER F 37 46.40 -3.65 -9.55
N ALA F 38 46.52 -2.34 -9.70
CA ALA F 38 45.39 -1.42 -9.84
C ALA F 38 44.44 -1.81 -10.96
N PRO F 39 43.11 -1.71 -10.73
CA PRO F 39 42.16 -2.01 -11.81
C PRO F 39 42.10 -0.88 -12.83
N VAL F 40 41.56 -1.17 -14.02
CA VAL F 40 41.44 -0.16 -15.07
C VAL F 40 39.98 -0.02 -15.43
N THR F 41 39.46 1.22 -15.40
CA THR F 41 38.06 1.46 -15.75
C THR F 41 37.83 1.13 -17.20
N VAL F 42 36.93 0.18 -17.45
CA VAL F 42 36.58 -0.31 -18.78
C VAL F 42 35.32 0.42 -19.28
N ILE F 43 34.33 0.59 -18.38
CA ILE F 43 33.08 1.31 -18.61
C ILE F 43 32.67 1.98 -17.28
N TYR F 44 32.40 3.32 -17.25
CA TYR F 44 32.02 3.96 -15.99
C TYR F 44 30.51 4.12 -15.93
N GLU F 45 29.91 5.10 -16.65
CA GLU F 45 28.45 5.20 -16.67
C GLU F 45 27.98 4.06 -17.57
N ASN F 46 26.74 3.56 -17.40
CA ASN F 46 26.18 2.42 -18.16
C ASN F 46 26.75 2.22 -19.60
N ASN F 47 26.72 3.26 -20.46
CA ASN F 47 27.28 3.13 -21.83
C ASN F 47 28.36 4.19 -22.12
N LYS F 48 29.22 4.46 -21.13
CA LYS F 48 30.32 5.43 -21.28
C LYS F 48 31.64 4.72 -21.22
N ARG F 49 32.59 5.13 -22.07
CA ARG F 49 33.88 4.46 -22.14
C ARG F 49 35.04 5.46 -22.11
N PRO F 50 36.12 5.16 -21.37
CA PRO F 50 37.27 6.08 -21.34
C PRO F 50 38.00 6.15 -22.68
N SER F 51 38.70 7.27 -22.93
CA SER F 51 39.43 7.49 -24.18
C SER F 51 40.55 6.49 -24.46
N ASP F 52 41.21 5.99 -23.40
CA ASP F 52 42.29 5.03 -23.56
C ASP F 52 41.77 3.62 -23.88
N ILE F 53 40.56 3.27 -23.41
CA ILE F 53 39.97 1.94 -23.64
C ILE F 53 39.45 1.78 -25.08
N PRO F 54 39.77 0.65 -25.74
CA PRO F 54 39.34 0.47 -27.15
C PRO F 54 37.84 0.35 -27.37
N SER F 55 37.39 0.72 -28.57
CA SER F 55 35.98 0.75 -28.97
C SER F 55 35.20 -0.57 -28.81
N ARG F 56 35.88 -1.72 -28.73
CA ARG F 56 35.19 -3.00 -28.63
C ARG F 56 34.36 -3.19 -27.37
N PHE F 57 34.64 -2.40 -26.32
CA PHE F 57 33.90 -2.48 -25.06
C PHE F 57 32.63 -1.62 -25.09
N SER F 58 31.50 -2.20 -24.65
CA SER F 58 30.23 -1.49 -24.62
C SER F 58 29.31 -2.03 -23.53
N GLY F 59 28.76 -1.15 -22.71
CA GLY F 59 27.85 -1.56 -21.65
C GLY F 59 26.40 -1.28 -22.01
N SER F 60 25.45 -1.94 -21.32
CA SER F 60 24.02 -1.71 -21.58
C SER F 60 23.13 -2.23 -20.45
N LYS F 61 22.16 -1.41 -20.02
CA LYS F 61 21.21 -1.76 -18.96
C LYS F 61 19.92 -2.37 -19.54
N PHE F 62 19.42 -3.46 -18.92
CA PHE F 62 18.18 -4.12 -19.36
C PHE F 62 17.31 -4.50 -18.15
N GLY F 63 16.61 -3.51 -17.60
CA GLY F 63 15.77 -3.70 -16.43
C GLY F 63 16.60 -3.69 -15.16
N SER F 64 17.12 -4.86 -14.78
CA SER F 64 17.96 -5.00 -13.60
C SER F 64 19.37 -5.44 -14.01
N THR F 65 19.49 -6.29 -15.03
CA THR F 65 20.78 -6.78 -15.49
C THR F 65 21.53 -5.72 -16.30
N HIS F 66 22.86 -5.83 -16.34
CA HIS F 66 23.73 -4.96 -17.13
C HIS F 66 24.71 -5.85 -17.85
N THR F 67 24.84 -5.71 -19.18
CA THR F 67 25.75 -6.56 -19.94
C THR F 67 26.99 -5.83 -20.51
N LEU F 68 28.18 -6.24 -20.05
CA LEU F 68 29.43 -5.72 -20.60
C LEU F 68 29.74 -6.58 -21.83
N THR F 69 30.02 -5.96 -22.97
CA THR F 69 30.25 -6.69 -24.21
C THR F 69 31.64 -6.45 -24.80
N ILE F 70 32.35 -7.53 -25.16
CA ILE F 70 33.67 -7.43 -25.79
C ILE F 70 33.56 -8.05 -27.18
N THR F 71 33.33 -7.23 -28.21
CA THR F 71 33.20 -7.75 -29.58
C THR F 71 34.58 -7.91 -30.20
N GLY F 72 34.93 -9.13 -30.57
CA GLY F 72 36.24 -9.42 -31.11
C GLY F 72 37.28 -9.44 -30.01
N VAL F 73 37.16 -10.41 -29.08
CA VAL F 73 38.07 -10.48 -27.94
C VAL F 73 39.54 -10.68 -28.38
N GLN F 74 40.47 -10.06 -27.66
CA GLN F 74 41.91 -10.11 -27.94
C GLN F 74 42.67 -10.79 -26.78
N ALA F 75 43.99 -11.00 -26.93
CA ALA F 75 44.79 -11.62 -25.90
C ALA F 75 44.94 -10.65 -24.72
N ASP F 76 45.17 -9.36 -24.99
CA ASP F 76 45.29 -8.38 -23.91
C ASP F 76 43.94 -8.04 -23.22
N ASP F 77 42.90 -8.83 -23.49
CA ASP F 77 41.59 -8.66 -22.88
C ASP F 77 41.33 -9.67 -21.72
N GLU F 78 42.31 -10.53 -21.40
CA GLU F 78 42.20 -11.49 -20.30
C GLU F 78 42.43 -10.77 -18.99
N ALA F 79 41.43 -10.77 -18.10
CA ALA F 79 41.50 -10.11 -16.78
C ALA F 79 40.31 -10.57 -15.88
N VAL F 80 40.33 -10.23 -14.57
CA VAL F 80 39.22 -10.53 -13.67
C VAL F 80 38.38 -9.27 -13.65
N TYR F 81 37.29 -9.24 -14.42
CA TYR F 81 36.42 -8.07 -14.50
C TYR F 81 35.50 -7.97 -13.29
N PHE F 82 35.41 -6.77 -12.71
CA PHE F 82 34.59 -6.50 -11.55
C PHE F 82 33.39 -5.62 -11.87
N CYS F 83 32.25 -5.92 -11.27
CA CYS F 83 31.01 -5.20 -11.44
C CYS F 83 30.88 -4.19 -10.30
N GLY F 84 30.51 -2.95 -10.62
CA GLY F 84 30.38 -1.89 -9.63
C GLY F 84 29.04 -1.15 -9.68
N SER F 85 28.34 -1.08 -8.53
CA SER F 85 27.04 -0.41 -8.39
C SER F 85 26.71 -0.19 -6.88
N ARG F 86 25.42 -0.23 -6.47
CA ARG F 86 25.02 -0.10 -5.07
C ARG F 86 24.07 -1.24 -4.70
N ASP F 87 24.25 -1.84 -3.51
CA ASP F 87 23.48 -3.01 -3.11
C ASP F 87 22.19 -2.69 -2.35
N THR F 88 21.58 -1.53 -2.62
CA THR F 88 20.38 -1.03 -1.93
C THR F 88 20.64 -0.79 -0.41
N ASN F 89 21.93 -0.84 0.02
CA ASN F 89 22.31 -0.61 1.41
C ASN F 89 23.40 0.48 1.51
N ASN F 90 24.59 0.26 0.92
CA ASN F 90 25.69 1.22 1.04
C ASN F 90 26.64 1.31 -0.16
N GLY F 91 26.34 0.59 -1.23
CA GLY F 91 27.21 0.60 -2.40
C GLY F 91 28.23 -0.53 -2.33
N ALA F 92 28.06 -1.53 -3.18
CA ALA F 92 28.90 -2.73 -3.14
C ALA F 92 29.45 -3.16 -4.51
N PHE F 93 30.53 -3.96 -4.48
CA PHE F 93 31.20 -4.54 -5.63
C PHE F 93 30.71 -5.99 -5.86
N GLY F 94 30.93 -6.49 -7.07
CA GLY F 94 30.57 -7.86 -7.42
C GLY F 94 31.59 -8.87 -6.94
N ALA F 95 31.31 -10.16 -7.15
CA ALA F 95 32.22 -11.23 -6.73
C ALA F 95 33.47 -11.38 -7.63
N GLY F 96 33.37 -10.90 -8.86
CA GLY F 96 34.44 -11.00 -9.84
C GLY F 96 34.17 -12.06 -10.89
N THR F 97 34.53 -11.77 -12.14
CA THR F 97 34.34 -12.72 -13.23
C THR F 97 35.69 -12.91 -13.88
N THR F 98 36.14 -14.16 -14.02
CA THR F 98 37.42 -14.43 -14.65
C THR F 98 37.22 -14.79 -16.11
N LEU F 99 37.81 -14.02 -17.02
CA LEU F 99 37.67 -14.28 -18.46
C LEU F 99 38.84 -15.10 -18.97
N THR F 100 38.56 -16.20 -19.68
CA THR F 100 39.61 -17.03 -20.25
C THR F 100 39.48 -17.10 -21.77
N VAL F 101 40.58 -16.82 -22.48
CA VAL F 101 40.59 -16.88 -23.94
C VAL F 101 40.91 -18.31 -24.41
N LEU F 102 39.98 -18.92 -25.15
CA LEU F 102 40.08 -20.28 -25.67
C LEU F 102 41.17 -20.42 -26.72
N ARG F 103 42.09 -21.36 -26.51
CA ARG F 103 43.17 -21.62 -27.46
C ARG F 103 43.43 -23.15 -27.62
N THR F 104 44.41 -23.53 -28.45
CA THR F 104 44.74 -24.94 -28.65
C THR F 104 45.48 -25.52 -27.42
N VAL F 105 45.58 -26.85 -27.33
CA VAL F 105 46.26 -27.55 -26.24
C VAL F 105 47.78 -27.30 -26.30
N ALA F 106 48.39 -26.94 -25.16
CA ALA F 106 49.83 -26.73 -25.12
C ALA F 106 50.42 -27.59 -24.01
N ALA F 107 51.48 -28.34 -24.31
CA ALA F 107 52.16 -29.20 -23.34
C ALA F 107 53.19 -28.41 -22.54
N PRO F 108 53.38 -28.72 -21.25
CA PRO F 108 54.36 -27.98 -20.45
C PRO F 108 55.80 -28.47 -20.61
N SER F 109 56.72 -27.53 -20.88
CA SER F 109 58.14 -27.86 -20.98
C SER F 109 58.67 -27.85 -19.55
N VAL F 110 58.79 -29.02 -18.93
CA VAL F 110 59.20 -29.13 -17.52
C VAL F 110 60.70 -28.85 -17.31
N PHE F 111 61.03 -28.11 -16.24
CA PHE F 111 62.41 -27.77 -15.88
C PHE F 111 62.64 -28.01 -14.39
N ILE F 112 63.40 -29.06 -14.04
CA ILE F 112 63.68 -29.37 -12.64
C ILE F 112 64.95 -28.67 -12.16
N PHE F 113 64.92 -28.09 -10.95
CA PHE F 113 66.06 -27.34 -10.42
C PHE F 113 66.55 -27.83 -9.06
N PRO F 114 67.82 -28.26 -8.99
CA PRO F 114 68.37 -28.67 -7.68
C PRO F 114 68.72 -27.45 -6.81
N PRO F 115 68.61 -27.56 -5.48
CA PRO F 115 68.90 -26.39 -4.62
C PRO F 115 70.34 -25.91 -4.66
N SER F 116 70.55 -24.63 -4.33
CA SER F 116 71.88 -24.00 -4.34
C SER F 116 72.74 -24.45 -3.16
N ASP F 117 74.06 -24.19 -3.24
CA ASP F 117 75.04 -24.51 -2.20
C ASP F 117 74.72 -23.79 -0.87
N GLU F 118 74.13 -22.59 -0.96
CA GLU F 118 73.75 -21.79 0.20
C GLU F 118 72.46 -22.34 0.83
N GLN F 119 71.49 -22.75 -0.01
CA GLN F 119 70.22 -23.31 0.43
C GLN F 119 70.43 -24.61 1.21
N LEU F 120 71.40 -25.43 0.77
CA LEU F 120 71.72 -26.69 1.42
C LEU F 120 72.24 -26.47 2.84
N LYS F 121 73.22 -25.58 3.00
CA LYS F 121 73.81 -25.30 4.31
C LYS F 121 72.94 -24.44 5.24
N SER F 122 71.71 -24.09 4.82
CA SER F 122 70.83 -23.29 5.67
C SER F 122 69.83 -24.12 6.51
N GLY F 123 70.09 -25.42 6.67
CA GLY F 123 69.25 -26.32 7.46
C GLY F 123 67.98 -26.77 6.78
N THR F 124 67.59 -26.11 5.69
CA THR F 124 66.37 -26.44 4.95
C THR F 124 66.58 -26.23 3.44
N ALA F 125 66.49 -27.31 2.66
CA ALA F 125 66.65 -27.23 1.21
C ALA F 125 65.37 -27.69 0.52
N SER F 126 64.94 -26.98 -0.54
CA SER F 126 63.71 -27.33 -1.24
C SER F 126 63.93 -27.55 -2.74
N VAL F 127 63.24 -28.55 -3.29
CA VAL F 127 63.35 -28.92 -4.71
C VAL F 127 62.34 -28.14 -5.54
N VAL F 128 62.75 -27.58 -6.70
CA VAL F 128 61.85 -26.79 -7.54
C VAL F 128 61.47 -27.48 -8.86
N CYS F 129 60.18 -27.76 -9.04
CA CYS F 129 59.68 -28.34 -10.28
C CYS F 129 58.93 -27.22 -11.02
N LEU F 130 59.33 -26.94 -12.27
CA LEU F 130 58.74 -25.85 -13.03
C LEU F 130 58.03 -26.31 -14.30
N LEU F 131 56.79 -25.85 -14.51
CA LEU F 131 56.02 -26.17 -15.71
C LEU F 131 55.80 -24.87 -16.46
N ASN F 132 56.26 -24.77 -17.73
CA ASN F 132 56.12 -23.51 -18.47
C ASN F 132 55.30 -23.59 -19.75
N ASN F 133 54.43 -22.57 -19.95
CA ASN F 133 53.58 -22.36 -21.12
C ASN F 133 52.71 -23.57 -21.51
N PHE F 134 51.69 -23.87 -20.67
CA PHE F 134 50.76 -24.98 -20.92
C PHE F 134 49.28 -24.54 -21.00
N TYR F 135 48.44 -25.38 -21.63
CA TYR F 135 47.01 -25.12 -21.76
C TYR F 135 46.24 -26.45 -21.77
N PRO F 136 45.16 -26.60 -20.99
CA PRO F 136 44.57 -25.62 -20.07
C PRO F 136 45.18 -25.68 -18.65
N ARG F 137 44.60 -24.94 -17.69
CA ARG F 137 45.09 -24.96 -16.31
C ARG F 137 45.08 -26.37 -15.71
N GLU F 138 44.25 -27.29 -16.25
CA GLU F 138 44.13 -28.67 -15.81
C GLU F 138 45.50 -29.36 -15.73
N ALA F 139 46.02 -29.59 -14.51
CA ALA F 139 47.31 -30.22 -14.29
C ALA F 139 47.40 -30.86 -12.89
N LYS F 140 48.32 -31.83 -12.72
CA LYS F 140 48.50 -32.55 -11.45
C LYS F 140 49.99 -32.70 -11.13
N VAL F 141 50.41 -32.38 -9.89
CA VAL F 141 51.80 -32.51 -9.49
C VAL F 141 51.97 -33.57 -8.41
N GLN F 142 52.74 -34.63 -8.69
CA GLN F 142 52.98 -35.69 -7.73
C GLN F 142 54.48 -35.86 -7.51
N TRP F 143 54.91 -35.90 -6.24
CA TRP F 143 56.33 -36.05 -5.91
C TRP F 143 56.71 -37.50 -5.65
N LYS F 144 57.82 -37.95 -6.23
CA LYS F 144 58.29 -39.32 -6.05
C LYS F 144 59.74 -39.37 -5.60
N VAL F 145 59.97 -39.43 -4.28
CA VAL F 145 61.32 -39.50 -3.73
C VAL F 145 61.71 -40.95 -3.48
N ASP F 146 62.65 -41.48 -4.28
CA ASP F 146 63.13 -42.86 -4.19
C ASP F 146 62.01 -43.89 -4.37
N ASN F 147 61.21 -43.73 -5.45
CA ASN F 147 60.09 -44.59 -5.82
C ASN F 147 59.01 -44.65 -4.73
N ALA F 148 58.71 -43.52 -4.10
CA ALA F 148 57.69 -43.44 -3.06
C ALA F 148 56.89 -42.16 -3.20
N LEU F 149 55.56 -42.26 -3.14
CA LEU F 149 54.69 -41.08 -3.28
C LEU F 149 54.73 -40.16 -2.07
N GLN F 150 54.92 -38.86 -2.32
CA GLN F 150 54.97 -37.86 -1.24
C GLN F 150 53.78 -36.91 -1.35
N SER F 151 53.05 -36.71 -0.25
CA SER F 151 51.89 -35.82 -0.25
C SER F 151 51.72 -35.12 1.10
N GLY F 152 51.31 -33.86 1.05
CA GLY F 152 51.11 -33.07 2.26
C GLY F 152 52.15 -31.99 2.46
N ASN F 153 53.39 -32.26 2.04
CA ASN F 153 54.48 -31.30 2.18
C ASN F 153 54.85 -30.65 0.85
N SER F 154 53.85 -30.36 0.01
CA SER F 154 54.10 -29.74 -1.28
C SER F 154 53.01 -28.75 -1.65
N GLN F 155 53.40 -27.49 -1.91
CA GLN F 155 52.44 -26.44 -2.26
C GLN F 155 52.69 -25.95 -3.69
N GLU F 156 51.61 -25.70 -4.44
CA GLU F 156 51.73 -25.25 -5.84
C GLU F 156 51.42 -23.77 -6.01
N SER F 157 51.95 -23.16 -7.08
CA SER F 157 51.71 -21.74 -7.35
C SER F 157 51.45 -21.53 -8.85
N VAL F 158 50.20 -21.24 -9.19
CA VAL F 158 49.79 -21.05 -10.59
C VAL F 158 49.71 -19.55 -10.94
N THR F 159 50.18 -19.18 -12.13
CA THR F 159 50.12 -17.79 -12.61
C THR F 159 48.88 -17.57 -13.47
N GLU F 160 48.46 -16.31 -13.61
CA GLU F 160 47.31 -15.97 -14.44
C GLU F 160 47.63 -16.18 -15.93
N GLN F 161 46.58 -16.34 -16.76
CA GLN F 161 46.70 -16.55 -18.21
C GLN F 161 47.56 -15.47 -18.87
N ASP F 162 48.54 -15.86 -19.68
CA ASP F 162 49.46 -14.92 -20.35
C ASP F 162 48.75 -13.97 -21.29
N SER F 163 49.13 -12.69 -21.29
CA SER F 163 48.50 -11.70 -22.17
C SER F 163 49.05 -11.69 -23.60
N LYS F 164 49.86 -12.69 -23.97
CA LYS F 164 50.44 -12.75 -25.32
C LYS F 164 50.06 -14.06 -26.02
N ASP F 165 50.48 -15.21 -25.47
CA ASP F 165 50.18 -16.51 -26.08
C ASP F 165 49.11 -17.32 -25.33
N SER F 166 48.47 -16.72 -24.32
CA SER F 166 47.38 -17.30 -23.54
C SER F 166 47.71 -18.64 -22.86
N THR F 167 48.94 -18.75 -22.32
CA THR F 167 49.36 -19.97 -21.63
C THR F 167 49.61 -19.75 -20.12
N TYR F 168 49.61 -20.85 -19.36
CA TYR F 168 49.79 -20.82 -17.91
C TYR F 168 51.22 -21.29 -17.49
N SER F 169 51.55 -21.19 -16.19
CA SER F 169 52.84 -21.63 -15.67
C SER F 169 52.70 -22.11 -14.22
N LEU F 170 53.17 -23.32 -13.91
CA LEU F 170 53.07 -23.89 -12.56
C LEU F 170 54.42 -23.85 -11.83
N SER F 171 54.39 -23.88 -10.49
CA SER F 171 55.59 -23.86 -9.65
C SER F 171 55.39 -24.68 -8.39
N SER F 172 55.96 -25.88 -8.35
CA SER F 172 55.87 -26.75 -7.16
C SER F 172 57.16 -26.73 -6.35
N THR F 173 57.05 -26.99 -5.04
CA THR F 173 58.18 -26.99 -4.12
C THR F 173 57.99 -28.02 -3.01
N LEU F 174 58.91 -28.97 -2.90
CA LEU F 174 58.86 -30.01 -1.88
C LEU F 174 59.60 -29.52 -0.64
N THR F 175 58.86 -29.12 0.41
CA THR F 175 59.45 -28.60 1.63
C THR F 175 60.12 -29.72 2.45
N LEU F 176 61.44 -29.82 2.37
CA LEU F 176 62.18 -30.85 3.08
C LEU F 176 63.31 -30.28 3.95
N SER F 177 63.64 -30.96 5.05
CA SER F 177 64.70 -30.55 5.96
C SER F 177 66.07 -31.10 5.53
N LYS F 178 67.17 -30.57 6.10
CA LYS F 178 68.54 -30.99 5.80
C LYS F 178 68.78 -32.46 6.14
N ALA F 179 68.17 -32.95 7.22
CA ALA F 179 68.32 -34.34 7.64
C ALA F 179 67.56 -35.31 6.74
N ASP F 180 66.45 -34.86 6.14
CA ASP F 180 65.65 -35.72 5.26
C ASP F 180 66.01 -35.62 3.77
N TYR F 181 66.87 -34.65 3.40
CA TYR F 181 67.25 -34.48 2.00
C TYR F 181 68.49 -35.29 1.64
N GLU F 182 69.45 -35.41 2.56
CA GLU F 182 70.68 -36.15 2.30
C GLU F 182 70.55 -37.68 2.39
N LYS F 183 69.40 -38.18 2.89
CA LYS F 183 69.18 -39.62 3.00
C LYS F 183 68.83 -40.28 1.65
N HIS F 184 68.20 -39.52 0.74
CA HIS F 184 67.81 -40.05 -0.55
C HIS F 184 68.75 -39.57 -1.69
N LYS F 185 68.76 -40.29 -2.81
CA LYS F 185 69.61 -39.94 -3.94
C LYS F 185 68.81 -39.57 -5.18
N VAL F 186 67.78 -40.36 -5.50
CA VAL F 186 66.95 -40.11 -6.69
C VAL F 186 65.72 -39.24 -6.37
N TYR F 187 65.61 -38.08 -7.02
CA TYR F 187 64.49 -37.18 -6.81
C TYR F 187 63.71 -37.02 -8.11
N ALA F 188 62.49 -37.57 -8.18
CA ALA F 188 61.68 -37.48 -9.39
C ALA F 188 60.46 -36.57 -9.23
N CYS F 189 59.96 -35.99 -10.34
CA CYS F 189 58.80 -35.10 -10.32
C CYS F 189 57.79 -35.51 -11.39
N GLU F 190 56.73 -36.24 -11.00
CA GLU F 190 55.72 -36.71 -11.95
C GLU F 190 54.78 -35.59 -12.39
N VAL F 191 54.63 -35.40 -13.70
CA VAL F 191 53.77 -34.35 -14.25
C VAL F 191 52.56 -34.95 -14.96
N THR F 192 51.35 -34.65 -14.49
CA THR F 192 50.12 -35.16 -15.09
C THR F 192 49.41 -34.03 -15.84
N HIS F 193 49.14 -34.24 -17.14
CA HIS F 193 48.47 -33.23 -17.94
C HIS F 193 47.51 -33.86 -18.97
N GLN F 194 46.51 -33.09 -19.42
CA GLN F 194 45.53 -33.55 -20.40
C GLN F 194 46.16 -33.75 -21.78
N GLY F 195 47.09 -32.87 -22.14
CA GLY F 195 47.78 -32.95 -23.42
C GLY F 195 49.03 -33.80 -23.39
N LEU F 196 49.02 -34.87 -22.57
CA LEU F 196 50.16 -35.77 -22.45
C LEU F 196 49.68 -37.22 -22.35
N SER F 197 50.15 -38.09 -23.27
CA SER F 197 49.76 -39.50 -23.26
C SER F 197 50.44 -40.23 -22.11
N SER F 198 51.71 -39.92 -21.85
CA SER F 198 52.47 -40.53 -20.77
C SER F 198 53.01 -39.43 -19.84
N PRO F 199 52.95 -39.62 -18.52
CA PRO F 199 53.44 -38.59 -17.60
C PRO F 199 54.95 -38.41 -17.68
N VAL F 200 55.40 -37.23 -18.12
CA VAL F 200 56.82 -36.92 -18.24
C VAL F 200 57.45 -36.73 -16.87
N THR F 201 58.31 -37.66 -16.45
CA THR F 201 58.94 -37.60 -15.14
C THR F 201 60.43 -37.28 -15.26
N LYS F 202 60.83 -36.07 -14.87
CA LYS F 202 62.23 -35.66 -14.91
C LYS F 202 62.89 -35.95 -13.57
N SER F 203 64.03 -36.65 -13.59
CA SER F 203 64.74 -36.99 -12.35
C SER F 203 66.19 -36.53 -12.38
N PHE F 204 66.72 -36.12 -11.23
CA PHE F 204 68.10 -35.65 -11.14
C PHE F 204 68.85 -36.35 -10.01
N ASN F 205 70.16 -36.57 -10.20
CA ASN F 205 71.00 -37.21 -9.19
C ASN F 205 71.52 -36.22 -8.16
N ARG F 206 71.89 -36.70 -6.97
CA ARG F 206 72.41 -35.84 -5.90
C ARG F 206 73.84 -35.38 -6.23
N GLY F 207 74.66 -36.30 -6.72
CA GLY F 207 76.04 -35.99 -7.08
C GLY F 207 76.16 -35.27 -8.41
#